data_6IQW
#
_entry.id   6IQW
#
_cell.length_a   1
_cell.length_b   1
_cell.length_c   1
_cell.angle_alpha   90.00
_cell.angle_beta   90.00
_cell.angle_gamma   90.00
#
_symmetry.space_group_name_H-M   'P 1'
#
loop_
_entity.id
_entity.type
_entity.pdbx_description
1 polymer Csm1
2 polymer Csm2
3 polymer Csm3
4 polymer Csm4
5 polymer Csm5
6 polymer "RNA (5'-R(*GP*UP*GP*GP*AP*AP*AP*GP*UP*GP*GP*CP*CP*CP*GP*AP*AP*AP*CP*CP*CP*UP*UP*C)-3')"
7 non-polymer "ADENOSINE-5'-TRIPHOSPHATE"
#
loop_
_entity_poly.entity_id
_entity_poly.type
_entity_poly.pdbx_seq_one_letter_code
_entity_poly.pdbx_strand_id
1 'polypeptide(L)'
;MEIDELTALGGLLHDIGKPVQRAGLYSGDHSTQGARFLRDLAENTGRAEYELLSLFSEFHHKGHMKNDELMIRRIKELSP
ERFGLTMEDVLNALWIVYEADNLASGEREEGQPQASRPLYSVFNPGKAYPWAELDFEKELPVPGDVFSIRSQDYRELVKR
LWEELSKAKLRSDRLLPVLEKYLTFVSSVTSEGNIISLYDHMRMTSAIALAMLRAGCTAEDVRSGRCRKEKRFLLIEGDF
SGIQDFIYRVSGKGTLKYLRARSAYLELIGWDVVLEILSRLGLTRANVVFNAGGHFMIIAQNTPDAVKELEEIRAKAVEW
LYREFESDLYLAIEWEPVSGREFGREGGKNLFAEARKRLKHKLTVRKLKRFGEIKGLFEHGHTERLAECPVCGRELPEGK
LEPSASDPETKVCPTCNRLVSLGGNLPKLLGFGRTAKNDAGVLVEGPFSGFVPYLQGGRPVGEQILVKNTLNPGEIPESA
QFVPYFVADYFKKDPKGGVATFEELSMASTGTRRLGVMKGDVDRLGEFFSSMDSPSKLATASRFMDYFFKGYIGAIIEGK
FGYIIGDVPSLRDWPEEPDIVVVYAGGDDFFIVGAWDQIFELAFRVRRAFNAYTGGKLTLSVGLGYFDERTPIYRMADVV
SERLDTAKDEGRNRVFVVGRSRPLDGKHKLSYEWNHYEELWRTYAPRIYAGNGRLKGKLESKKGLLWKLLEIRELYVRDP
NDVRWAYLTAYLLGRHGLSDLFPELVGIDTKAVERKEPQPVYWVDGVLKIVLMAVRR
;
A
2 'polypeptide(L)'
;MHHHHHHVIFVAYHQKHGGYGRGGYGRQDRPQVDASRLFGESPDVVGIKKMLEGKGKQWEAIQPYFDNVVREAKNFLEWS
PNKRLANAVTVAAYLTSQGLKTNQVRKILDMARTTELKVKRGEGDIKDDLVKMRYLLAYTVGKATGQSKYSLDAFHRILD
PMLEVLMGSPKKENFEKFYDFLQAVVAYHKFFGGGD
;
B
3 'polypeptide(L)'
;MDRRFYGKIVIKGKIKAVTGLHIGSQRDISEIGGIDNPVIKDPHTGLPYIPGSSLKGRLRSLFEILVNSRLGEWREKYPS
LANYSPGSCRPDNQENCGKFFNRKINRGWIHVCPDYETALACPVCRLFGASGKESNFPSRIIVRDAFLTKEWEEKWRAGE
AITEAKIEVGIDRVTSQANPRTNERVVAGAEFEFEIIYNVENTTHWRDDIKNLLTAMALLEDSYLGGSGSRGYGKVKFIF
DSFEFRPLDYYRTGKDEDIVSIDAREKSVSDILSGFDSLFSEVEGKLEAG
;
C,D
4 'polypeptide(L)'
;MPKFIAVKLIPKGPFRDIPRADTLFGAIGNAISAIHGQSAVEELVDAFVGGARISSAFPYSGDTYYLPKPLSVEPALEGI
LTGLDEEERYTTAKRLRKAKYLDLKNFELALRLRPFTIPEEIPYARVDVPRVVLDRVTQDSSIYFWEEIRFREKSGVYFL
YSGPREVFDGYIAPAMRFLGDTGIGGKSTWGAGLFEVEFHEMKIDAPGSEYSVTLSNALPTKTPVLWRLLRKGGWSFGRR
KPRMTFIAEGSIVKNDPGGMERLELGLSHEVYVYGLTFPLGVELPEGLE
;
E
5 'polypeptide(L)'
;MTERTLKVLSPLHIGTGNELTPVDIYPRENIIHVLDTERLVNDLMNLGVELNEILALLKNPPGDAYIWKGYIEEFHLDPS
DYSIYTLKIHGKIGRKSMQIKEFIKLNGRPYIPGSSLKGAIRTAVLYKALKECGDARAVMRVVSKVNGDVARDIGRSEDV
LDYYMSFLSRARIDRKRADDLLEAIVFGMEPDRRSKIRYEPKRDPMKALIVRDSKPVGRKHLAVYHVEVIGNPQPIPIWV
EAIEPGAATDVEIHVDTEALRLNADYFNGLLWECLKERGEPGEVFEDFLWEAVDEFYTAVMKYETIEVQKFGRYTSQVRS
FYASLEDHSGHVLRLGWGSGWLAMTIGLLLVEKGYKWENVRKKLGLGKKPGGSGFSREFPKTRRLADGMPMGWVVLE
;
F
6 'polyribonucleotide' GUGGAAAGUGGCCCGAAACCCUUC I
#
loop_
_chem_comp.id
_chem_comp.type
_chem_comp.name
_chem_comp.formula
A RNA linking ADENOSINE-5'-MONOPHOSPHATE 'C10 H14 N5 O7 P'
ATP non-polymer ADENOSINE-5'-TRIPHOSPHATE 'C10 H16 N5 O13 P3'
C RNA linking CYTIDINE-5'-MONOPHOSPHATE 'C9 H14 N3 O8 P'
G RNA linking GUANOSINE-5'-MONOPHOSPHATE 'C10 H14 N5 O8 P'
U RNA linking URIDINE-5'-MONOPHOSPHATE 'C9 H13 N2 O9 P'
#
# COMPACT_ATOMS: atom_id res chain seq x y z
N MET A 1 29.30 25.38 55.73
CA MET A 1 28.84 24.04 55.37
C MET A 1 28.15 23.35 56.52
N GLU A 2 26.89 22.99 56.34
CA GLU A 2 26.11 22.35 57.38
C GLU A 2 26.39 20.85 57.38
N ILE A 3 25.59 20.09 58.14
CA ILE A 3 25.85 18.66 58.22
C ILE A 3 25.43 17.94 56.94
N ASP A 4 24.41 18.45 56.24
CA ASP A 4 23.93 17.75 55.06
C ASP A 4 24.81 18.03 53.86
N GLU A 5 25.31 19.26 53.74
CA GLU A 5 26.29 19.57 52.71
C GLU A 5 27.60 18.83 52.96
N LEU A 6 27.89 18.50 54.22
CA LEU A 6 29.05 17.65 54.51
C LEU A 6 28.76 16.20 54.16
N THR A 7 27.57 15.72 54.51
CA THR A 7 27.26 14.30 54.44
C THR A 7 27.03 13.83 53.01
N ALA A 8 26.34 14.64 52.20
CA ALA A 8 26.09 14.26 50.82
C ALA A 8 27.36 14.25 50.00
N LEU A 9 28.36 15.02 50.40
CA LEU A 9 29.67 14.92 49.76
C LEU A 9 30.47 13.76 50.32
N GLY A 10 30.36 13.52 51.63
CA GLY A 10 31.09 12.43 52.23
C GLY A 10 30.56 11.07 51.83
N GLY A 11 29.28 11.00 51.47
CA GLY A 11 28.77 9.83 50.82
C GLY A 11 29.11 9.75 49.35
N LEU A 12 29.55 10.87 48.77
CA LEU A 12 29.91 10.90 47.36
C LEU A 12 31.39 10.65 47.12
N LEU A 13 32.24 10.93 48.11
CA LEU A 13 33.67 10.78 47.97
C LEU A 13 34.24 9.71 48.90
N HIS A 14 33.39 8.84 49.45
CA HIS A 14 33.88 7.82 50.36
C HIS A 14 34.67 6.74 49.64
N ASP A 15 34.46 6.60 48.34
CA ASP A 15 35.21 5.65 47.52
C ASP A 15 36.00 6.37 46.43
N ILE A 16 36.38 7.63 46.69
CA ILE A 16 37.20 8.36 45.73
C ILE A 16 38.61 7.85 45.71
N GLY A 17 39.03 7.10 46.73
CA GLY A 17 40.38 6.59 46.76
C GLY A 17 40.67 5.45 45.82
N LYS A 18 39.66 4.85 45.24
CA LYS A 18 39.90 3.71 44.36
C LYS A 18 40.43 4.08 42.97
N PRO A 19 39.99 5.15 42.30
CA PRO A 19 40.71 5.56 41.09
C PRO A 19 42.09 6.09 41.36
N VAL A 20 42.36 6.60 42.56
CA VAL A 20 43.71 7.03 42.89
C VAL A 20 44.59 5.84 43.24
N GLN A 21 44.00 4.81 43.85
CA GLN A 21 44.77 3.68 44.36
C GLN A 21 45.26 2.78 43.24
N ARG A 22 44.46 2.61 42.21
CA ARG A 22 44.87 1.83 41.05
C ARG A 22 45.69 2.66 40.06
N ALA A 23 45.87 3.95 40.32
CA ALA A 23 46.72 4.78 39.48
C ALA A 23 48.10 5.02 40.08
N GLY A 24 48.35 4.55 41.30
CA GLY A 24 49.67 4.65 41.88
C GLY A 24 50.10 6.05 42.27
N LEU A 25 49.49 6.60 43.32
CA LEU A 25 49.90 7.90 43.82
C LEU A 25 50.50 7.83 45.21
N TYR A 26 49.98 6.98 46.09
CA TYR A 26 50.55 6.75 47.41
C TYR A 26 50.48 5.25 47.68
N SER A 27 50.69 4.87 48.94
CA SER A 27 50.63 3.47 49.35
C SER A 27 49.59 3.31 50.45
N GLY A 28 49.32 2.04 50.77
CA GLY A 28 48.35 1.70 51.81
C GLY A 28 47.09 1.07 51.25
N ASP A 29 45.94 1.52 51.73
CA ASP A 29 44.66 1.04 51.26
C ASP A 29 44.07 2.07 50.29
N HIS A 30 42.81 1.85 49.90
CA HIS A 30 42.11 2.88 49.15
C HIS A 30 41.55 3.97 50.05
N SER A 31 41.65 3.82 51.37
CA SER A 31 41.15 4.84 52.28
C SER A 31 42.18 5.95 52.50
N THR A 32 43.39 5.59 52.90
CA THR A 32 44.40 6.59 53.22
C THR A 32 44.91 7.28 51.96
N GLN A 33 44.89 6.59 50.83
CA GLN A 33 45.32 7.21 49.57
C GLN A 33 44.33 8.24 49.09
N GLY A 34 43.03 8.01 49.32
CA GLY A 34 42.04 9.00 48.93
C GLY A 34 42.08 10.24 49.81
N ALA A 35 42.24 10.05 51.12
CA ALA A 35 42.37 11.20 52.02
C ALA A 35 43.68 11.95 51.77
N ARG A 36 44.74 11.24 51.38
CA ARG A 36 45.99 11.90 51.05
C ARG A 36 45.91 12.64 49.72
N PHE A 37 45.09 12.13 48.80
CA PHE A 37 44.80 12.88 47.57
C PHE A 37 43.99 14.13 47.87
N LEU A 38 43.04 14.01 48.80
CA LEU A 38 42.18 15.15 49.13
C LEU A 38 42.92 16.20 49.95
N ARG A 39 43.92 15.79 50.73
CA ARG A 39 44.50 16.68 51.73
C ARG A 39 45.36 17.77 51.13
N ASP A 40 45.74 17.67 49.87
CA ASP A 40 46.34 18.80 49.18
C ASP A 40 45.31 19.63 48.43
N LEU A 41 44.13 19.09 48.21
CA LEU A 41 43.13 19.82 47.43
C LEU A 41 42.48 20.93 48.26
N ALA A 42 42.44 20.80 49.59
CA ALA A 42 41.93 21.87 50.44
C ALA A 42 42.83 23.09 50.40
N GLU A 43 44.13 22.90 50.15
CA GLU A 43 45.05 24.00 49.95
C GLU A 43 45.05 24.50 48.52
N ASN A 44 44.23 23.92 47.65
CA ASN A 44 44.16 24.36 46.26
C ASN A 44 42.99 25.30 46.02
N THR A 45 41.77 24.87 46.36
CA THR A 45 40.61 25.75 46.23
C THR A 45 40.43 26.67 47.42
N GLY A 46 41.29 26.57 48.44
CA GLY A 46 41.22 27.41 49.61
C GLY A 46 40.28 26.92 50.68
N ARG A 47 39.20 26.23 50.30
CA ARG A 47 38.22 25.76 51.26
C ARG A 47 38.77 24.58 52.04
N ALA A 48 38.66 24.66 53.37
CA ALA A 48 39.13 23.61 54.26
C ALA A 48 38.08 22.54 54.52
N GLU A 49 37.09 22.42 53.65
CA GLU A 49 36.13 21.33 53.77
C GLU A 49 36.62 20.05 53.09
N TYR A 50 37.58 20.16 52.17
CA TYR A 50 38.17 18.97 51.56
C TYR A 50 38.97 18.18 52.59
N GLU A 51 39.67 18.89 53.48
CA GLU A 51 40.32 18.24 54.61
C GLU A 51 39.31 17.57 55.53
N LEU A 52 38.09 18.12 55.62
CA LEU A 52 37.05 17.46 56.38
C LEU A 52 36.51 16.23 55.65
N LEU A 53 36.47 16.26 54.32
CA LEU A 53 36.01 15.09 53.57
C LEU A 53 37.06 13.98 53.55
N SER A 54 38.30 14.31 53.88
CA SER A 54 39.32 13.26 54.10
C SER A 54 38.93 12.32 55.24
N LEU A 55 38.20 12.82 56.23
CA LEU A 55 37.69 11.94 57.29
C LEU A 55 36.68 10.93 56.75
N PHE A 56 35.84 11.35 55.80
CA PHE A 56 34.95 10.40 55.15
C PHE A 56 35.71 9.48 54.22
N SER A 57 36.87 9.91 53.74
CA SER A 57 37.76 8.97 53.07
C SER A 57 38.49 8.05 54.04
N GLU A 58 38.39 8.30 55.36
CA GLU A 58 39.15 7.58 56.36
C GLU A 58 38.37 6.44 57.04
N PHE A 59 37.56 5.69 56.30
CA PHE A 59 36.71 4.65 56.91
C PHE A 59 37.28 3.24 56.82
N HIS A 60 37.53 2.78 55.60
CA HIS A 60 37.58 1.37 55.30
C HIS A 60 38.94 0.78 55.64
N HIS A 61 39.10 -0.51 55.36
CA HIS A 61 40.03 -1.40 56.05
C HIS A 61 39.89 -1.21 57.55
N LYS A 62 38.70 -1.59 58.03
CA LYS A 62 38.18 -1.16 59.32
C LYS A 62 38.86 -1.90 60.46
N GLY A 63 38.31 -1.73 61.66
CA GLY A 63 39.07 -1.83 62.87
C GLY A 63 39.49 -0.49 63.41
N HIS A 64 39.35 0.56 62.60
CA HIS A 64 39.44 1.93 63.08
C HIS A 64 38.27 2.30 63.96
N MET A 65 37.18 1.53 63.93
CA MET A 65 36.08 1.71 64.85
C MET A 65 36.31 0.99 66.18
N LYS A 66 37.38 0.21 66.27
CA LYS A 66 37.98 -0.12 67.57
C LYS A 66 38.94 0.98 67.99
N ASN A 67 39.51 1.70 67.01
CA ASN A 67 40.40 2.82 67.23
C ASN A 67 39.64 4.15 67.34
N ASP A 68 38.38 4.10 67.78
CA ASP A 68 37.49 5.26 67.69
C ASP A 68 37.90 6.37 68.64
N GLU A 69 38.51 6.04 69.78
CA GLU A 69 39.03 7.08 70.66
C GLU A 69 40.23 7.77 70.03
N LEU A 70 40.93 7.11 69.12
CA LEU A 70 41.91 7.78 68.28
C LEU A 70 41.27 8.45 67.07
N MET A 71 40.03 8.10 66.73
CA MET A 71 39.37 8.78 65.63
C MET A 71 38.88 10.15 66.02
N ILE A 72 38.52 10.35 67.30
CA ILE A 72 38.21 11.69 67.77
C ILE A 72 39.47 12.54 67.83
N ARG A 73 40.62 11.90 68.06
CA ARG A 73 41.90 12.60 68.01
C ARG A 73 42.18 13.13 66.61
N ARG A 74 41.91 12.32 65.59
CA ARG A 74 42.13 12.74 64.22
C ARG A 74 41.08 13.75 63.74
N ILE A 75 39.92 13.80 64.40
CA ILE A 75 38.89 14.77 64.05
C ILE A 75 39.18 16.12 64.68
N LYS A 76 39.54 16.11 65.97
CA LYS A 76 39.84 17.34 66.70
C LYS A 76 41.09 18.04 66.19
N GLU A 77 42.00 17.32 65.53
CA GLU A 77 43.18 17.94 64.94
C GLU A 77 42.87 18.72 63.67
N LEU A 78 41.62 18.73 63.19
CA LEU A 78 41.23 19.51 62.04
C LEU A 78 40.25 20.63 62.39
N SER A 79 39.80 20.71 63.64
CA SER A 79 38.88 21.70 64.19
C SER A 79 37.59 21.82 63.39
N PRO A 80 36.65 20.87 63.50
CA PRO A 80 35.40 20.98 62.74
C PRO A 80 34.46 22.07 63.22
N GLU A 81 34.81 22.83 64.26
CA GLU A 81 34.09 24.02 64.66
C GLU A 81 34.40 25.23 63.78
N ARG A 82 35.26 25.06 62.77
CA ARG A 82 35.52 26.12 61.80
C ARG A 82 34.38 26.31 60.81
N PHE A 83 33.39 25.40 60.80
CA PHE A 83 32.26 25.48 59.89
C PHE A 83 30.93 25.34 60.62
N GLY A 84 30.95 25.30 61.95
CA GLY A 84 29.73 25.23 62.72
C GLY A 84 29.30 23.82 63.06
N LEU A 85 30.26 22.95 63.35
CA LEU A 85 29.98 21.58 63.71
C LEU A 85 30.68 21.25 65.02
N THR A 86 30.20 20.19 65.68
CA THR A 86 30.84 19.68 66.88
C THR A 86 31.59 18.40 66.53
N MET A 87 32.11 17.72 67.54
CA MET A 87 32.81 16.46 67.32
C MET A 87 31.83 15.34 66.98
N GLU A 88 30.82 15.15 67.82
CA GLU A 88 29.87 14.06 67.61
C GLU A 88 28.98 14.31 66.41
N ASP A 89 28.74 15.56 66.03
CA ASP A 89 27.93 15.83 64.84
C ASP A 89 28.68 15.48 63.56
N VAL A 90 30.00 15.35 63.61
CA VAL A 90 30.75 14.82 62.48
C VAL A 90 30.87 13.29 62.60
N LEU A 91 31.10 12.80 63.82
CA LEU A 91 31.28 11.37 64.04
C LEU A 91 30.03 10.57 63.70
N ASN A 92 28.85 11.16 63.96
CA ASN A 92 27.60 10.49 63.63
C ASN A 92 27.44 10.36 62.12
N ALA A 93 27.75 11.41 61.38
CA ALA A 93 27.68 11.34 59.92
C ALA A 93 28.73 10.39 59.35
N LEU A 94 29.89 10.27 60.02
CA LEU A 94 30.89 9.30 59.62
C LEU A 94 30.35 7.88 59.73
N TRP A 95 29.71 7.57 60.87
CA TRP A 95 29.13 6.25 61.03
C TRP A 95 27.92 6.04 60.11
N ILE A 96 27.23 7.14 59.76
CA ILE A 96 26.14 7.05 58.79
C ILE A 96 26.66 6.63 57.42
N VAL A 97 27.75 7.22 56.96
CA VAL A 97 28.28 6.87 55.65
C VAL A 97 28.89 5.46 55.68
N TYR A 98 29.44 5.05 56.83
CA TYR A 98 29.88 3.66 56.98
C TYR A 98 28.72 2.69 56.86
N GLU A 99 27.59 2.99 57.50
CA GLU A 99 26.42 2.12 57.37
C GLU A 99 25.85 2.16 55.96
N ALA A 100 25.91 3.31 55.30
CA ALA A 100 25.33 3.46 53.97
C ALA A 100 26.13 2.71 52.92
N ASP A 101 27.45 2.60 53.10
CA ASP A 101 28.24 1.83 52.16
C ASP A 101 27.91 0.33 52.24
N ASN A 102 27.54 -0.15 53.42
CA ASN A 102 27.02 -1.51 53.52
C ASN A 102 25.62 -1.66 52.94
N LEU A 103 24.93 -0.56 52.66
CA LEU A 103 23.62 -0.61 52.05
C LEU A 103 23.67 -0.36 50.55
N ALA A 104 24.85 -0.32 49.96
CA ALA A 104 24.96 -0.23 48.51
C ALA A 104 25.12 -1.58 47.86
N SER A 105 25.72 -2.53 48.56
CA SER A 105 25.74 -3.93 48.15
C SER A 105 25.97 -4.78 49.39
N GLY A 106 25.83 -6.09 49.21
CA GLY A 106 25.98 -7.03 50.31
C GLY A 106 27.41 -7.16 50.81
N PRO A 113 41.43 -7.22 45.29
CA PRO A 113 42.16 -8.23 44.50
C PRO A 113 43.16 -7.60 43.55
N GLN A 114 43.13 -8.01 42.28
CA GLN A 114 44.01 -7.43 41.29
C GLN A 114 43.58 -6.00 40.96
N ALA A 115 44.56 -5.16 40.61
CA ALA A 115 44.29 -3.74 40.47
C ALA A 115 43.59 -3.44 39.14
N SER A 116 44.12 -3.96 38.04
CA SER A 116 43.72 -3.54 36.71
C SER A 116 42.44 -4.22 36.20
N ARG A 117 41.63 -4.81 37.08
CA ARG A 117 40.45 -5.52 36.63
C ARG A 117 39.37 -4.53 36.22
N PRO A 118 38.82 -4.65 35.00
CA PRO A 118 37.88 -3.63 34.51
C PRO A 118 36.47 -3.77 35.04
N LEU A 119 35.58 -2.95 34.51
CA LEU A 119 34.17 -3.01 34.82
C LEU A 119 33.47 -4.00 33.91
N TYR A 120 32.74 -4.93 34.50
CA TYR A 120 31.97 -5.88 33.71
C TYR A 120 30.60 -5.31 33.40
N SER A 121 30.16 -5.52 32.17
CA SER A 121 28.90 -4.95 31.70
C SER A 121 27.71 -5.58 32.41
N VAL A 122 26.68 -4.76 32.63
CA VAL A 122 25.57 -5.20 33.46
C VAL A 122 24.62 -6.15 32.74
N PHE A 123 24.68 -6.22 31.42
CA PHE A 123 23.73 -7.06 30.69
C PHE A 123 24.30 -8.45 30.46
N ASN A 124 25.41 -8.54 29.76
CA ASN A 124 26.15 -9.79 29.69
C ASN A 124 27.34 -9.68 30.64
N PRO A 125 27.33 -10.39 31.77
CA PRO A 125 28.38 -10.18 32.78
C PRO A 125 29.76 -10.67 32.38
N GLY A 126 29.90 -11.35 31.24
CA GLY A 126 31.22 -11.74 30.79
C GLY A 126 32.00 -10.58 30.21
N LYS A 127 31.42 -9.90 29.23
CA LYS A 127 32.14 -8.89 28.47
C LYS A 127 32.37 -7.63 29.31
N ALA A 128 33.30 -6.80 28.85
CA ALA A 128 33.73 -5.65 29.64
C ALA A 128 34.04 -4.48 28.70
N TYR A 129 34.07 -3.29 29.29
CA TYR A 129 34.41 -2.07 28.58
C TYR A 129 35.90 -1.76 28.75
N PRO A 130 36.50 -1.06 27.79
CA PRO A 130 37.69 -0.29 28.09
C PRO A 130 37.27 0.98 28.83
N TRP A 131 38.24 1.62 29.47
CA TRP A 131 37.90 2.87 30.14
C TRP A 131 37.67 3.95 29.10
N ALA A 132 36.56 4.66 29.24
CA ALA A 132 36.21 5.73 28.32
C ALA A 132 35.65 6.87 29.14
N GLU A 133 34.97 7.78 28.45
CA GLU A 133 34.49 9.04 29.00
C GLU A 133 33.08 9.26 28.47
N LEU A 134 32.22 9.83 29.30
CA LEU A 134 30.84 10.10 28.88
C LEU A 134 30.80 11.38 28.05
N ASP A 135 31.34 11.28 26.84
CA ASP A 135 31.30 12.36 25.85
C ASP A 135 30.56 11.80 24.65
N PHE A 136 29.29 12.17 24.50
CA PHE A 136 28.43 11.56 23.48
C PHE A 136 28.76 12.01 22.07
N GLU A 137 29.65 12.99 21.90
CA GLU A 137 30.15 13.38 20.60
C GLU A 137 31.47 12.67 20.26
N LYS A 138 31.68 11.48 20.81
CA LYS A 138 32.91 10.73 20.60
C LYS A 138 32.57 9.29 20.27
N GLU A 139 33.58 8.43 20.26
CA GLU A 139 33.34 7.00 20.12
C GLU A 139 32.90 6.45 21.47
N LEU A 140 31.83 5.68 21.45
CA LEU A 140 31.14 5.30 22.67
C LEU A 140 31.34 3.82 22.98
N PRO A 141 31.35 3.43 24.25
CA PRO A 141 31.80 2.08 24.59
C PRO A 141 30.79 1.00 24.24
N VAL A 142 31.34 -0.18 23.94
CA VAL A 142 30.61 -1.40 23.63
C VAL A 142 31.31 -2.48 24.44
N PRO A 143 30.59 -3.36 25.14
CA PRO A 143 31.26 -4.38 25.96
C PRO A 143 32.04 -5.40 25.15
N GLY A 144 33.36 -5.36 25.26
CA GLY A 144 34.23 -6.28 24.58
C GLY A 144 34.84 -7.31 25.53
N ASP A 145 35.81 -8.04 25.01
CA ASP A 145 36.46 -9.09 25.78
C ASP A 145 37.29 -8.52 26.92
N VAL A 146 37.57 -9.37 27.90
CA VAL A 146 38.11 -8.94 29.19
C VAL A 146 39.55 -8.51 29.02
N PHE A 147 39.78 -7.19 29.03
CA PHE A 147 41.10 -6.64 28.86
C PHE A 147 41.53 -5.96 30.16
N SER A 148 42.81 -6.04 30.46
CA SER A 148 43.35 -5.32 31.61
C SER A 148 43.37 -3.83 31.33
N ILE A 149 42.73 -3.05 32.20
CA ILE A 149 42.74 -1.60 32.06
C ILE A 149 44.15 -1.09 32.36
N ARG A 150 44.73 -0.37 31.42
CA ARG A 150 46.09 0.15 31.60
C ARG A 150 46.09 1.23 32.66
N SER A 151 47.05 1.13 33.58
CA SER A 151 47.12 2.02 34.73
C SER A 151 47.48 3.44 34.34
N GLN A 152 48.11 3.64 33.18
CA GLN A 152 48.38 5.00 32.72
C GLN A 152 47.10 5.73 32.34
N ASP A 153 46.07 4.99 31.91
CA ASP A 153 44.78 5.63 31.68
C ASP A 153 44.13 6.05 33.00
N TYR A 154 44.35 5.26 34.06
CA TYR A 154 43.93 5.70 35.39
C TYR A 154 44.72 6.93 35.84
N ARG A 155 46.00 7.00 35.48
CA ARG A 155 46.80 8.17 35.83
C ARG A 155 46.31 9.40 35.09
N GLU A 156 45.89 9.22 33.83
CA GLU A 156 45.33 10.34 33.07
C GLU A 156 43.98 10.75 33.62
N LEU A 157 43.19 9.77 34.09
CA LEU A 157 41.94 10.09 34.77
C LEU A 157 42.19 10.87 36.05
N VAL A 158 43.22 10.49 36.81
CA VAL A 158 43.54 11.19 38.05
C VAL A 158 44.00 12.61 37.77
N LYS A 159 44.80 12.79 36.71
CA LYS A 159 45.27 14.13 36.35
C LYS A 159 44.12 15.01 35.85
N ARG A 160 43.23 14.45 35.04
CA ARG A 160 42.08 15.24 34.59
C ARG A 160 41.10 15.48 35.72
N LEU A 161 41.05 14.60 36.72
CA LEU A 161 40.25 14.87 37.90
C LEU A 161 40.84 15.99 38.72
N TRP A 162 42.18 16.04 38.83
CA TRP A 162 42.82 17.18 39.48
C TRP A 162 42.56 18.47 38.73
N GLU A 163 42.51 18.39 37.40
CA GLU A 163 42.22 19.57 36.59
C GLU A 163 40.78 20.04 36.76
N GLU A 164 39.83 19.11 36.85
CA GLU A 164 38.42 19.47 36.85
C GLU A 164 37.79 19.41 38.23
N LEU A 165 38.58 19.22 39.29
CA LEU A 165 38.03 19.30 40.63
C LEU A 165 38.37 20.60 41.34
N SER A 166 39.39 21.32 40.88
CA SER A 166 39.70 22.62 41.47
C SER A 166 38.69 23.66 41.03
N LYS A 167 38.48 23.78 39.72
CA LYS A 167 37.54 24.77 39.18
C LYS A 167 36.09 24.44 39.49
N ALA A 168 35.78 23.17 39.75
CA ALA A 168 34.44 22.82 40.17
C ALA A 168 34.20 23.30 41.59
N LYS A 169 32.94 23.69 41.86
CA LYS A 169 32.58 24.11 43.20
C LYS A 169 32.50 22.92 44.14
N LEU A 170 32.58 23.18 45.43
CA LEU A 170 32.43 22.13 46.43
C LEU A 170 30.99 22.11 46.94
N ARG A 171 30.10 21.72 46.04
CA ARG A 171 28.74 21.30 46.34
C ARG A 171 28.47 20.02 45.59
N SER A 172 27.29 19.43 45.80
CA SER A 172 26.99 18.17 45.13
C SER A 172 26.69 18.37 43.65
N ASP A 173 26.16 19.54 43.29
CA ASP A 173 25.72 19.79 41.93
C ASP A 173 26.87 19.88 40.94
N ARG A 174 28.09 20.10 41.41
CA ARG A 174 29.26 20.07 40.54
C ARG A 174 30.09 18.82 40.69
N LEU A 175 30.13 18.22 41.89
CA LEU A 175 30.86 16.97 42.04
C LEU A 175 30.14 15.81 41.40
N LEU A 176 28.81 15.91 41.20
CA LEU A 176 28.10 14.82 40.54
C LEU A 176 28.47 14.68 39.07
N PRO A 177 28.35 15.71 38.20
CA PRO A 177 28.68 15.45 36.80
C PRO A 177 30.17 15.37 36.52
N VAL A 178 31.02 15.94 37.38
CA VAL A 178 32.46 15.83 37.17
C VAL A 178 32.91 14.39 37.41
N LEU A 179 32.39 13.75 38.46
CA LEU A 179 32.69 12.34 38.68
C LEU A 179 31.94 11.45 37.69
N GLU A 180 30.79 11.90 37.21
CA GLU A 180 30.05 11.09 36.25
C GLU A 180 30.73 11.10 34.90
N LYS A 181 31.48 12.15 34.58
CA LYS A 181 32.16 12.19 33.29
C LYS A 181 33.35 11.25 33.25
N TYR A 182 33.91 10.91 34.40
CA TYR A 182 35.14 10.12 34.45
C TYR A 182 34.99 8.78 35.15
N LEU A 183 34.19 8.70 36.20
CA LEU A 183 34.08 7.47 36.97
C LEU A 183 32.88 6.63 36.59
N THR A 184 32.29 6.85 35.42
CA THR A 184 31.12 6.08 35.02
C THR A 184 31.49 4.64 34.70
N PHE A 185 32.50 4.45 33.86
CA PHE A 185 32.84 3.12 33.39
C PHE A 185 33.96 2.48 34.19
N VAL A 186 34.38 3.09 35.30
CA VAL A 186 35.44 2.51 36.12
C VAL A 186 34.82 1.47 37.04
N SER A 187 35.54 0.37 37.27
CA SER A 187 35.05 -0.68 38.13
C SER A 187 35.06 -0.24 39.59
N SER A 188 33.94 -0.46 40.27
CA SER A 188 33.87 -0.11 41.69
C SER A 188 34.68 -1.09 42.52
N VAL A 189 34.30 -2.36 42.52
CA VAL A 189 35.02 -3.41 43.21
C VAL A 189 35.62 -4.34 42.17
N THR A 190 36.93 -4.55 42.24
CA THR A 190 37.62 -5.34 41.22
C THR A 190 37.42 -6.82 41.52
N SER A 191 36.25 -7.33 41.11
CA SER A 191 35.94 -8.74 41.27
C SER A 191 35.16 -9.20 40.07
N GLU A 192 35.16 -10.52 39.85
CA GLU A 192 34.40 -11.09 38.74
C GLU A 192 32.91 -11.00 39.02
N GLY A 193 32.15 -10.63 37.99
CA GLY A 193 30.73 -10.46 38.12
C GLY A 193 30.29 -9.16 38.74
N ASN A 194 31.22 -8.31 39.14
CA ASN A 194 30.87 -7.01 39.73
C ASN A 194 30.41 -6.10 38.61
N ILE A 195 29.10 -5.97 38.47
CA ILE A 195 28.49 -5.16 37.45
C ILE A 195 28.14 -3.78 37.97
N ILE A 196 28.75 -3.36 39.07
CA ILE A 196 28.39 -2.16 39.79
C ILE A 196 29.39 -1.06 39.44
N SER A 197 28.88 0.06 38.92
CA SER A 197 29.71 1.19 38.61
C SER A 197 30.26 1.84 39.88
N LEU A 198 31.38 2.55 39.72
CA LEU A 198 31.89 3.34 40.82
C LEU A 198 31.02 4.56 41.07
N TYR A 199 30.57 5.20 39.98
CA TYR A 199 29.74 6.39 40.12
C TYR A 199 28.39 6.04 40.72
N ASP A 200 27.79 4.92 40.29
CA ASP A 200 26.49 4.56 40.82
C ASP A 200 26.58 4.12 42.28
N HIS A 201 27.69 3.48 42.65
CA HIS A 201 27.91 3.15 44.05
C HIS A 201 28.07 4.41 44.89
N MET A 202 28.79 5.41 44.35
CA MET A 202 28.91 6.70 45.03
C MET A 202 27.56 7.38 45.14
N ARG A 203 26.75 7.28 44.11
CA ARG A 203 25.45 7.93 44.07
C ARG A 203 24.51 7.32 45.11
N MET A 204 24.42 6.00 45.14
CA MET A 204 23.58 5.34 46.13
C MET A 204 24.12 5.50 47.54
N THR A 205 25.45 5.58 47.69
CA THR A 205 26.04 5.81 49.01
C THR A 205 25.68 7.17 49.54
N SER A 206 25.83 8.20 48.70
CA SER A 206 25.43 9.55 49.09
C SER A 206 23.94 9.65 49.34
N ALA A 207 23.14 8.92 48.56
CA ALA A 207 21.70 8.96 48.73
C ALA A 207 21.27 8.35 50.06
N ILE A 208 21.75 7.14 50.35
CA ILE A 208 21.39 6.45 51.58
C ILE A 208 21.99 7.17 52.78
N ALA A 209 23.16 7.81 52.60
CA ALA A 209 23.77 8.57 53.69
C ALA A 209 22.95 9.81 54.02
N LEU A 210 22.49 10.54 52.99
CA LEU A 210 21.67 11.71 53.26
C LEU A 210 20.31 11.32 53.81
N ALA A 211 19.79 10.16 53.41
CA ALA A 211 18.54 9.68 53.97
C ALA A 211 18.69 9.30 55.44
N MET A 212 19.79 8.63 55.79
CA MET A 212 20.02 8.25 57.17
C MET A 212 20.35 9.46 58.03
N LEU A 213 20.96 10.49 57.44
CA LEU A 213 21.15 11.73 58.18
C LEU A 213 19.82 12.43 58.44
N ARG A 214 18.95 12.47 57.43
CA ARG A 214 17.62 13.03 57.65
C ARG A 214 16.66 12.04 58.30
N ALA A 215 17.13 10.83 58.62
CA ALA A 215 16.29 9.91 59.38
C ALA A 215 16.33 10.22 60.87
N GLY A 216 17.49 10.64 61.37
CA GLY A 216 17.69 10.84 62.78
C GLY A 216 18.56 9.80 63.43
N CYS A 217 19.04 8.81 62.68
CA CYS A 217 19.89 7.78 63.23
C CYS A 217 21.32 8.30 63.41
N THR A 218 21.89 8.07 64.59
CA THR A 218 23.25 8.45 64.89
C THR A 218 24.07 7.19 65.16
N ALA A 219 25.31 7.37 65.60
CA ALA A 219 26.23 6.27 65.81
C ALA A 219 25.81 5.37 66.98
N GLU A 220 24.97 5.88 67.90
CA GLU A 220 24.34 5.02 68.88
C GLU A 220 23.44 3.99 68.22
N ASP A 221 22.83 4.35 67.09
CA ASP A 221 21.97 3.45 66.35
C ASP A 221 22.73 2.67 65.29
N VAL A 222 23.86 3.18 64.82
CA VAL A 222 24.62 2.51 63.78
C VAL A 222 25.52 1.44 64.38
N ARG A 223 26.18 1.76 65.50
CA ARG A 223 27.09 0.83 66.17
C ARG A 223 26.36 -0.39 66.72
N SER A 224 25.08 -0.25 67.05
CA SER A 224 24.29 -1.38 67.50
C SER A 224 23.91 -2.32 66.36
N GLY A 225 23.95 -1.84 65.12
CA GLY A 225 23.40 -2.60 64.02
C GLY A 225 21.89 -2.56 63.94
N ARG A 226 21.28 -1.52 64.49
CA ARG A 226 19.83 -1.37 64.51
C ARG A 226 19.27 -0.74 63.25
N CYS A 227 20.09 0.02 62.52
CA CYS A 227 19.58 0.79 61.39
C CYS A 227 19.18 -0.09 60.22
N ARG A 228 19.76 -1.28 60.11
CA ARG A 228 19.35 -2.22 59.09
C ARG A 228 17.94 -2.74 59.36
N LYS A 229 17.56 -2.85 60.63
CA LYS A 229 16.26 -3.41 60.98
C LYS A 229 15.17 -2.37 61.13
N GLU A 230 15.51 -1.16 61.57
CA GLU A 230 14.52 -0.10 61.64
C GLU A 230 14.20 0.38 60.23
N LYS A 231 12.90 0.46 59.92
CA LYS A 231 12.45 0.86 58.58
C LYS A 231 12.66 2.36 58.43
N ARG A 232 13.89 2.73 58.08
CA ARG A 232 14.32 4.13 58.04
C ARG A 232 14.53 4.62 56.61
N PHE A 233 13.72 4.16 55.68
CA PHE A 233 13.89 4.56 54.28
C PHE A 233 12.53 4.66 53.60
N LEU A 234 12.57 5.07 52.34
CA LEU A 234 11.38 5.23 51.53
C LEU A 234 11.77 5.04 50.07
N LEU A 235 11.20 4.04 49.43
CA LEU A 235 11.32 3.91 47.98
C LEU A 235 10.13 4.61 47.36
N ILE A 236 10.38 5.73 46.69
CA ILE A 236 9.34 6.53 46.07
C ILE A 236 9.44 6.33 44.58
N GLU A 237 8.49 5.61 43.99
CA GLU A 237 8.48 5.49 42.55
C GLU A 237 7.34 6.33 41.97
N GLY A 238 7.53 6.75 40.74
CA GLY A 238 6.57 7.56 40.05
C GLY A 238 6.53 7.22 38.59
N ASP A 239 5.34 6.91 38.11
CA ASP A 239 5.12 6.51 36.74
C ASP A 239 4.23 7.54 36.06
N PHE A 240 4.61 7.92 34.85
CA PHE A 240 3.78 8.75 34.00
C PHE A 240 2.91 7.82 33.17
N SER A 241 1.65 7.68 33.55
CA SER A 241 0.73 6.86 32.80
C SER A 241 -0.05 7.77 31.86
N GLY A 242 -0.12 7.37 30.59
CA GLY A 242 -0.74 8.18 29.58
C GLY A 242 0.23 8.96 28.72
N ILE A 243 1.48 8.52 28.61
CA ILE A 243 2.46 9.23 27.79
C ILE A 243 2.09 9.13 26.32
N GLN A 244 1.71 7.94 25.87
CA GLN A 244 1.35 7.71 24.47
C GLN A 244 0.12 8.51 24.06
N ASP A 245 -0.83 8.72 24.98
CA ASP A 245 -2.00 9.53 24.71
C ASP A 245 -1.76 11.01 24.94
N PHE A 246 -0.54 11.41 25.27
CA PHE A 246 -0.19 12.81 25.49
C PHE A 246 0.72 13.36 24.42
N ILE A 247 1.72 12.60 24.00
CA ILE A 247 2.62 13.07 22.96
C ILE A 247 1.94 12.98 21.60
N TYR A 248 1.06 12.01 21.40
CA TYR A 248 0.68 11.62 20.06
C TYR A 248 -0.74 11.99 19.66
N ARG A 249 -1.64 12.24 20.60
CA ARG A 249 -3.02 12.57 20.23
C ARG A 249 -3.06 14.00 19.70
N VAL A 250 -2.63 14.14 18.45
CA VAL A 250 -2.40 15.43 17.80
C VAL A 250 -2.98 15.33 16.41
N SER A 251 -3.86 16.26 16.05
CA SER A 251 -4.49 16.22 14.74
C SER A 251 -3.51 16.70 13.67
N GLY A 252 -3.99 16.79 12.42
CA GLY A 252 -3.11 17.07 11.29
C GLY A 252 -2.54 18.47 11.27
N LYS A 253 -3.13 19.40 12.01
CA LYS A 253 -2.59 20.75 12.09
C LYS A 253 -1.28 20.78 12.85
N GLY A 254 -1.06 19.82 13.74
CA GLY A 254 0.19 19.77 14.48
C GLY A 254 1.33 19.34 13.56
N THR A 255 2.41 20.09 13.58
CA THR A 255 3.56 19.80 12.75
C THR A 255 4.62 19.10 13.60
N LEU A 256 5.78 18.85 13.00
CA LEU A 256 6.83 18.11 13.69
C LEU A 256 7.50 18.94 14.77
N LYS A 257 7.55 20.26 14.59
CA LYS A 257 8.05 21.14 15.62
C LYS A 257 7.23 21.04 16.89
N TYR A 258 5.91 21.03 16.74
CA TYR A 258 5.01 20.95 17.88
C TYR A 258 5.07 19.59 18.55
N LEU A 259 5.29 18.53 17.78
CA LEU A 259 5.41 17.20 18.35
C LEU A 259 6.69 17.06 19.17
N ARG A 260 7.81 17.53 18.62
CA ARG A 260 9.06 17.51 19.37
C ARG A 260 8.99 18.44 20.58
N ALA A 261 8.19 19.50 20.49
CA ALA A 261 8.01 20.40 21.61
C ALA A 261 7.23 19.71 22.74
N ARG A 262 6.19 18.94 22.39
CA ARG A 262 5.48 18.19 23.42
C ARG A 262 6.37 17.12 24.04
N SER A 263 7.24 16.52 23.23
CA SER A 263 8.15 15.52 23.77
C SER A 263 9.17 16.13 24.74
N ALA A 264 9.60 17.36 24.48
CA ALA A 264 10.45 18.02 25.47
C ALA A 264 9.64 18.46 26.69
N TYR A 265 8.38 18.83 26.46
CA TYR A 265 7.55 19.36 27.54
C TYR A 265 7.22 18.30 28.57
N LEU A 266 7.01 17.06 28.12
CA LEU A 266 6.72 15.96 29.04
C LEU A 266 7.91 15.68 29.97
N GLU A 267 9.11 15.67 29.40
CA GLU A 267 10.30 15.48 30.22
C GLU A 267 10.54 16.66 31.15
N LEU A 268 10.12 17.87 30.73
CA LEU A 268 10.23 19.00 31.63
C LEU A 268 9.29 18.87 32.83
N ILE A 269 8.06 18.40 32.60
CA ILE A 269 7.13 18.19 33.71
C ILE A 269 7.66 17.11 34.65
N GLY A 270 8.21 16.04 34.08
CA GLY A 270 8.79 14.99 34.90
C GLY A 270 9.95 15.47 35.74
N TRP A 271 10.83 16.27 35.14
CA TRP A 271 11.96 16.78 35.91
C TRP A 271 11.51 17.81 36.94
N ASP A 272 10.39 18.49 36.69
CA ASP A 272 9.89 19.42 37.68
C ASP A 272 9.38 18.68 38.91
N VAL A 273 8.66 17.57 38.71
CA VAL A 273 8.18 16.80 39.87
C VAL A 273 9.34 16.18 40.62
N VAL A 274 10.33 15.66 39.88
CA VAL A 274 11.48 15.03 40.52
C VAL A 274 12.29 16.06 41.30
N LEU A 275 12.50 17.24 40.72
CA LEU A 275 13.26 18.28 41.41
C LEU A 275 12.50 18.86 42.59
N GLU A 276 11.17 18.88 42.54
CA GLU A 276 10.42 19.35 43.69
C GLU A 276 10.46 18.36 44.84
N ILE A 277 10.41 17.06 44.51
CA ILE A 277 10.57 16.05 45.55
C ILE A 277 11.99 16.10 46.11
N LEU A 278 12.98 16.43 45.28
CA LEU A 278 14.35 16.54 45.75
C LEU A 278 14.53 17.74 46.67
N SER A 279 14.01 18.90 46.29
CA SER A 279 14.26 20.12 47.02
C SER A 279 13.28 20.38 48.14
N ARG A 280 12.18 19.64 48.22
CA ARG A 280 11.27 19.76 49.35
C ARG A 280 11.51 18.68 50.40
N LEU A 281 12.35 17.70 50.10
CA LEU A 281 12.83 16.75 51.09
C LEU A 281 14.16 17.15 51.69
N GLY A 282 14.98 17.85 50.94
CA GLY A 282 16.34 18.15 51.32
C GLY A 282 17.38 17.25 50.69
N LEU A 283 17.11 16.72 49.51
CA LEU A 283 17.98 15.74 48.88
C LEU A 283 18.57 16.29 47.59
N THR A 284 19.81 15.88 47.32
CA THR A 284 20.52 16.31 46.13
C THR A 284 20.09 15.43 44.95
N ARG A 285 20.77 15.58 43.81
CA ARG A 285 20.45 14.73 42.66
C ARG A 285 20.97 13.31 42.80
N ALA A 286 21.73 13.00 43.85
CA ALA A 286 22.16 11.64 44.06
C ALA A 286 21.04 10.75 44.60
N ASN A 287 19.95 11.33 45.10
CA ASN A 287 18.84 10.56 45.63
C ASN A 287 17.84 10.14 44.56
N VAL A 288 18.22 10.21 43.29
CA VAL A 288 17.38 9.72 42.21
C VAL A 288 18.12 8.55 41.57
N VAL A 289 17.55 7.35 41.68
CA VAL A 289 18.18 6.18 41.09
C VAL A 289 18.07 6.24 39.58
N PHE A 290 16.86 6.43 39.06
CA PHE A 290 16.71 6.72 37.65
C PHE A 290 15.50 7.62 37.48
N ASN A 291 15.58 8.50 36.49
CA ASN A 291 14.43 9.23 35.99
C ASN A 291 14.49 9.14 34.47
N ALA A 292 13.65 8.31 33.90
CA ALA A 292 13.65 8.10 32.46
C ALA A 292 12.31 7.53 32.05
N GLY A 293 11.85 7.94 30.88
CA GLY A 293 10.59 7.46 30.33
C GLY A 293 9.38 7.83 31.13
N GLY A 294 9.47 8.91 31.91
CA GLY A 294 8.40 9.24 32.83
C GLY A 294 8.35 8.39 34.08
N HIS A 295 9.31 7.48 34.28
CA HIS A 295 9.37 6.64 35.46
C HIS A 295 10.60 7.03 36.26
N PHE A 296 10.43 7.25 37.55
CA PHE A 296 11.54 7.67 38.38
C PHE A 296 11.46 7.00 39.75
N MET A 297 12.63 6.78 40.35
CA MET A 297 12.73 6.08 41.62
C MET A 297 13.68 6.83 42.53
N ILE A 298 13.22 7.13 43.75
CA ILE A 298 13.92 8.00 44.67
C ILE A 298 14.06 7.29 46.02
N ILE A 299 15.28 7.22 46.53
CA ILE A 299 15.55 6.66 47.85
C ILE A 299 15.59 7.82 48.84
N ALA A 300 14.63 7.88 49.74
CA ALA A 300 14.49 9.03 50.63
C ALA A 300 14.40 8.58 52.08
N GLN A 301 14.44 9.56 52.97
CA GLN A 301 14.30 9.32 54.40
C GLN A 301 12.85 9.02 54.74
N ASN A 302 12.63 8.56 55.97
CA ASN A 302 11.31 8.13 56.43
C ASN A 302 10.98 8.78 57.77
N THR A 303 10.43 9.98 57.72
CA THR A 303 9.91 10.64 58.90
C THR A 303 8.39 10.65 58.83
N PRO A 304 7.70 10.92 59.95
CA PRO A 304 6.26 11.18 59.86
C PRO A 304 5.90 12.43 59.08
N ASP A 305 6.84 13.37 58.90
CA ASP A 305 6.57 14.58 58.16
C ASP A 305 6.97 14.50 56.70
N ALA A 306 7.92 13.62 56.33
CA ALA A 306 8.27 13.47 54.92
C ALA A 306 7.13 12.85 54.13
N VAL A 307 6.36 11.97 54.76
CA VAL A 307 5.15 11.43 54.14
C VAL A 307 4.14 12.54 53.90
N LYS A 308 4.08 13.51 54.81
CA LYS A 308 3.17 14.64 54.64
C LYS A 308 3.63 15.56 53.51
N GLU A 309 4.94 15.78 53.40
CA GLU A 309 5.50 16.55 52.29
C GLU A 309 5.22 15.87 50.96
N LEU A 310 5.35 14.54 50.92
CA LEU A 310 5.09 13.80 49.70
C LEU A 310 3.62 13.80 49.35
N GLU A 311 2.74 13.76 50.35
CA GLU A 311 1.32 13.83 50.07
C GLU A 311 0.93 15.20 49.54
N GLU A 312 1.55 16.25 50.08
CA GLU A 312 1.33 17.60 49.55
C GLU A 312 1.80 17.71 48.11
N ILE A 313 2.98 17.14 47.82
CA ILE A 313 3.53 17.17 46.46
C ILE A 313 2.63 16.38 45.50
N ARG A 314 2.17 15.22 45.94
CA ARG A 314 1.36 14.37 45.08
C ARG A 314 0.02 15.00 44.78
N ALA A 315 -0.64 15.56 45.80
CA ALA A 315 -1.90 16.23 45.58
C ALA A 315 -1.72 17.46 44.68
N LYS A 316 -0.61 18.19 44.85
CA LYS A 316 -0.36 19.38 44.06
C LYS A 316 -0.14 19.04 42.60
N ALA A 317 0.71 18.04 42.34
CA ALA A 317 1.04 17.69 40.96
C ALA A 317 -0.13 17.03 40.25
N VAL A 318 -0.89 16.20 40.97
CA VAL A 318 -2.05 15.56 40.36
C VAL A 318 -3.14 16.59 40.07
N GLU A 319 -3.33 17.56 40.97
CA GLU A 319 -4.32 18.60 40.71
C GLU A 319 -3.90 19.51 39.56
N TRP A 320 -2.60 19.80 39.44
CA TRP A 320 -2.15 20.60 38.31
C TRP A 320 -2.29 19.85 37.00
N LEU A 321 -2.06 18.54 37.02
CA LEU A 321 -2.22 17.75 35.80
C LEU A 321 -3.68 17.65 35.41
N TYR A 322 -4.58 17.48 36.38
CA TYR A 322 -5.99 17.37 36.07
C TYR A 322 -6.55 18.71 35.60
N ARG A 323 -6.08 19.82 36.15
CA ARG A 323 -6.57 21.11 35.70
C ARG A 323 -5.99 21.46 34.33
N GLU A 324 -4.74 21.11 34.07
CA GLU A 324 -4.12 21.50 32.81
C GLU A 324 -4.49 20.55 31.67
N PHE A 325 -4.13 19.28 31.80
CA PHE A 325 -4.31 18.30 30.74
C PHE A 325 -5.24 17.22 31.27
N GLU A 326 -6.51 17.27 30.82
CA GLU A 326 -7.67 16.90 31.63
C GLU A 326 -7.52 15.52 32.28
N SER A 327 -7.40 14.48 31.47
CA SER A 327 -7.05 13.19 32.06
C SER A 327 -6.10 12.42 31.18
N ASP A 328 -5.24 13.10 30.45
CA ASP A 328 -4.39 12.46 29.48
C ASP A 328 -2.94 12.36 29.91
N LEU A 329 -2.63 12.73 31.15
CA LEU A 329 -1.29 12.56 31.69
C LEU A 329 -1.43 12.44 33.21
N TYR A 330 -1.39 11.22 33.72
CA TYR A 330 -1.49 10.98 35.15
C TYR A 330 -0.12 10.65 35.70
N LEU A 331 0.15 11.13 36.91
CA LEU A 331 1.36 10.80 37.62
C LEU A 331 1.00 9.96 38.83
N ALA A 332 1.56 8.76 38.90
CA ALA A 332 1.39 7.89 40.05
C ALA A 332 2.66 7.94 40.87
N ILE A 333 2.58 8.51 42.07
CA ILE A 333 3.70 8.64 42.97
C ILE A 333 3.38 7.84 44.21
N GLU A 334 3.95 6.64 44.32
CA GLU A 334 3.71 5.80 45.47
C GLU A 334 5.02 5.47 46.16
N TRP A 335 4.99 5.49 47.48
CA TRP A 335 6.17 5.21 48.28
C TRP A 335 5.93 3.99 49.15
N GLU A 336 7.00 3.23 49.36
CA GLU A 336 6.97 2.07 50.24
C GLU A 336 8.04 2.24 51.31
N PRO A 337 7.68 2.18 52.58
CA PRO A 337 8.70 2.22 53.63
C PRO A 337 9.47 0.92 53.70
N VAL A 338 10.70 0.92 53.23
CA VAL A 338 11.52 -0.26 53.23
C VAL A 338 12.48 -0.18 54.42
N SER A 339 13.09 -1.30 54.75
CA SER A 339 14.10 -1.36 55.79
C SER A 339 15.48 -1.41 55.15
N GLY A 340 16.50 -1.25 55.99
CA GLY A 340 17.86 -1.46 55.53
C GLY A 340 18.17 -2.89 55.21
N ARG A 341 17.43 -3.83 55.81
CA ARG A 341 17.56 -5.24 55.46
C ARG A 341 17.09 -5.51 54.04
N GLU A 342 16.18 -4.69 53.53
CA GLU A 342 15.60 -4.88 52.21
C GLU A 342 16.42 -4.25 51.09
N PHE A 343 17.69 -3.96 51.33
CA PHE A 343 18.55 -3.42 50.29
C PHE A 343 19.64 -4.39 49.86
N GLY A 344 19.52 -5.66 50.22
CA GLY A 344 20.55 -6.62 49.89
C GLY A 344 20.05 -8.03 49.71
N ARG A 345 20.98 -8.96 49.50
CA ARG A 345 20.65 -10.38 49.36
C ARG A 345 21.01 -11.07 50.67
N GLU A 346 20.00 -11.29 51.50
CA GLU A 346 20.16 -11.96 52.79
C GLU A 346 19.23 -13.17 52.84
N GLY A 347 19.77 -14.32 53.22
CA GLY A 347 18.96 -15.52 53.33
C GLY A 347 18.60 -16.15 52.01
N GLY A 348 19.36 -15.88 50.95
CA GLY A 348 19.15 -16.48 49.65
C GLY A 348 18.13 -15.80 48.77
N LYS A 349 17.06 -15.29 49.37
CA LYS A 349 16.03 -14.63 48.60
C LYS A 349 16.45 -13.21 48.25
N ASN A 350 15.74 -12.63 47.31
CA ASN A 350 16.05 -11.30 46.78
C ASN A 350 15.10 -10.31 47.45
N LEU A 351 15.54 -9.75 48.59
CA LEU A 351 14.69 -8.85 49.35
C LEU A 351 14.47 -7.53 48.63
N PHE A 352 15.47 -7.05 47.89
CA PHE A 352 15.30 -5.78 47.18
C PHE A 352 14.34 -5.93 46.02
N ALA A 353 14.44 -7.02 45.27
CA ALA A 353 13.49 -7.24 44.18
C ALA A 353 12.11 -7.52 44.71
N GLU A 354 12.00 -8.14 45.88
CA GLU A 354 10.68 -8.37 46.47
C GLU A 354 10.06 -7.06 46.95
N ALA A 355 10.86 -6.17 47.51
CA ALA A 355 10.34 -4.87 47.93
C ALA A 355 9.97 -4.02 46.72
N ARG A 356 10.76 -4.08 45.65
CA ARG A 356 10.41 -3.36 44.44
C ARG A 356 9.18 -3.95 43.78
N LYS A 357 8.98 -5.26 43.88
CA LYS A 357 7.78 -5.87 43.32
C LYS A 357 6.55 -5.49 44.14
N ARG A 358 6.71 -5.36 45.46
CA ARG A 358 5.62 -4.89 46.30
C ARG A 358 5.26 -3.45 45.98
N LEU A 359 6.27 -2.61 45.76
CA LEU A 359 6.02 -1.22 45.41
C LEU A 359 5.42 -1.11 44.02
N LYS A 360 5.83 -1.97 43.08
CA LYS A 360 5.24 -1.96 41.76
C LYS A 360 3.81 -2.46 41.78
N HIS A 361 3.49 -3.39 42.67
CA HIS A 361 2.11 -3.82 42.84
C HIS A 361 1.26 -2.68 43.40
N LYS A 362 1.81 -1.92 44.36
CA LYS A 362 1.13 -0.73 44.84
C LYS A 362 0.99 0.33 43.75
N LEU A 363 1.97 0.40 42.85
CA LEU A 363 1.91 1.37 41.76
C LEU A 363 0.88 0.99 40.72
N THR A 364 0.70 -0.30 40.47
CA THR A 364 -0.34 -0.73 39.55
C THR A 364 -1.72 -0.56 40.17
N VAL A 365 -1.84 -0.77 41.49
CA VAL A 365 -3.09 -0.48 42.18
C VAL A 365 -3.42 1.00 42.10
N ARG A 366 -2.41 1.85 42.21
CA ARG A 366 -2.61 3.30 42.06
C ARG A 366 -3.00 3.68 40.64
N LYS A 367 -2.28 3.15 39.65
CA LYS A 367 -2.54 3.48 38.26
C LYS A 367 -3.86 2.91 37.76
N LEU A 368 -4.42 1.93 38.46
CA LEU A 368 -5.82 1.61 38.22
C LEU A 368 -6.71 2.75 38.68
N LYS A 369 -6.61 3.12 39.96
CA LYS A 369 -7.40 4.22 40.52
C LYS A 369 -6.83 5.56 40.06
N ARG A 370 -6.97 5.83 38.77
CA ARG A 370 -6.34 6.99 38.16
C ARG A 370 -7.09 8.26 38.57
N PHE A 371 -6.31 9.27 38.98
CA PHE A 371 -6.81 10.55 39.50
C PHE A 371 -7.73 10.32 40.70
N GLY A 372 -7.23 9.55 41.66
CA GLY A 372 -8.05 9.22 42.81
C GLY A 372 -8.23 10.34 43.79
N GLU A 373 -7.45 11.41 43.66
CA GLU A 373 -7.51 12.53 44.60
C GLU A 373 -7.86 13.80 43.84
N ILE A 374 -9.14 13.95 43.53
CA ILE A 374 -9.73 15.17 42.99
C ILE A 374 -11.12 15.27 43.62
N LYS A 375 -11.35 16.34 44.39
CA LYS A 375 -12.58 16.41 45.18
C LYS A 375 -13.81 16.63 44.32
N GLY A 376 -13.65 17.18 43.13
CA GLY A 376 -14.79 17.42 42.26
C GLY A 376 -14.63 16.78 40.89
N LEU A 377 -14.07 15.57 40.85
CA LEU A 377 -13.84 14.92 39.57
C LEU A 377 -15.14 14.45 38.95
N PHE A 378 -15.94 13.74 39.71
CA PHE A 378 -17.14 13.11 39.17
C PHE A 378 -18.38 13.97 39.32
N GLU A 379 -18.25 15.29 39.32
CA GLU A 379 -19.38 16.12 39.67
C GLU A 379 -20.02 16.69 38.40
N HIS A 380 -21.31 17.04 38.52
CA HIS A 380 -22.07 17.68 37.46
C HIS A 380 -21.81 19.19 37.47
N GLY A 381 -22.63 19.93 36.73
CA GLY A 381 -22.57 21.36 36.74
C GLY A 381 -21.38 21.89 35.98
N HIS A 382 -21.19 21.39 34.77
CA HIS A 382 -20.05 21.82 33.97
C HIS A 382 -20.30 23.23 33.43
N THR A 383 -19.21 23.90 33.08
CA THR A 383 -19.23 25.32 32.82
C THR A 383 -19.77 25.60 31.41
N GLU A 384 -19.65 26.84 30.97
CA GLU A 384 -20.23 27.28 29.71
C GLU A 384 -19.14 27.66 28.71
N ARG A 385 -19.54 27.66 27.44
CA ARG A 385 -18.76 28.17 26.30
C ARG A 385 -17.42 27.43 26.16
N LEU A 386 -17.50 26.14 25.89
CA LEU A 386 -16.33 25.28 25.79
C LEU A 386 -16.17 24.76 24.37
N ALA A 387 -14.94 24.78 23.87
CA ALA A 387 -14.65 24.34 22.52
C ALA A 387 -13.22 23.86 22.44
N GLU A 388 -13.02 22.71 21.79
CA GLU A 388 -11.70 22.10 21.67
C GLU A 388 -10.87 22.80 20.61
N CYS A 389 -9.60 22.93 20.87
CA CYS A 389 -8.74 23.46 19.82
C CYS A 389 -8.42 22.36 18.82
N PRO A 390 -8.17 22.71 17.56
CA PRO A 390 -7.82 21.66 16.59
C PRO A 390 -6.45 21.06 16.79
N VAL A 391 -5.51 21.81 17.37
CA VAL A 391 -4.13 21.32 17.44
C VAL A 391 -3.99 20.31 18.58
N CYS A 392 -4.14 20.78 19.81
CA CYS A 392 -4.08 19.85 20.93
C CYS A 392 -5.38 19.09 21.07
N GLY A 393 -5.32 18.05 21.88
CA GLY A 393 -6.53 17.46 22.40
C GLY A 393 -6.66 17.84 23.86
N ARG A 394 -6.18 19.03 24.23
CA ARG A 394 -6.42 19.53 25.58
C ARG A 394 -7.90 19.77 25.80
N GLU A 395 -8.58 20.30 24.79
CA GLU A 395 -9.97 20.01 24.48
C GLU A 395 -11.01 20.52 25.47
N LEU A 396 -10.59 21.13 26.57
CA LEU A 396 -11.51 21.92 27.40
C LEU A 396 -10.83 23.20 27.89
N PRO A 397 -10.69 24.20 27.03
CA PRO A 397 -10.69 25.56 27.55
C PRO A 397 -12.06 26.20 27.42
N GLU A 398 -12.19 27.40 27.95
CA GLU A 398 -13.24 28.34 27.56
C GLU A 398 -12.79 29.07 26.31
N GLY A 399 -13.34 30.24 26.03
CA GLY A 399 -12.79 31.11 24.99
C GLY A 399 -11.41 31.71 25.24
N LYS A 400 -10.68 31.19 26.23
CA LYS A 400 -9.32 31.62 26.57
C LYS A 400 -8.34 31.34 25.43
N LEU A 401 -8.62 30.35 24.59
CA LEU A 401 -7.69 29.94 23.55
C LEU A 401 -7.49 31.03 22.51
N GLU A 402 -6.25 31.21 22.07
CA GLU A 402 -5.84 32.38 21.31
C GLU A 402 -5.20 31.99 19.99
N PRO A 403 -5.65 32.55 18.87
CA PRO A 403 -5.10 32.19 17.56
C PRO A 403 -3.83 32.98 17.25
N SER A 404 -2.72 32.28 17.10
CA SER A 404 -1.46 32.92 16.78
C SER A 404 -0.50 31.88 16.20
N ALA A 405 0.70 32.35 15.82
CA ALA A 405 1.84 31.57 15.35
C ALA A 405 1.56 30.77 14.09
N SER A 406 0.53 31.16 13.35
CA SER A 406 0.03 30.44 12.17
C SER A 406 -0.91 31.40 11.44
N ASP A 407 -1.69 30.87 10.51
CA ASP A 407 -2.81 31.61 9.93
C ASP A 407 -3.80 31.94 11.04
N PRO A 408 -3.91 33.21 11.43
CA PRO A 408 -4.55 33.54 12.71
C PRO A 408 -6.08 33.60 12.65
N GLU A 409 -6.69 32.59 12.05
CA GLU A 409 -8.14 32.45 12.09
C GLU A 409 -8.58 31.21 12.85
N THR A 410 -7.68 30.29 13.14
CA THR A 410 -7.97 29.08 13.89
C THR A 410 -7.55 29.29 15.34
N LYS A 411 -8.53 29.36 16.23
CA LYS A 411 -8.25 29.56 17.65
C LYS A 411 -7.54 28.35 18.24
N VAL A 412 -6.58 28.61 19.14
CA VAL A 412 -5.55 27.66 19.52
C VAL A 412 -5.26 27.82 21.01
N CYS A 413 -5.11 26.69 21.72
CA CYS A 413 -4.83 26.68 23.16
C CYS A 413 -3.49 27.36 23.48
N PRO A 414 -3.36 27.95 24.68
CA PRO A 414 -2.12 28.66 24.99
C PRO A 414 -0.93 27.74 25.20
N THR A 415 -1.17 26.46 25.54
CA THR A 415 -0.08 25.50 25.65
C THR A 415 0.62 25.33 24.30
N CYS A 416 -0.15 25.02 23.26
CA CYS A 416 0.41 24.96 21.92
C CYS A 416 0.67 26.33 21.31
N ASN A 417 0.27 27.42 21.95
CA ASN A 417 0.81 28.72 21.59
C ASN A 417 2.26 28.81 22.04
N ARG A 418 2.54 28.39 23.27
CA ARG A 418 3.92 28.43 23.76
C ARG A 418 4.78 27.37 23.07
N LEU A 419 4.19 26.27 22.65
CA LEU A 419 5.02 25.14 22.22
C LEU A 419 5.62 25.33 20.84
N VAL A 420 4.93 25.99 19.91
CA VAL A 420 5.57 26.25 18.63
C VAL A 420 6.64 27.31 18.79
N SER A 421 6.46 28.23 19.73
CA SER A 421 7.52 29.17 20.08
C SER A 421 8.71 28.45 20.71
N LEU A 422 8.46 27.38 21.46
CA LEU A 422 9.53 26.56 21.97
C LEU A 422 10.25 25.85 20.84
N GLY A 423 9.49 25.38 19.85
CA GLY A 423 10.09 24.73 18.70
C GLY A 423 10.90 25.67 17.83
N GLY A 424 10.51 26.95 17.78
CA GLY A 424 11.30 27.95 17.08
C GLY A 424 12.61 28.27 17.76
N ASN A 425 12.71 28.01 19.06
CA ASN A 425 13.98 28.11 19.76
C ASN A 425 14.65 26.76 19.94
N LEU A 426 13.96 25.67 19.59
CA LEU A 426 14.49 24.33 19.83
C LEU A 426 15.81 24.00 19.14
N PRO A 427 16.14 24.46 17.92
CA PRO A 427 17.51 24.23 17.46
C PRO A 427 18.55 25.01 18.24
N LYS A 428 18.28 26.26 18.56
CA LYS A 428 19.26 27.11 19.23
C LYS A 428 19.18 27.03 20.75
N LEU A 429 18.36 26.14 21.29
CA LEU A 429 18.18 26.05 22.73
C LEU A 429 19.39 25.40 23.39
N LEU A 430 19.83 25.98 24.49
CA LEU A 430 20.89 25.39 25.29
C LEU A 430 20.39 24.72 26.55
N GLY A 431 19.25 25.15 27.07
CA GLY A 431 18.67 24.48 28.22
C GLY A 431 17.42 25.19 28.68
N PHE A 432 16.97 24.85 29.88
CA PHE A 432 15.89 25.54 30.54
C PHE A 432 16.34 25.97 31.92
N GLY A 433 15.59 26.87 32.52
CA GLY A 433 15.88 27.31 33.86
C GLY A 433 14.64 27.20 34.72
N ARG A 434 14.71 26.42 35.79
CA ARG A 434 13.56 26.12 36.62
C ARG A 434 13.40 27.24 37.64
N THR A 435 12.45 28.14 37.40
CA THR A 435 12.19 29.25 38.29
C THR A 435 10.73 29.21 38.74
N ALA A 436 10.31 30.23 39.48
CA ALA A 436 8.92 30.34 39.86
C ALA A 436 8.08 30.69 38.63
N LYS A 437 6.78 30.39 38.73
CA LYS A 437 5.89 30.43 37.57
C LYS A 437 5.53 31.85 37.12
N ASN A 438 5.95 32.88 37.83
CA ASN A 438 5.55 34.25 37.53
C ASN A 438 6.76 35.16 37.43
N ASP A 439 7.77 34.72 36.68
CA ASP A 439 8.97 35.50 36.42
C ASP A 439 8.96 35.97 34.97
N ALA A 440 10.06 36.60 34.57
CA ALA A 440 10.18 37.09 33.20
C ALA A 440 10.69 35.97 32.30
N GLY A 441 10.17 35.93 31.08
CA GLY A 441 10.60 34.93 30.12
C GLY A 441 10.11 33.54 30.39
N VAL A 442 9.11 33.37 31.24
CA VAL A 442 8.60 32.05 31.59
C VAL A 442 7.81 31.52 30.40
N LEU A 443 8.36 30.53 29.71
CA LEU A 443 7.70 29.99 28.52
C LEU A 443 6.63 28.98 28.90
N VAL A 444 7.03 27.89 29.53
CA VAL A 444 6.09 26.86 29.96
C VAL A 444 6.06 26.81 31.47
N GLU A 445 5.00 26.23 31.99
CA GLU A 445 4.83 26.06 33.42
C GLU A 445 5.16 24.63 33.80
N GLY A 446 4.88 24.29 35.04
CA GLY A 446 4.90 22.94 35.51
C GLY A 446 3.93 22.80 36.66
N PRO A 447 3.95 21.66 37.35
CA PRO A 447 3.16 21.53 38.56
C PRO A 447 3.61 22.42 39.68
N PHE A 448 4.88 22.82 39.70
CA PHE A 448 5.39 23.70 40.74
C PHE A 448 6.15 24.89 40.21
N SER A 449 6.71 24.81 39.00
CA SER A 449 7.74 25.75 38.60
C SER A 449 7.62 26.05 37.12
N GLY A 450 7.84 27.29 36.76
CA GLY A 450 7.95 27.67 35.37
C GLY A 450 9.36 27.51 34.86
N PHE A 451 9.50 27.61 33.55
CA PHE A 451 10.79 27.43 32.91
C PHE A 451 11.11 28.60 32.01
N VAL A 452 12.37 29.02 32.04
CA VAL A 452 12.89 30.10 31.20
C VAL A 452 13.86 29.48 30.22
N PRO A 453 13.63 29.60 28.92
CA PRO A 453 14.52 28.93 27.95
C PRO A 453 15.88 29.57 27.86
N TYR A 454 16.87 28.87 28.43
CA TYR A 454 18.26 29.32 28.40
C TYR A 454 18.79 29.15 26.99
N LEU A 455 18.82 30.26 26.26
CA LEU A 455 19.29 30.30 24.88
C LEU A 455 20.82 30.45 24.88
N GLN A 456 21.38 30.80 23.72
CA GLN A 456 22.83 30.76 23.57
C GLN A 456 23.55 31.96 24.17
N GLY A 457 22.83 32.97 24.65
CA GLY A 457 23.51 34.11 25.24
C GLY A 457 23.04 34.51 26.63
N GLY A 458 21.83 34.09 27.00
CA GLY A 458 21.22 34.57 28.23
C GLY A 458 21.83 33.99 29.49
N ARG A 459 21.36 34.51 30.62
CA ARG A 459 21.77 34.03 31.94
C ARG A 459 20.56 33.98 32.86
N PRO A 460 19.75 32.92 32.78
CA PRO A 460 18.62 32.78 33.68
C PRO A 460 19.02 32.06 34.96
N VAL A 461 18.19 32.24 35.98
CA VAL A 461 18.43 31.61 37.28
C VAL A 461 17.09 31.45 37.98
N GLY A 462 16.87 30.27 38.55
CA GLY A 462 15.72 30.02 39.39
C GLY A 462 16.07 29.06 40.50
N GLU A 463 17.38 29.01 40.81
CA GLU A 463 18.15 28.11 41.67
C GLU A 463 18.38 26.75 41.02
N GLN A 464 17.80 26.45 39.86
CA GLN A 464 18.08 25.21 39.14
C GLN A 464 18.12 25.50 37.65
N ILE A 465 19.12 24.94 36.96
CA ILE A 465 19.26 25.08 35.52
C ILE A 465 19.29 23.70 34.91
N LEU A 466 18.29 23.35 34.12
CA LEU A 466 18.25 22.08 33.41
C LEU A 466 19.03 22.23 32.12
N VAL A 467 20.24 21.71 32.08
CA VAL A 467 21.10 21.86 30.92
C VAL A 467 21.06 20.59 30.09
N LYS A 468 20.95 20.76 28.78
CA LYS A 468 20.68 19.66 27.87
C LYS A 468 21.97 19.05 27.35
N ASN A 469 22.09 17.73 27.52
CA ASN A 469 23.02 16.88 26.77
C ASN A 469 24.48 17.18 27.05
N THR A 470 24.80 17.74 28.21
CA THR A 470 26.20 17.99 28.53
C THR A 470 26.40 17.89 30.04
N LEU A 471 27.66 17.82 30.43
CA LEU A 471 28.03 17.79 31.84
C LEU A 471 28.84 18.99 32.27
N ASN A 472 29.46 19.73 31.35
CA ASN A 472 30.11 20.97 31.71
C ASN A 472 29.07 22.07 31.87
N PRO A 473 28.98 22.71 33.03
CA PRO A 473 28.01 23.81 33.18
C PRO A 473 28.38 25.03 32.35
N GLY A 474 29.63 25.47 32.46
CA GLY A 474 30.10 26.57 31.64
C GLY A 474 29.62 27.93 32.08
N GLU A 475 28.82 28.59 31.24
CA GLU A 475 28.45 29.99 31.44
C GLU A 475 27.14 30.13 32.21
N ILE A 476 27.04 29.49 33.37
CA ILE A 476 25.88 29.65 34.24
C ILE A 476 26.40 29.97 35.63
N PRO A 477 25.71 30.78 36.43
CA PRO A 477 26.32 31.33 37.64
C PRO A 477 26.40 30.30 38.76
N GLU A 478 27.10 30.69 39.82
CA GLU A 478 27.40 29.80 40.93
C GLU A 478 26.37 29.89 42.05
N SER A 479 25.15 30.31 41.73
CA SER A 479 24.05 30.31 42.68
C SER A 479 23.09 29.15 42.46
N ALA A 480 22.85 28.79 41.21
CA ALA A 480 21.84 27.81 40.87
C ALA A 480 22.39 26.39 40.88
N GLN A 481 21.48 25.42 40.98
CA GLN A 481 21.84 24.01 40.99
C GLN A 481 21.86 23.53 39.55
N PHE A 482 23.05 23.14 39.08
CA PHE A 482 23.23 22.69 37.71
C PHE A 482 22.72 21.27 37.60
N VAL A 483 21.58 21.09 36.95
CA VAL A 483 20.97 19.77 36.80
C VAL A 483 21.11 19.38 35.33
N PRO A 484 21.88 18.36 35.00
CA PRO A 484 21.95 17.91 33.62
C PRO A 484 20.75 17.03 33.31
N TYR A 485 20.42 16.96 32.03
CA TYR A 485 19.44 15.99 31.59
C TYR A 485 19.77 15.66 30.14
N PHE A 486 19.54 14.42 29.76
CA PHE A 486 19.90 13.95 28.42
C PHE A 486 18.65 13.82 27.57
N VAL A 487 18.75 14.23 26.31
CA VAL A 487 17.69 14.06 25.33
C VAL A 487 18.33 13.70 23.99
N ALA A 488 17.87 12.61 23.40
CA ALA A 488 18.16 12.33 22.00
C ALA A 488 17.54 13.44 21.16
N ASP A 489 18.39 14.27 20.56
CA ASP A 489 17.95 15.56 20.05
C ASP A 489 17.97 15.65 18.53
N TYR A 490 18.50 14.63 17.84
CA TYR A 490 18.89 14.80 16.44
C TYR A 490 17.69 14.99 15.53
N PHE A 491 17.86 15.91 14.58
CA PHE A 491 16.81 16.30 13.65
C PHE A 491 17.47 16.99 12.48
N LYS A 492 16.89 16.80 11.29
CA LYS A 492 17.43 17.42 10.10
C LYS A 492 17.06 18.89 10.07
N LYS A 493 18.07 19.76 10.04
CA LYS A 493 17.83 21.17 9.92
C LYS A 493 17.43 21.51 8.50
N ASP A 494 16.57 22.51 8.35
CA ASP A 494 16.12 22.98 7.04
C ASP A 494 17.19 23.91 6.47
N PRO A 495 16.98 24.47 5.26
CA PRO A 495 17.83 25.59 4.81
C PRO A 495 17.99 26.74 5.79
N LYS A 496 16.98 27.07 6.60
CA LYS A 496 17.17 28.04 7.66
C LYS A 496 18.04 27.47 8.77
N GLY A 497 17.63 26.35 9.34
CA GLY A 497 18.27 25.77 10.50
C GLY A 497 17.25 25.16 11.43
N GLY A 498 15.98 25.47 11.19
CA GLY A 498 14.89 24.99 12.03
C GLY A 498 14.51 23.56 11.73
N VAL A 499 13.45 23.12 12.40
CA VAL A 499 12.99 21.74 12.30
C VAL A 499 12.27 21.54 10.98
N ALA A 500 12.66 20.50 10.25
CA ALA A 500 11.95 20.14 9.03
C ALA A 500 10.61 19.51 9.38
N THR A 501 9.59 19.80 8.58
CA THR A 501 8.29 19.19 8.76
C THR A 501 8.25 17.87 7.99
N PHE A 502 7.08 17.24 7.95
CA PHE A 502 6.94 15.98 7.23
C PHE A 502 7.06 16.18 5.73
N GLU A 503 6.46 17.27 5.23
CA GLU A 503 6.55 17.59 3.82
C GLU A 503 7.97 18.02 3.45
N GLU A 504 8.73 18.54 4.41
CA GLU A 504 10.12 18.85 4.17
C GLU A 504 11.00 17.61 4.22
N LEU A 505 10.55 16.55 4.89
CA LEU A 505 11.37 15.38 5.09
C LEU A 505 11.16 14.32 4.02
N SER A 506 9.90 13.99 3.73
CA SER A 506 9.60 12.91 2.80
C SER A 506 9.90 13.25 1.36
N MET A 507 10.29 14.48 1.05
CA MET A 507 10.78 14.81 -0.29
C MET A 507 12.14 14.18 -0.57
N ALA A 508 12.87 13.77 0.46
CA ALA A 508 14.15 13.10 0.30
C ALA A 508 14.03 11.59 0.36
N SER A 509 12.91 11.05 -0.09
CA SER A 509 12.67 9.61 -0.09
C SER A 509 13.18 9.01 -1.40
N THR A 510 14.15 8.11 -1.30
CA THR A 510 14.63 7.45 -2.51
C THR A 510 13.61 6.42 -2.97
N GLY A 511 12.62 6.89 -3.72
CA GLY A 511 11.54 6.02 -4.14
C GLY A 511 10.21 6.73 -4.06
N THR A 512 9.19 6.05 -3.53
CA THR A 512 7.90 6.68 -3.40
C THR A 512 7.92 7.74 -2.29
N ARG A 513 7.03 8.72 -2.42
CA ARG A 513 6.94 9.79 -1.43
C ARG A 513 6.09 9.27 -0.28
N ARG A 514 6.76 8.70 0.71
CA ARG A 514 6.09 8.22 1.90
C ARG A 514 6.97 8.49 3.11
N LEU A 515 6.32 8.64 4.26
CA LEU A 515 6.96 9.01 5.51
C LEU A 515 7.16 7.75 6.34
N GLY A 516 8.39 7.55 6.83
CA GLY A 516 8.71 6.40 7.66
C GLY A 516 8.65 6.75 9.13
N VAL A 517 8.02 5.87 9.89
CA VAL A 517 7.75 6.06 11.31
C VAL A 517 8.18 4.79 12.03
N MET A 518 9.02 4.92 13.05
CA MET A 518 9.59 3.79 13.76
C MET A 518 9.31 3.90 15.24
N LYS A 519 8.83 2.83 15.86
CA LYS A 519 8.49 2.85 17.28
C LYS A 519 8.96 1.57 17.93
N GLY A 520 9.89 1.66 18.87
CA GLY A 520 10.48 0.46 19.43
C GLY A 520 10.24 0.24 20.90
N ASP A 521 10.94 -0.75 21.46
CA ASP A 521 10.87 -1.12 22.86
C ASP A 521 12.00 -2.10 23.14
N VAL A 522 12.54 -2.06 24.34
CA VAL A 522 13.44 -3.10 24.80
C VAL A 522 12.61 -4.24 25.34
N ASP A 523 13.06 -5.47 25.10
CA ASP A 523 12.25 -6.66 25.29
C ASP A 523 12.54 -7.30 26.64
N ARG A 524 11.48 -7.60 27.39
CA ARG A 524 11.54 -8.24 28.71
C ARG A 524 12.44 -7.47 29.66
N LEU A 525 12.27 -6.16 29.69
CA LEU A 525 13.07 -5.32 30.56
C LEU A 525 12.53 -5.25 31.98
N GLY A 526 11.21 -5.39 32.13
CA GLY A 526 10.64 -5.42 33.47
C GLY A 526 11.09 -6.63 34.26
N GLU A 527 11.28 -7.76 33.59
CA GLU A 527 11.88 -8.91 34.24
C GLU A 527 13.36 -8.72 34.48
N PHE A 528 14.02 -7.84 33.72
CA PHE A 528 15.44 -7.62 33.90
C PHE A 528 15.75 -6.82 35.15
N PHE A 529 14.79 -6.03 35.65
CA PHE A 529 15.00 -5.22 36.83
C PHE A 529 14.36 -5.82 38.07
N SER A 530 13.80 -7.02 37.96
CA SER A 530 13.47 -7.81 39.12
C SER A 530 14.56 -8.82 39.44
N SER A 531 15.73 -8.68 38.82
CA SER A 531 16.84 -9.59 39.04
C SER A 531 18.07 -8.91 39.61
N MET A 532 18.08 -7.58 39.72
CA MET A 532 19.20 -6.86 40.31
C MET A 532 18.92 -6.65 41.80
N ASP A 533 19.84 -7.09 42.65
CA ASP A 533 19.60 -7.19 44.08
C ASP A 533 20.39 -6.15 44.88
N SER A 534 20.51 -4.95 44.36
CA SER A 534 21.15 -3.85 45.07
C SER A 534 20.65 -2.54 44.49
N PRO A 535 20.67 -1.46 45.25
CA PRO A 535 20.46 -0.14 44.64
C PRO A 535 21.56 0.22 43.67
N SER A 536 22.77 -0.27 43.90
CA SER A 536 23.87 -0.02 42.98
C SER A 536 23.65 -0.69 41.64
N LYS A 537 23.21 -1.95 41.66
CA LYS A 537 22.97 -2.69 40.43
C LYS A 537 21.80 -2.10 39.66
N LEU A 538 20.76 -1.65 40.37
CA LEU A 538 19.63 -1.02 39.70
C LEU A 538 20.04 0.31 39.09
N ALA A 539 20.89 1.07 39.80
CA ALA A 539 21.34 2.35 39.29
C ALA A 539 22.19 2.19 38.03
N THR A 540 23.11 1.22 38.05
CA THR A 540 23.94 0.99 36.87
C THR A 540 23.12 0.43 35.72
N ALA A 541 22.24 -0.53 36.00
CA ALA A 541 21.45 -1.15 34.95
C ALA A 541 20.38 -0.24 34.39
N SER A 542 20.03 0.82 35.10
CA SER A 542 19.11 1.77 34.51
C SER A 542 19.85 2.87 33.75
N ARG A 543 20.97 3.34 34.30
CA ARG A 543 21.67 4.45 33.67
C ARG A 543 22.34 4.00 32.38
N PHE A 544 22.87 2.78 32.34
CA PHE A 544 23.49 2.31 31.11
C PHE A 544 22.46 2.02 30.04
N MET A 545 21.26 1.62 30.44
CA MET A 545 20.19 1.43 29.47
C MET A 545 19.71 2.76 28.93
N ASP A 546 19.50 3.73 29.83
CA ASP A 546 18.96 5.02 29.41
C ASP A 546 19.96 5.82 28.60
N TYR A 547 21.26 5.58 28.79
CA TYR A 547 22.25 6.30 28.01
C TYR A 547 22.23 5.87 26.55
N PHE A 548 21.80 4.64 26.28
CA PHE A 548 21.60 4.23 24.89
C PHE A 548 20.50 5.05 24.25
N PHE A 549 19.32 5.02 24.81
CA PHE A 549 18.18 5.65 24.16
C PHE A 549 18.09 7.15 24.46
N LYS A 550 19.11 7.75 25.05
CA LYS A 550 19.15 9.20 25.10
C LYS A 550 20.44 9.82 24.56
N GLY A 551 21.57 9.11 24.54
CA GLY A 551 22.78 9.68 24.01
C GLY A 551 23.38 8.95 22.84
N TYR A 552 23.20 7.63 22.79
CA TYR A 552 23.79 6.84 21.72
C TYR A 552 23.06 6.99 20.40
N ILE A 553 21.78 7.37 20.44
CA ILE A 553 20.95 7.42 19.24
C ILE A 553 21.46 8.48 18.28
N GLY A 554 21.86 9.64 18.81
CA GLY A 554 22.47 10.66 17.99
C GLY A 554 23.83 10.27 17.42
N ALA A 555 24.48 9.29 18.01
CA ALA A 555 25.72 8.79 17.43
C ALA A 555 25.45 7.83 16.28
N ILE A 556 24.44 6.98 16.43
CA ILE A 556 24.15 6.00 15.38
C ILE A 556 23.49 6.65 14.18
N ILE A 557 22.70 7.71 14.40
CA ILE A 557 22.08 8.40 13.28
C ILE A 557 23.12 9.20 12.50
N GLU A 558 24.06 9.84 13.21
CA GLU A 558 25.11 10.63 12.58
C GLU A 558 26.08 9.81 11.75
N GLY A 559 26.05 8.48 11.85
CA GLY A 559 26.87 7.63 11.03
C GLY A 559 27.97 6.93 11.76
N LYS A 560 28.08 7.11 13.08
CA LYS A 560 29.12 6.45 13.84
C LYS A 560 28.75 4.98 14.06
N PHE A 561 29.61 4.29 14.83
CA PHE A 561 29.45 2.88 15.19
C PHE A 561 29.41 1.96 13.96
N GLY A 562 30.06 2.38 12.87
CA GLY A 562 30.06 1.57 11.67
C GLY A 562 30.95 0.35 11.75
N TYR A 563 31.87 0.32 12.71
CA TYR A 563 32.82 -0.78 12.82
C TYR A 563 32.18 -2.06 13.35
N ILE A 564 30.96 -1.98 13.88
CA ILE A 564 30.26 -3.17 14.35
C ILE A 564 28.88 -3.32 13.75
N ILE A 565 28.31 -2.28 13.16
CA ILE A 565 26.98 -2.40 12.55
C ILE A 565 27.07 -3.18 11.25
N GLY A 566 27.93 -2.74 10.33
CA GLY A 566 28.19 -3.53 9.12
C GLY A 566 27.01 -3.57 8.16
N ASP A 567 26.80 -4.75 7.60
CA ASP A 567 25.84 -4.95 6.50
C ASP A 567 24.42 -5.06 7.06
N VAL A 568 23.78 -3.91 7.22
CA VAL A 568 22.35 -3.83 7.45
C VAL A 568 21.67 -3.79 6.08
N PRO A 569 20.34 -3.85 6.00
CA PRO A 569 19.71 -3.54 4.72
C PRO A 569 19.95 -2.11 4.28
N SER A 570 20.73 -1.95 3.21
CA SER A 570 21.15 -0.63 2.74
C SER A 570 20.31 -0.28 1.52
N LEU A 571 19.29 0.56 1.73
CA LEU A 571 18.48 1.04 0.62
C LEU A 571 19.20 2.08 -0.23
N ARG A 572 20.22 2.73 0.32
CA ARG A 572 20.91 3.82 -0.36
C ARG A 572 22.25 4.01 0.33
N ASP A 573 22.91 5.11 -0.03
CA ASP A 573 24.08 5.55 0.73
C ASP A 573 23.62 6.28 1.98
N TRP A 574 24.29 6.00 3.10
CA TRP A 574 23.99 6.70 4.33
C TRP A 574 24.66 8.06 4.29
N PRO A 575 23.89 9.15 4.23
CA PRO A 575 24.46 10.45 3.92
C PRO A 575 25.17 11.07 5.12
N GLU A 576 25.66 12.30 4.92
CA GLU A 576 26.23 13.06 6.03
C GLU A 576 25.14 13.48 7.01
N GLU A 577 24.19 14.29 6.54
CA GLU A 577 23.06 14.66 7.36
C GLU A 577 21.87 13.81 6.92
N PRO A 578 21.38 12.91 7.77
CA PRO A 578 20.20 12.13 7.41
C PRO A 578 18.94 12.96 7.47
N ASP A 579 17.86 12.36 6.98
CA ASP A 579 16.53 12.96 6.98
C ASP A 579 15.73 12.46 8.15
N ILE A 580 16.40 12.30 9.29
CA ILE A 580 15.88 11.59 10.44
C ILE A 580 15.65 12.59 11.56
N VAL A 581 14.43 12.59 12.11
CA VAL A 581 14.09 13.46 13.22
C VAL A 581 13.64 12.58 14.38
N VAL A 582 14.35 12.65 15.50
CA VAL A 582 13.98 11.88 16.69
C VAL A 582 12.85 12.61 17.40
N VAL A 583 11.68 11.98 17.46
CA VAL A 583 10.59 12.57 18.21
C VAL A 583 10.78 12.35 19.70
N TYR A 584 10.89 11.09 20.12
CA TYR A 584 10.95 10.82 21.55
C TYR A 584 11.69 9.52 21.80
N ALA A 585 12.89 9.61 22.35
CA ALA A 585 13.67 8.43 22.68
C ALA A 585 14.09 8.55 24.13
N GLY A 586 13.68 7.59 24.95
CA GLY A 586 14.00 7.73 26.36
C GLY A 586 13.51 6.58 27.21
N GLY A 587 14.23 6.28 28.28
CA GLY A 587 13.92 5.11 29.07
C GLY A 587 14.33 3.87 28.31
N ASP A 588 13.36 3.12 27.80
CA ASP A 588 13.63 2.00 26.93
C ASP A 588 13.25 2.29 25.48
N ASP A 589 12.10 2.89 25.24
CA ASP A 589 11.56 2.99 23.90
C ASP A 589 12.14 4.19 23.15
N PHE A 590 11.79 4.25 21.87
CA PHE A 590 12.27 5.28 20.98
C PHE A 590 11.32 5.36 19.80
N PHE A 591 11.01 6.59 19.41
CA PHE A 591 10.01 6.86 18.38
C PHE A 591 10.60 7.92 17.47
N ILE A 592 10.86 7.54 16.23
CA ILE A 592 11.64 8.33 15.29
C ILE A 592 10.91 8.38 13.96
N VAL A 593 10.66 9.59 13.46
CA VAL A 593 10.05 9.77 12.15
C VAL A 593 11.12 10.26 11.18
N GLY A 594 10.80 10.19 9.89
CA GLY A 594 11.72 10.69 8.90
C GLY A 594 11.42 10.12 7.52
N ALA A 595 12.39 10.28 6.63
CA ALA A 595 12.30 9.65 5.33
C ALA A 595 12.46 8.15 5.48
N TRP A 596 11.58 7.41 4.80
CA TRP A 596 11.44 5.99 5.05
C TRP A 596 12.67 5.19 4.61
N ASP A 597 13.37 5.66 3.58
CA ASP A 597 14.57 4.97 3.11
C ASP A 597 15.69 5.04 4.13
N GLN A 598 15.65 6.00 5.05
CA GLN A 598 16.62 6.06 6.14
C GLN A 598 16.05 5.59 7.47
N ILE A 599 14.72 5.67 7.64
CA ILE A 599 14.06 5.02 8.77
C ILE A 599 14.32 3.52 8.75
N PHE A 600 14.24 2.93 7.55
CA PHE A 600 14.45 1.51 7.37
C PHE A 600 15.87 1.11 7.74
N GLU A 601 16.85 1.88 7.30
CA GLU A 601 18.23 1.57 7.65
C GLU A 601 18.50 1.84 9.12
N LEU A 602 17.81 2.82 9.69
CA LEU A 602 18.00 3.16 11.09
C LEU A 602 17.49 2.08 12.01
N ALA A 603 16.42 1.38 11.62
CA ALA A 603 15.90 0.29 12.44
C ALA A 603 16.92 -0.82 12.62
N PHE A 604 17.53 -1.25 11.52
CA PHE A 604 18.51 -2.32 11.61
C PHE A 604 19.82 -1.83 12.21
N ARG A 605 20.18 -0.56 12.00
CA ARG A 605 21.37 -0.02 12.64
C ARG A 605 21.20 0.03 14.16
N VAL A 606 20.03 0.50 14.62
CA VAL A 606 19.72 0.56 16.04
C VAL A 606 19.70 -0.84 16.64
N ARG A 607 19.10 -1.80 15.93
CA ARG A 607 19.02 -3.16 16.46
C ARG A 607 20.39 -3.80 16.56
N ARG A 608 21.22 -3.67 15.53
CA ARG A 608 22.48 -4.38 15.59
C ARG A 608 23.46 -3.69 16.53
N ALA A 609 23.40 -2.37 16.65
CA ALA A 609 24.22 -1.69 17.64
C ALA A 609 23.76 -1.99 19.06
N PHE A 610 22.45 -2.22 19.25
CA PHE A 610 21.96 -2.58 20.57
C PHE A 610 22.28 -4.02 20.90
N ASN A 611 22.30 -4.89 19.90
CA ASN A 611 22.78 -6.25 20.07
C ASN A 611 24.24 -6.27 20.46
N ALA A 612 25.03 -5.35 19.90
CA ALA A 612 26.41 -5.20 20.37
C ALA A 612 26.45 -4.61 21.77
N TYR A 613 25.52 -3.71 22.10
CA TYR A 613 25.64 -2.91 23.31
C TYR A 613 25.29 -3.68 24.57
N THR A 614 24.33 -4.60 24.50
CA THR A 614 24.01 -5.44 25.64
C THR A 614 24.72 -6.77 25.60
N GLY A 615 25.50 -7.04 24.55
CA GLY A 615 26.13 -8.33 24.44
C GLY A 615 25.18 -9.47 24.15
N GLY A 616 24.05 -9.17 23.54
CA GLY A 616 23.13 -10.21 23.11
C GLY A 616 22.19 -10.74 24.15
N LYS A 617 22.31 -10.31 25.41
CA LYS A 617 21.42 -10.83 26.43
C LYS A 617 20.05 -10.16 26.39
N LEU A 618 19.93 -9.03 25.70
CA LEU A 618 18.67 -8.33 25.52
C LEU A 618 18.40 -8.14 24.05
N THR A 619 17.14 -7.81 23.73
CA THR A 619 16.72 -7.60 22.37
C THR A 619 15.80 -6.39 22.33
N LEU A 620 15.52 -5.88 21.14
CA LEU A 620 14.56 -4.81 21.00
C LEU A 620 13.57 -5.10 19.89
N SER A 621 12.30 -4.86 20.18
CA SER A 621 11.24 -4.91 19.21
C SER A 621 11.09 -3.55 18.55
N VAL A 622 10.72 -3.56 17.27
CA VAL A 622 10.59 -2.34 16.47
C VAL A 622 9.40 -2.52 15.55
N GLY A 623 8.45 -1.59 15.60
CA GLY A 623 7.42 -1.49 14.59
C GLY A 623 7.83 -0.42 13.59
N LEU A 624 7.45 -0.63 12.34
CA LEU A 624 7.71 0.33 11.28
C LEU A 624 6.40 0.65 10.59
N GLY A 625 6.36 1.81 9.96
CA GLY A 625 5.17 2.22 9.24
C GLY A 625 5.50 3.25 8.19
N TYR A 626 4.72 3.26 7.13
CA TYR A 626 4.88 4.20 6.04
C TYR A 626 3.54 4.85 5.76
N PHE A 627 3.51 6.17 5.77
CA PHE A 627 2.25 6.88 5.62
C PHE A 627 2.40 8.00 4.60
N ASP A 628 1.27 8.58 4.22
CA ASP A 628 1.30 9.80 3.44
C ASP A 628 1.80 10.94 4.32
N GLU A 629 2.36 11.97 3.69
CA GLU A 629 2.91 13.09 4.45
C GLU A 629 1.83 13.92 5.12
N ARG A 630 0.60 13.83 4.64
CA ARG A 630 -0.54 14.55 5.20
C ARG A 630 -1.32 13.71 6.19
N THR A 631 -0.82 12.54 6.55
CA THR A 631 -1.53 11.67 7.47
C THR A 631 -1.43 12.24 8.89
N PRO A 632 -2.52 12.24 9.66
CA PRO A 632 -2.47 12.76 11.02
C PRO A 632 -1.55 11.93 11.91
N ILE A 633 -0.92 12.61 12.86
CA ILE A 633 0.10 11.98 13.67
C ILE A 633 -0.50 10.98 14.65
N TYR A 634 -1.76 11.17 15.03
CA TYR A 634 -2.35 10.24 15.99
C TYR A 634 -2.67 8.90 15.34
N ARG A 635 -3.06 8.90 14.06
CA ARG A 635 -3.10 7.65 13.32
C ARG A 635 -1.70 7.13 13.05
N MET A 636 -0.74 8.03 12.83
CA MET A 636 0.64 7.63 12.57
C MET A 636 1.29 6.98 13.78
N ALA A 637 0.78 7.22 14.98
CA ALA A 637 1.27 6.52 16.16
C ALA A 637 0.39 5.34 16.54
N ASP A 638 -0.92 5.42 16.29
CA ASP A 638 -1.78 4.28 16.60
C ASP A 638 -1.61 3.14 15.62
N VAL A 639 -0.98 3.37 14.46
CA VAL A 639 -0.64 2.25 13.60
C VAL A 639 0.60 1.55 14.11
N VAL A 640 1.66 2.30 14.41
CA VAL A 640 2.89 1.66 14.83
C VAL A 640 2.81 1.13 16.26
N SER A 641 1.89 1.64 17.08
CA SER A 641 1.71 1.02 18.39
C SER A 641 1.03 -0.34 18.27
N GLU A 642 0.04 -0.45 17.39
CA GLU A 642 -0.56 -1.76 17.13
C GLU A 642 0.43 -2.70 16.47
N ARG A 643 1.30 -2.17 15.61
CA ARG A 643 2.28 -3.03 14.96
C ARG A 643 3.36 -3.48 15.94
N LEU A 644 3.76 -2.59 16.85
CA LEU A 644 4.70 -2.98 17.88
C LEU A 644 4.08 -3.96 18.86
N ASP A 645 2.79 -3.83 19.14
CA ASP A 645 2.14 -4.79 20.01
C ASP A 645 1.98 -6.14 19.33
N THR A 646 1.75 -6.14 18.01
CA THR A 646 1.61 -7.41 17.30
C THR A 646 2.97 -8.11 17.17
N ALA A 647 4.03 -7.35 16.92
CA ALA A 647 5.36 -7.94 16.93
C ALA A 647 5.83 -8.25 18.33
N LYS A 648 5.22 -7.64 19.34
CA LYS A 648 5.53 -7.94 20.71
C LYS A 648 4.91 -9.27 21.12
N ASP A 649 3.66 -9.49 20.71
CA ASP A 649 2.91 -10.67 21.09
C ASP A 649 3.45 -11.92 20.43
N GLU A 650 3.88 -11.81 19.18
CA GLU A 650 4.11 -12.98 18.34
C GLU A 650 5.59 -13.34 18.25
N GLY A 651 6.32 -13.22 19.36
CA GLY A 651 7.68 -13.73 19.40
C GLY A 651 8.64 -12.86 20.18
N ARG A 652 8.21 -11.65 20.53
CA ARG A 652 8.80 -10.76 21.53
C ARG A 652 10.11 -10.12 21.09
N ASN A 653 10.75 -10.58 20.02
CA ASN A 653 12.03 -10.03 19.58
C ASN A 653 12.02 -9.80 18.09
N ARG A 654 10.98 -9.16 17.58
CA ARG A 654 10.75 -9.18 16.15
C ARG A 654 10.37 -7.81 15.60
N VAL A 655 10.79 -7.55 14.36
CA VAL A 655 10.49 -6.33 13.63
C VAL A 655 9.19 -6.52 12.86
N PHE A 656 8.50 -5.42 12.59
CA PHE A 656 7.30 -5.40 11.76
C PHE A 656 7.62 -4.48 10.59
N VAL A 657 8.07 -5.05 9.48
CA VAL A 657 8.61 -4.23 8.40
C VAL A 657 7.52 -3.57 7.60
N VAL A 658 6.56 -4.34 7.10
CA VAL A 658 5.50 -3.81 6.27
C VAL A 658 4.27 -4.71 6.44
N GLY A 659 3.10 -4.09 6.51
CA GLY A 659 1.87 -4.82 6.74
C GLY A 659 1.52 -5.75 5.60
N ARG A 660 1.65 -7.03 5.82
CA ARG A 660 1.45 -8.03 4.77
C ARG A 660 0.16 -8.78 5.00
N SER A 661 -0.37 -9.32 3.91
CA SER A 661 -1.54 -10.17 3.98
C SER A 661 -1.14 -11.55 4.48
N ARG A 662 -2.00 -12.15 5.30
CA ARG A 662 -1.69 -13.46 5.86
C ARG A 662 -2.97 -14.25 6.01
N PRO A 663 -2.90 -15.58 5.98
CA PRO A 663 -4.08 -16.39 6.27
C PRO A 663 -4.37 -16.41 7.77
N LEU A 664 -5.51 -16.97 8.11
CA LEU A 664 -5.97 -17.00 9.50
C LEU A 664 -5.93 -18.44 9.99
N ASP A 665 -4.76 -18.86 10.44
CA ASP A 665 -4.61 -20.16 11.06
C ASP A 665 -3.68 -20.15 12.26
N GLY A 666 -3.05 -19.03 12.59
CA GLY A 666 -2.10 -18.97 13.67
C GLY A 666 -0.70 -19.47 13.34
N LYS A 667 -0.48 -19.95 12.12
CA LYS A 667 0.85 -20.42 11.72
C LYS A 667 1.67 -19.35 11.04
N HIS A 668 1.01 -18.38 10.41
CA HIS A 668 1.70 -17.31 9.71
C HIS A 668 1.79 -16.11 10.64
N LYS A 669 3.01 -15.72 11.01
CA LYS A 669 3.23 -14.59 11.89
C LYS A 669 3.54 -13.35 11.09
N LEU A 670 2.96 -12.22 11.49
CA LEU A 670 3.10 -10.98 10.74
C LEU A 670 4.48 -10.37 10.86
N SER A 671 5.21 -10.69 11.91
CA SER A 671 6.46 -10.02 12.23
C SER A 671 7.62 -10.68 11.49
N TYR A 672 8.84 -10.34 11.89
CA TYR A 672 10.04 -10.96 11.34
C TYR A 672 11.09 -11.02 12.44
N GLU A 673 11.68 -12.19 12.65
CA GLU A 673 12.92 -12.24 13.42
C GLU A 673 14.00 -11.46 12.69
N TRP A 674 14.89 -10.84 13.47
CA TRP A 674 15.96 -10.05 12.86
C TRP A 674 16.96 -10.94 12.17
N ASN A 675 17.28 -12.09 12.76
CA ASN A 675 18.13 -13.06 12.09
C ASN A 675 17.44 -13.73 10.91
N HIS A 676 16.12 -13.58 10.78
CA HIS A 676 15.43 -13.98 9.58
C HIS A 676 15.50 -12.90 8.51
N TYR A 677 15.18 -11.66 8.88
CA TYR A 677 15.06 -10.60 7.88
C TYR A 677 16.40 -10.18 7.35
N GLU A 678 17.42 -10.09 8.21
CA GLU A 678 18.75 -9.71 7.72
C GLU A 678 19.35 -10.82 6.87
N GLU A 679 18.99 -12.07 7.17
CA GLU A 679 19.33 -13.18 6.29
C GLU A 679 18.67 -13.05 4.94
N LEU A 680 17.39 -12.69 4.91
CA LEU A 680 16.67 -12.57 3.66
C LEU A 680 17.19 -11.40 2.82
N TRP A 681 17.50 -10.28 3.46
CA TRP A 681 18.05 -9.16 2.72
C TRP A 681 19.49 -9.43 2.29
N ARG A 682 20.21 -10.28 3.01
CA ARG A 682 21.47 -10.75 2.47
C ARG A 682 21.28 -11.73 1.33
N THR A 683 20.11 -12.36 1.24
CA THR A 683 19.88 -13.37 0.22
C THR A 683 19.28 -12.80 -1.06
N TYR A 684 18.11 -12.16 -0.96
CA TYR A 684 17.35 -11.81 -2.15
C TYR A 684 17.56 -10.37 -2.63
N ALA A 685 18.11 -9.50 -1.81
CA ALA A 685 18.29 -8.13 -2.26
C ALA A 685 19.51 -7.89 -3.17
N PRO A 686 20.74 -8.37 -2.87
CA PRO A 686 21.83 -8.07 -3.81
C PRO A 686 21.74 -8.84 -5.12
N ARG A 687 20.89 -9.85 -5.22
CA ARG A 687 20.67 -10.51 -6.49
C ARG A 687 19.76 -9.69 -7.40
N ILE A 688 18.75 -9.02 -6.83
CA ILE A 688 17.75 -8.35 -7.66
C ILE A 688 17.78 -6.84 -7.54
N TYR A 689 18.54 -6.27 -6.62
CA TYR A 689 18.53 -4.84 -6.40
C TYR A 689 19.95 -4.30 -6.35
N ALA A 690 20.20 -3.26 -7.15
CA ALA A 690 21.49 -2.56 -7.12
C ALA A 690 21.40 -1.42 -6.10
N GLY A 691 22.37 -0.53 -6.13
CA GLY A 691 22.39 0.57 -5.19
C GLY A 691 21.70 1.82 -5.70
N ASN A 692 21.17 2.60 -4.75
CA ASN A 692 20.69 3.97 -4.93
C ASN A 692 19.51 4.04 -5.91
N GLY A 693 18.45 3.31 -5.58
CA GLY A 693 17.18 3.49 -6.26
C GLY A 693 17.08 2.95 -7.66
N ARG A 694 18.02 2.11 -8.09
CA ARG A 694 18.00 1.54 -9.43
C ARG A 694 18.07 0.02 -9.32
N LEU A 695 17.24 -0.65 -10.12
CA LEU A 695 17.16 -2.10 -10.08
C LEU A 695 18.40 -2.74 -10.72
N LYS A 696 18.50 -4.05 -10.57
CA LYS A 696 19.65 -4.78 -11.08
C LYS A 696 19.60 -4.86 -12.60
N GLY A 697 20.78 -4.92 -13.23
CA GLY A 697 20.93 -4.91 -14.67
C GLY A 697 20.26 -6.06 -15.39
N LYS A 698 20.00 -7.18 -14.71
CA LYS A 698 19.20 -8.23 -15.31
C LYS A 698 17.73 -7.83 -15.36
N LEU A 699 17.20 -7.33 -14.25
CA LEU A 699 15.82 -6.87 -14.18
C LEU A 699 15.61 -5.51 -14.81
N GLU A 700 16.65 -4.88 -15.36
CA GLU A 700 16.49 -3.60 -16.04
C GLU A 700 15.64 -3.79 -17.29
N SER A 701 14.71 -2.84 -17.49
CA SER A 701 13.69 -2.78 -18.55
C SER A 701 12.68 -3.92 -18.48
N LYS A 702 12.69 -4.72 -17.41
CA LYS A 702 11.70 -5.74 -17.12
C LYS A 702 11.25 -5.60 -15.68
N LYS A 703 10.95 -4.36 -15.30
CA LYS A 703 10.73 -3.97 -13.91
C LYS A 703 9.31 -4.25 -13.44
N GLY A 704 8.48 -4.88 -14.25
CA GLY A 704 7.16 -5.29 -13.83
C GLY A 704 7.15 -6.74 -13.44
N LEU A 705 8.34 -7.32 -13.28
CA LEU A 705 8.46 -8.73 -12.93
C LEU A 705 8.17 -8.96 -11.45
N LEU A 706 8.78 -8.15 -10.58
CA LEU A 706 8.59 -8.32 -9.15
C LEU A 706 7.19 -8.00 -8.69
N TRP A 707 6.45 -7.20 -9.46
CA TRP A 707 5.05 -6.97 -9.16
C TRP A 707 4.23 -8.24 -9.36
N LYS A 708 4.64 -9.10 -10.28
CA LYS A 708 3.88 -10.30 -10.56
C LYS A 708 4.04 -11.33 -9.45
N LEU A 709 5.15 -11.27 -8.70
CA LEU A 709 5.34 -12.21 -7.61
C LEU A 709 4.37 -11.98 -6.47
N LEU A 710 3.92 -10.74 -6.26
CA LEU A 710 2.93 -10.51 -5.23
C LEU A 710 1.57 -11.05 -5.66
N GLU A 711 1.26 -10.95 -6.95
CA GLU A 711 0.06 -11.57 -7.47
C GLU A 711 0.13 -13.08 -7.38
N ILE A 712 1.33 -13.64 -7.50
CA ILE A 712 1.52 -15.08 -7.27
C ILE A 712 1.29 -15.40 -5.79
N ARG A 713 1.90 -14.61 -4.91
CA ARG A 713 1.89 -14.84 -3.48
C ARG A 713 0.49 -14.68 -2.89
N GLU A 714 -0.36 -13.88 -3.55
CA GLU A 714 -1.75 -13.73 -3.09
C GLU A 714 -2.53 -15.04 -3.19
N LEU A 715 -2.16 -15.92 -4.11
CA LEU A 715 -2.79 -17.24 -4.17
C LEU A 715 -2.41 -18.07 -2.95
N TYR A 716 -1.17 -17.97 -2.49
CA TYR A 716 -0.78 -18.65 -1.27
C TYR A 716 -1.42 -18.01 -0.06
N VAL A 717 -1.65 -16.69 -0.13
CA VAL A 717 -2.30 -15.99 0.97
C VAL A 717 -3.76 -16.44 1.09
N ARG A 718 -4.46 -16.59 -0.03
CA ARG A 718 -5.87 -16.97 0.01
C ARG A 718 -6.05 -18.42 0.43
N ASP A 719 -5.05 -19.27 0.21
CA ASP A 719 -5.09 -20.64 0.72
C ASP A 719 -3.68 -21.19 0.91
N PRO A 720 -3.38 -21.75 2.07
CA PRO A 720 -2.04 -22.30 2.28
C PRO A 720 -1.88 -23.72 1.76
N ASN A 721 -2.98 -24.46 1.67
CA ASN A 721 -2.90 -25.87 1.33
C ASN A 721 -2.66 -26.11 -0.16
N ASP A 722 -3.07 -25.18 -1.01
CA ASP A 722 -2.89 -25.37 -2.45
C ASP A 722 -1.42 -25.20 -2.83
N VAL A 723 -1.12 -25.56 -4.08
CA VAL A 723 0.27 -25.70 -4.50
C VAL A 723 0.51 -24.98 -5.82
N ARG A 724 -0.42 -24.11 -6.19
CA ARG A 724 -0.32 -23.38 -7.46
C ARG A 724 0.80 -22.36 -7.46
N TRP A 725 1.20 -21.87 -6.27
CA TRP A 725 2.10 -20.73 -6.17
C TRP A 725 3.51 -21.07 -6.65
N ALA A 726 4.03 -22.22 -6.22
CA ALA A 726 5.38 -22.61 -6.60
C ALA A 726 5.47 -23.00 -8.05
N TYR A 727 4.32 -23.34 -8.65
CA TYR A 727 4.30 -23.63 -10.06
C TYR A 727 4.27 -22.35 -10.89
N LEU A 728 3.36 -21.44 -10.56
CA LEU A 728 3.24 -20.21 -11.33
C LEU A 728 4.44 -19.29 -11.14
N THR A 729 5.19 -19.46 -10.05
CA THR A 729 6.45 -18.74 -9.91
C THR A 729 7.44 -19.14 -11.00
N ALA A 730 7.60 -20.45 -11.22
CA ALA A 730 8.46 -20.89 -12.31
C ALA A 730 7.87 -20.56 -13.67
N TYR A 731 6.54 -20.47 -13.76
CA TYR A 731 5.92 -20.05 -15.01
C TYR A 731 6.21 -18.59 -15.31
N LEU A 732 6.37 -17.77 -14.27
CA LEU A 732 6.79 -16.40 -14.49
C LEU A 732 8.28 -16.33 -14.81
N LEU A 733 9.11 -17.00 -14.00
CA LEU A 733 10.55 -16.85 -14.13
C LEU A 733 11.11 -17.52 -15.37
N GLY A 734 10.42 -18.52 -15.91
CA GLY A 734 10.87 -19.10 -17.16
C GLY A 734 10.62 -18.20 -18.35
N ARG A 735 9.61 -17.35 -18.26
CA ARG A 735 9.26 -16.48 -19.38
C ARG A 735 10.24 -15.34 -19.56
N HIS A 736 11.05 -15.03 -18.56
CA HIS A 736 12.00 -13.93 -18.65
C HIS A 736 13.45 -14.36 -18.55
N GLY A 737 13.72 -15.66 -18.49
CA GLY A 737 15.08 -16.15 -18.46
C GLY A 737 15.74 -16.16 -17.11
N LEU A 738 15.15 -15.49 -16.11
CA LEU A 738 15.74 -15.43 -14.77
C LEU A 738 15.46 -16.75 -14.06
N SER A 739 16.32 -17.73 -14.35
CA SER A 739 16.13 -19.07 -13.81
C SER A 739 16.57 -19.17 -12.36
N ASP A 740 17.54 -18.35 -11.96
CA ASP A 740 18.25 -18.56 -10.71
C ASP A 740 17.90 -17.59 -9.60
N LEU A 741 17.15 -16.51 -9.89
CA LEU A 741 16.95 -15.47 -8.90
C LEU A 741 16.04 -15.90 -7.75
N PHE A 742 15.25 -16.95 -7.92
CA PHE A 742 14.39 -17.45 -6.85
C PHE A 742 14.41 -18.96 -6.83
N PRO A 743 15.48 -19.58 -6.31
CA PRO A 743 15.50 -21.03 -6.19
C PRO A 743 14.64 -21.54 -5.05
N GLU A 744 14.30 -20.69 -4.09
CA GLU A 744 13.46 -21.13 -3.00
C GLU A 744 11.99 -21.09 -3.36
N LEU A 745 11.61 -20.22 -4.28
CA LEU A 745 10.20 -20.05 -4.58
C LEU A 745 9.68 -21.08 -5.57
N VAL A 746 10.56 -21.71 -6.33
CA VAL A 746 10.11 -22.58 -7.42
C VAL A 746 9.69 -23.95 -6.91
N GLY A 747 10.46 -24.52 -5.99
CA GLY A 747 10.17 -25.84 -5.47
C GLY A 747 9.66 -25.73 -4.04
N ILE A 748 8.52 -26.38 -3.79
CA ILE A 748 7.95 -26.40 -2.45
C ILE A 748 8.87 -27.18 -1.52
N ASP A 749 9.30 -26.52 -0.45
CA ASP A 749 10.27 -27.11 0.47
C ASP A 749 9.55 -27.94 1.51
N THR A 750 9.96 -29.21 1.63
CA THR A 750 9.40 -30.08 2.65
C THR A 750 9.88 -29.73 4.05
N LYS A 751 11.01 -29.02 4.15
CA LYS A 751 11.59 -28.67 5.44
C LYS A 751 10.68 -27.77 6.26
N ALA A 752 9.93 -26.89 5.60
CA ALA A 752 9.01 -26.02 6.33
C ALA A 752 7.71 -26.72 6.67
N VAL A 753 7.23 -27.61 5.80
CA VAL A 753 5.98 -28.30 6.08
C VAL A 753 6.17 -29.47 7.04
N GLU A 754 7.43 -29.85 7.30
CA GLU A 754 7.73 -30.83 8.34
C GLU A 754 7.29 -30.31 9.71
N ARG A 755 7.88 -29.20 10.14
CA ARG A 755 7.66 -28.65 11.47
C ARG A 755 6.58 -27.57 11.49
N LYS A 756 5.71 -27.55 10.47
CA LYS A 756 4.56 -26.64 10.36
C LYS A 756 4.98 -25.18 10.39
N GLU A 757 5.98 -24.85 9.62
CA GLU A 757 6.42 -23.51 9.33
C GLU A 757 5.90 -23.08 7.96
N PRO A 758 5.65 -21.79 7.74
CA PRO A 758 5.11 -21.37 6.45
C PRO A 758 6.12 -21.51 5.32
N GLN A 759 5.58 -21.52 4.10
CA GLN A 759 6.35 -21.78 2.90
C GLN A 759 7.31 -20.62 2.62
N PRO A 760 8.40 -20.87 1.87
CA PRO A 760 9.38 -19.80 1.64
C PRO A 760 8.91 -18.67 0.74
N VAL A 761 7.70 -18.73 0.16
CA VAL A 761 7.19 -17.59 -0.60
C VAL A 761 6.41 -16.65 0.30
N TYR A 762 6.09 -17.05 1.53
CA TYR A 762 5.43 -16.16 2.46
C TYR A 762 6.38 -15.05 2.91
N TRP A 763 7.65 -15.38 3.11
CA TRP A 763 8.56 -14.44 3.74
C TRP A 763 9.25 -13.51 2.76
N VAL A 764 9.21 -13.79 1.46
CA VAL A 764 10.05 -13.04 0.55
C VAL A 764 9.42 -11.70 0.17
N ASP A 765 8.11 -11.54 0.37
CA ASP A 765 7.46 -10.32 -0.09
C ASP A 765 7.81 -9.12 0.78
N GLY A 766 8.14 -9.35 2.04
CA GLY A 766 8.70 -8.29 2.86
C GLY A 766 10.08 -7.84 2.41
N VAL A 767 10.76 -8.67 1.62
CA VAL A 767 11.97 -8.24 0.95
C VAL A 767 11.65 -7.65 -0.42
N LEU A 768 10.48 -7.94 -0.96
CA LEU A 768 10.14 -7.44 -2.29
C LEU A 768 9.64 -6.02 -2.25
N LYS A 769 8.65 -5.75 -1.38
CA LYS A 769 7.93 -4.49 -1.41
C LYS A 769 8.82 -3.31 -1.05
N ILE A 770 9.79 -3.54 -0.18
CA ILE A 770 10.73 -2.47 0.18
C ILE A 770 11.66 -2.18 -0.98
N VAL A 771 11.93 -3.15 -1.84
CA VAL A 771 12.59 -2.79 -3.08
C VAL A 771 11.60 -2.15 -4.03
N LEU A 772 10.34 -2.59 -3.99
CA LEU A 772 9.34 -2.06 -4.92
C LEU A 772 8.96 -0.63 -4.57
N MET A 773 9.05 -0.25 -3.30
CA MET A 773 8.90 1.15 -2.96
C MET A 773 10.15 1.96 -3.26
N ALA A 774 11.29 1.29 -3.47
CA ALA A 774 12.55 2.00 -3.68
C ALA A 774 12.74 2.44 -5.12
N VAL A 775 12.24 1.67 -6.07
CA VAL A 775 12.42 1.95 -7.48
C VAL A 775 11.13 2.34 -8.16
N ARG A 776 10.08 2.64 -7.39
CA ARG A 776 8.82 3.12 -7.96
C ARG A 776 9.06 4.53 -8.50
N ARG A 777 9.08 4.63 -9.84
CA ARG A 777 9.49 5.81 -10.60
C ARG A 777 10.90 6.24 -10.16
N GLN B 58 22.40 -37.06 -19.39
CA GLN B 58 21.26 -36.43 -20.04
C GLN B 58 19.96 -37.10 -19.62
N TRP B 59 19.53 -38.08 -20.41
CA TRP B 59 18.33 -38.86 -20.11
C TRP B 59 18.74 -40.13 -19.37
N GLU B 60 18.00 -40.45 -18.32
CA GLU B 60 18.25 -41.63 -17.52
C GLU B 60 16.93 -42.29 -17.18
N ALA B 61 16.98 -43.61 -16.99
CA ALA B 61 15.80 -44.49 -17.00
C ALA B 61 14.83 -44.26 -15.85
N ILE B 62 15.21 -43.49 -14.82
CA ILE B 62 14.26 -43.12 -13.77
C ILE B 62 13.21 -42.19 -14.34
N GLN B 63 13.59 -41.37 -15.32
CA GLN B 63 12.67 -40.39 -15.88
C GLN B 63 11.60 -41.04 -16.76
N PRO B 64 11.90 -41.98 -17.69
CA PRO B 64 10.81 -42.76 -18.27
C PRO B 64 10.16 -43.71 -17.29
N TYR B 65 10.79 -44.04 -16.18
CA TYR B 65 10.04 -44.80 -15.19
C TYR B 65 9.12 -43.90 -14.38
N PHE B 66 9.44 -42.62 -14.23
CA PHE B 66 8.47 -41.70 -13.66
C PHE B 66 7.30 -41.50 -14.63
N ASP B 67 7.61 -41.40 -15.92
CA ASP B 67 6.58 -41.43 -16.95
C ASP B 67 5.78 -42.73 -16.92
N ASN B 68 6.43 -43.84 -16.59
CA ASN B 68 5.73 -45.11 -16.51
C ASN B 68 4.91 -45.23 -15.24
N VAL B 69 5.31 -44.55 -14.18
CA VAL B 69 4.46 -44.46 -13.00
C VAL B 69 3.20 -43.68 -13.33
N VAL B 70 3.35 -42.62 -14.12
CA VAL B 70 2.18 -41.85 -14.54
C VAL B 70 1.34 -42.64 -15.55
N ARG B 71 1.97 -43.48 -16.36
CA ARG B 71 1.25 -44.15 -17.44
C ARG B 71 0.66 -45.50 -17.01
N GLU B 72 1.26 -46.17 -16.04
CA GLU B 72 0.78 -47.45 -15.53
C GLU B 72 -0.03 -47.23 -14.27
N ALA B 73 0.34 -46.24 -13.46
CA ALA B 73 -0.55 -45.62 -12.50
C ALA B 73 -1.24 -44.44 -13.19
N LYS B 74 -2.12 -44.79 -14.13
CA LYS B 74 -2.82 -43.83 -14.97
C LYS B 74 -3.90 -43.07 -14.22
N ASN B 75 -4.23 -43.48 -13.01
CA ASN B 75 -5.27 -42.86 -12.20
C ASN B 75 -4.61 -41.79 -11.33
N PHE B 76 -4.84 -40.53 -11.65
CA PHE B 76 -4.46 -39.42 -10.77
C PHE B 76 -5.65 -38.62 -10.28
N LEU B 77 -6.88 -38.99 -10.68
CA LEU B 77 -8.02 -38.11 -10.51
C LEU B 77 -8.45 -37.98 -9.05
N GLU B 78 -8.44 -39.08 -8.30
CA GLU B 78 -8.76 -39.03 -6.88
C GLU B 78 -7.51 -39.14 -6.01
N TRP B 79 -6.41 -38.54 -6.45
CA TRP B 79 -5.15 -38.62 -5.73
C TRP B 79 -4.81 -37.26 -5.11
N SER B 80 -3.67 -37.20 -4.43
CA SER B 80 -3.32 -36.03 -3.64
C SER B 80 -2.80 -34.92 -4.55
N PRO B 81 -3.00 -33.65 -4.18
CA PRO B 81 -2.52 -32.54 -5.01
C PRO B 81 -1.02 -32.33 -5.00
N ASN B 82 -0.27 -33.12 -4.22
CA ASN B 82 1.17 -33.16 -4.37
C ASN B 82 1.63 -34.35 -5.20
N LYS B 83 0.77 -35.36 -5.39
CA LYS B 83 1.06 -36.43 -6.35
C LYS B 83 1.10 -35.90 -7.77
N ARG B 84 0.37 -34.83 -8.06
CA ARG B 84 0.46 -34.21 -9.38
C ARG B 84 1.78 -33.48 -9.55
N LEU B 85 2.07 -32.54 -8.64
CA LEU B 85 3.23 -31.66 -8.79
C LEU B 85 4.54 -32.39 -8.61
N ALA B 86 4.60 -33.37 -7.71
CA ALA B 86 5.85 -34.08 -7.47
C ALA B 86 6.25 -34.95 -8.65
N ASN B 87 5.29 -35.36 -9.47
CA ASN B 87 5.60 -36.07 -10.69
C ASN B 87 5.75 -35.14 -11.88
N ALA B 88 5.02 -34.02 -11.88
CA ALA B 88 4.97 -33.12 -13.03
C ALA B 88 6.30 -32.45 -13.32
N VAL B 89 7.14 -32.25 -12.30
CA VAL B 89 8.50 -31.79 -12.54
C VAL B 89 9.26 -32.83 -13.35
N THR B 90 9.32 -34.05 -12.82
CA THR B 90 10.11 -35.14 -13.40
C THR B 90 9.64 -35.48 -14.80
N VAL B 91 8.32 -35.55 -14.99
CA VAL B 91 7.71 -35.69 -16.32
C VAL B 91 8.27 -34.65 -17.26
N ALA B 92 8.16 -33.38 -16.86
CA ALA B 92 8.64 -32.29 -17.70
C ALA B 92 10.16 -32.33 -17.81
N ALA B 93 10.82 -32.85 -16.77
CA ALA B 93 12.27 -33.02 -16.82
C ALA B 93 12.64 -33.98 -17.96
N TYR B 94 11.94 -35.11 -18.05
CA TYR B 94 12.16 -36.00 -19.18
C TYR B 94 11.70 -35.32 -20.47
N LEU B 95 10.63 -34.54 -20.37
CA LEU B 95 10.14 -33.83 -21.52
C LEU B 95 11.04 -32.65 -21.87
N THR B 96 11.92 -32.22 -20.97
CA THR B 96 12.95 -31.29 -21.36
C THR B 96 14.31 -31.95 -21.46
N SER B 97 14.41 -33.24 -21.12
CA SER B 97 15.63 -33.97 -21.46
C SER B 97 15.72 -34.19 -22.95
N GLN B 98 14.59 -34.49 -23.59
CA GLN B 98 14.46 -34.43 -25.02
C GLN B 98 14.17 -32.99 -25.43
N GLY B 99 14.01 -32.74 -26.73
CA GLY B 99 13.89 -31.37 -27.19
C GLY B 99 12.59 -30.69 -26.79
N LEU B 100 11.49 -31.07 -27.45
CA LEU B 100 10.12 -30.64 -27.13
C LEU B 100 9.99 -29.12 -27.03
N LYS B 101 10.28 -28.44 -28.14
CA LYS B 101 10.05 -27.01 -28.18
C LYS B 101 8.55 -26.72 -28.19
N THR B 102 8.21 -25.51 -27.78
CA THR B 102 6.88 -25.21 -27.32
C THR B 102 5.85 -25.13 -28.44
N ASN B 103 6.26 -24.67 -29.63
CA ASN B 103 5.29 -24.22 -30.62
C ASN B 103 4.51 -25.35 -31.28
N GLN B 104 4.98 -26.60 -31.19
CA GLN B 104 4.11 -27.69 -31.62
C GLN B 104 3.25 -28.21 -30.49
N VAL B 105 3.60 -27.90 -29.25
CA VAL B 105 2.74 -28.23 -28.12
C VAL B 105 1.67 -27.14 -27.94
N ARG B 106 1.91 -25.95 -28.49
CA ARG B 106 1.00 -24.82 -28.34
C ARG B 106 -0.35 -25.05 -29.01
N LYS B 107 -0.43 -25.98 -29.95
CA LYS B 107 -1.73 -26.33 -30.51
C LYS B 107 -2.57 -27.10 -29.50
N ILE B 108 -1.94 -27.85 -28.60
CA ILE B 108 -2.68 -28.63 -27.62
C ILE B 108 -3.30 -27.72 -26.56
N LEU B 109 -2.50 -26.78 -26.06
CA LEU B 109 -2.88 -25.98 -24.89
C LEU B 109 -4.04 -25.06 -25.19
N ASP B 110 -4.18 -24.61 -26.44
CA ASP B 110 -5.32 -23.78 -26.79
C ASP B 110 -6.61 -24.57 -26.72
N MET B 111 -6.56 -25.86 -27.06
CA MET B 111 -7.72 -26.71 -26.90
C MET B 111 -8.05 -26.94 -25.43
N ALA B 112 -7.04 -26.86 -24.54
CA ALA B 112 -7.31 -26.98 -23.12
C ALA B 112 -8.01 -25.72 -22.61
N ARG B 113 -7.46 -24.55 -22.92
CA ARG B 113 -7.95 -23.30 -22.34
C ARG B 113 -9.33 -22.95 -22.85
N THR B 114 -9.63 -23.28 -24.10
CA THR B 114 -10.97 -23.07 -24.65
C THR B 114 -11.97 -23.99 -23.98
N THR B 115 -11.60 -25.25 -23.79
CA THR B 115 -12.45 -26.17 -23.04
C THR B 115 -12.48 -25.80 -21.56
N GLU B 116 -11.44 -25.15 -21.07
CA GLU B 116 -11.48 -24.65 -19.70
C GLU B 116 -12.46 -23.50 -19.54
N LEU B 117 -12.59 -22.66 -20.56
CA LEU B 117 -13.61 -21.62 -20.53
C LEU B 117 -15.00 -22.21 -20.75
N LYS B 118 -15.09 -23.30 -21.51
CA LYS B 118 -16.35 -24.02 -21.60
C LYS B 118 -16.71 -24.70 -20.29
N VAL B 119 -15.71 -25.00 -19.46
CA VAL B 119 -15.99 -25.46 -18.10
C VAL B 119 -16.56 -24.29 -17.29
N LYS B 120 -15.94 -23.12 -17.39
CA LYS B 120 -16.33 -21.95 -16.60
C LYS B 120 -17.63 -21.36 -17.16
N ARG B 121 -18.72 -22.08 -16.89
CA ARG B 121 -20.08 -21.75 -17.34
C ARG B 121 -20.16 -21.58 -18.85
N GLY B 122 -19.83 -22.66 -19.57
CA GLY B 122 -20.10 -22.68 -20.99
C GLY B 122 -21.05 -23.79 -21.39
N GLU B 123 -20.96 -24.92 -20.70
CA GLU B 123 -21.76 -26.11 -20.98
C GLU B 123 -21.79 -26.98 -19.73
N GLY B 124 -22.21 -28.23 -19.89
CA GLY B 124 -22.19 -29.20 -18.82
C GLY B 124 -20.87 -29.92 -18.69
N ASP B 125 -20.29 -30.33 -19.81
CA ASP B 125 -18.99 -30.98 -19.83
C ASP B 125 -18.35 -30.78 -21.20
N ILE B 126 -17.20 -31.41 -21.41
CA ILE B 126 -16.55 -31.46 -22.71
C ILE B 126 -16.83 -32.86 -23.24
N LYS B 127 -17.92 -33.03 -24.00
CA LYS B 127 -18.28 -34.35 -24.49
C LYS B 127 -17.72 -34.63 -25.88
N ASP B 128 -18.04 -33.78 -26.87
CA ASP B 128 -17.58 -34.01 -28.23
C ASP B 128 -16.28 -33.30 -28.54
N ASP B 129 -16.02 -32.18 -27.87
CA ASP B 129 -14.80 -31.43 -28.14
C ASP B 129 -13.57 -32.06 -27.51
N LEU B 130 -13.75 -33.03 -26.61
CA LEU B 130 -12.61 -33.69 -26.01
C LEU B 130 -11.94 -34.65 -26.98
N VAL B 131 -12.66 -35.06 -28.03
CA VAL B 131 -12.10 -35.96 -29.02
C VAL B 131 -11.00 -35.28 -29.81
N LYS B 132 -11.19 -34.02 -30.18
CA LYS B 132 -10.16 -33.30 -30.91
C LYS B 132 -8.99 -32.92 -30.02
N MET B 133 -9.19 -32.85 -28.70
CA MET B 133 -8.06 -32.85 -27.80
C MET B 133 -7.32 -34.18 -27.86
N ARG B 134 -8.08 -35.29 -27.90
CA ARG B 134 -7.49 -36.61 -27.99
C ARG B 134 -6.92 -36.89 -29.37
N TYR B 135 -7.53 -36.34 -30.42
CA TYR B 135 -7.10 -36.62 -31.78
C TYR B 135 -5.78 -35.93 -32.10
N LEU B 136 -5.65 -34.66 -31.72
CA LEU B 136 -4.57 -33.83 -32.23
C LEU B 136 -3.23 -34.23 -31.64
N LEU B 137 -3.24 -34.93 -30.50
CA LEU B 137 -2.00 -35.50 -29.97
C LEU B 137 -1.42 -36.54 -30.93
N ALA B 138 -2.24 -37.51 -31.32
CA ALA B 138 -1.78 -38.51 -32.28
C ALA B 138 -1.55 -37.90 -33.65
N TYR B 139 -2.25 -36.80 -33.97
CA TYR B 139 -1.97 -36.09 -35.21
C TYR B 139 -0.58 -35.48 -35.20
N THR B 140 -0.20 -34.85 -34.08
CA THR B 140 1.14 -34.31 -33.95
C THR B 140 2.18 -35.42 -33.91
N VAL B 141 1.82 -36.58 -33.38
CA VAL B 141 2.72 -37.73 -33.39
C VAL B 141 2.99 -38.18 -34.84
N GLY B 142 1.93 -38.27 -35.64
CA GLY B 142 2.10 -38.63 -37.04
C GLY B 142 2.81 -37.57 -37.86
N LYS B 143 2.63 -36.30 -37.50
CA LYS B 143 3.32 -35.23 -38.21
C LYS B 143 4.80 -35.18 -37.83
N ALA B 144 5.12 -35.55 -36.59
CA ALA B 144 6.47 -35.47 -36.08
C ALA B 144 7.38 -36.46 -36.79
N THR B 145 8.56 -35.98 -37.19
CA THR B 145 9.48 -36.74 -38.04
C THR B 145 10.89 -36.67 -37.49
N GLY B 146 11.45 -37.82 -37.13
CA GLY B 146 12.88 -37.98 -36.94
C GLY B 146 13.42 -37.51 -35.60
N GLN B 147 13.60 -36.21 -35.46
CA GLN B 147 14.09 -35.63 -34.21
C GLN B 147 12.96 -35.22 -33.28
N SER B 148 11.72 -35.48 -33.68
CA SER B 148 10.56 -35.11 -32.88
C SER B 148 9.73 -36.31 -32.45
N LYS B 149 9.40 -37.21 -33.38
CA LYS B 149 8.63 -38.41 -33.03
C LYS B 149 9.43 -39.37 -32.16
N TYR B 150 10.76 -39.30 -32.22
CA TYR B 150 11.63 -39.95 -31.25
C TYR B 150 11.47 -39.35 -29.85
N SER B 151 10.95 -38.13 -29.76
CA SER B 151 10.90 -37.37 -28.53
C SER B 151 9.49 -36.99 -28.09
N LEU B 152 8.61 -36.62 -29.03
CA LEU B 152 7.31 -36.07 -28.68
C LEU B 152 6.35 -37.12 -28.14
N ASP B 153 6.65 -38.41 -28.32
CA ASP B 153 5.81 -39.46 -27.76
C ASP B 153 5.84 -39.49 -26.24
N ALA B 154 6.87 -38.91 -25.62
CA ALA B 154 6.89 -38.78 -24.18
C ALA B 154 5.78 -37.87 -23.68
N PHE B 155 5.48 -36.80 -24.43
CA PHE B 155 4.30 -36.02 -24.12
C PHE B 155 3.03 -36.76 -24.51
N HIS B 156 3.12 -37.66 -25.48
CA HIS B 156 1.93 -38.33 -25.97
C HIS B 156 1.45 -39.42 -25.03
N ARG B 157 2.39 -40.15 -24.42
CA ARG B 157 2.07 -41.33 -23.61
C ARG B 157 1.42 -41.02 -22.30
N ILE B 158 1.10 -39.77 -21.98
CA ILE B 158 0.47 -39.41 -20.72
C ILE B 158 -0.99 -38.99 -20.94
N LEU B 159 -1.23 -38.18 -21.96
CA LEU B 159 -2.55 -37.59 -22.10
C LEU B 159 -3.58 -38.56 -22.67
N ASP B 160 -3.15 -39.46 -23.56
CA ASP B 160 -4.07 -40.50 -24.03
C ASP B 160 -4.53 -41.46 -22.92
N PRO B 161 -3.66 -42.10 -22.11
CA PRO B 161 -4.21 -42.99 -21.08
C PRO B 161 -4.89 -42.26 -19.95
N MET B 162 -4.59 -40.97 -19.74
CA MET B 162 -5.38 -40.18 -18.83
C MET B 162 -6.78 -39.98 -19.38
N LEU B 163 -6.89 -39.35 -20.55
CA LEU B 163 -8.18 -38.98 -21.13
C LEU B 163 -8.98 -40.16 -21.67
N GLU B 164 -8.45 -41.38 -21.61
CA GLU B 164 -9.22 -42.55 -22.00
C GLU B 164 -10.44 -42.73 -21.09
N VAL B 165 -10.21 -42.99 -19.80
CA VAL B 165 -11.31 -43.10 -18.86
C VAL B 165 -11.82 -41.71 -18.48
N LEU B 166 -10.99 -40.68 -18.64
CA LEU B 166 -11.47 -39.33 -18.38
C LEU B 166 -12.29 -38.76 -19.53
N MET B 167 -12.53 -39.54 -20.59
CA MET B 167 -13.71 -39.36 -21.42
C MET B 167 -14.81 -40.30 -20.92
N GLY B 168 -15.11 -40.16 -19.62
CA GLY B 168 -16.22 -40.85 -19.02
C GLY B 168 -17.31 -39.84 -18.74
N SER B 169 -17.25 -38.75 -19.50
CA SER B 169 -17.99 -37.52 -19.23
C SER B 169 -17.88 -37.08 -17.77
N PRO B 170 -16.68 -36.78 -17.27
CA PRO B 170 -16.51 -36.53 -15.85
C PRO B 170 -16.95 -35.11 -15.51
N LYS B 171 -16.94 -34.82 -14.22
CA LYS B 171 -17.37 -33.51 -13.75
C LYS B 171 -16.33 -32.46 -14.08
N LYS B 172 -16.76 -31.19 -14.00
CA LYS B 172 -15.84 -30.07 -14.18
C LYS B 172 -14.82 -30.01 -13.07
N GLU B 173 -15.20 -30.44 -11.86
CA GLU B 173 -14.25 -30.58 -10.78
C GLU B 173 -13.34 -31.79 -10.97
N ASN B 174 -13.76 -32.76 -11.78
CA ASN B 174 -12.91 -33.90 -12.08
C ASN B 174 -11.90 -33.54 -13.17
N PHE B 175 -12.35 -32.84 -14.20
CA PHE B 175 -11.45 -32.47 -15.29
C PHE B 175 -10.46 -31.41 -14.88
N GLU B 176 -10.81 -30.55 -13.92
CA GLU B 176 -9.92 -29.50 -13.46
C GLU B 176 -8.67 -30.06 -12.82
N LYS B 177 -8.77 -31.23 -12.20
CA LYS B 177 -7.59 -31.92 -11.69
C LYS B 177 -6.69 -32.43 -12.81
N PHE B 178 -7.22 -32.61 -14.02
CA PHE B 178 -6.35 -32.92 -15.14
C PHE B 178 -5.80 -31.66 -15.79
N TYR B 179 -6.62 -30.61 -15.86
CA TYR B 179 -6.18 -29.36 -16.48
C TYR B 179 -5.08 -28.71 -15.66
N ASP B 180 -5.11 -28.88 -14.35
CA ASP B 180 -4.01 -28.41 -13.52
C ASP B 180 -2.74 -29.20 -13.79
N PHE B 181 -2.86 -30.48 -14.13
CA PHE B 181 -1.68 -31.23 -14.54
C PHE B 181 -1.20 -30.80 -15.92
N LEU B 182 -2.15 -30.48 -16.81
CA LEU B 182 -1.81 -29.96 -18.14
C LEU B 182 -1.04 -28.68 -18.05
N GLN B 183 -1.48 -27.76 -17.18
CA GLN B 183 -0.71 -26.57 -16.92
C GLN B 183 0.60 -26.92 -16.23
N ALA B 184 0.55 -27.89 -15.30
CA ALA B 184 1.69 -28.25 -14.48
C ALA B 184 2.87 -28.80 -15.27
N VAL B 185 2.61 -29.38 -16.43
CA VAL B 185 3.74 -29.84 -17.24
C VAL B 185 4.44 -28.64 -17.91
N VAL B 186 3.72 -27.55 -18.14
CA VAL B 186 4.12 -26.58 -19.15
C VAL B 186 5.31 -25.72 -18.72
N ALA B 187 5.33 -25.25 -17.48
CA ALA B 187 6.36 -24.26 -17.13
C ALA B 187 7.73 -24.88 -16.97
N TYR B 188 7.80 -26.13 -16.51
CA TYR B 188 9.12 -26.72 -16.34
C TYR B 188 9.75 -27.16 -17.67
N HIS B 189 9.11 -26.91 -18.81
CA HIS B 189 9.83 -26.86 -20.08
C HIS B 189 10.92 -25.81 -20.00
N LYS B 190 10.58 -24.64 -19.48
CA LYS B 190 11.53 -23.57 -19.23
C LYS B 190 12.20 -23.70 -17.88
N PHE B 191 11.92 -24.77 -17.14
CA PHE B 191 12.49 -24.93 -15.82
C PHE B 191 12.56 -26.40 -15.41
N ARG C 4 -41.23 14.90 12.46
CA ARG C 4 -41.91 13.62 12.28
C ARG C 4 -41.01 12.62 11.56
N PHE C 5 -41.53 11.42 11.34
CA PHE C 5 -40.83 10.37 10.60
C PHE C 5 -41.86 9.39 10.09
N TYR C 6 -42.01 9.30 8.77
CA TYR C 6 -42.80 8.24 8.15
C TYR C 6 -41.96 7.71 7.01
N GLY C 7 -40.98 6.87 7.30
CA GLY C 7 -39.91 6.75 6.32
C GLY C 7 -39.26 5.42 6.00
N LYS C 8 -37.98 5.51 5.62
CA LYS C 8 -37.10 4.38 5.32
C LYS C 8 -37.65 3.53 4.17
N ILE C 9 -37.61 4.13 2.98
CA ILE C 9 -37.82 3.38 1.74
C ILE C 9 -36.56 2.60 1.42
N VAL C 10 -36.72 1.31 1.14
CA VAL C 10 -35.58 0.47 0.78
C VAL C 10 -35.65 0.21 -0.72
N ILE C 11 -34.71 0.79 -1.45
CA ILE C 11 -34.42 0.35 -2.81
C ILE C 11 -33.28 -0.65 -2.70
N LYS C 12 -33.57 -1.90 -3.03
CA LYS C 12 -32.58 -2.98 -2.98
C LYS C 12 -32.36 -3.49 -4.39
N GLY C 13 -31.11 -3.73 -4.75
CA GLY C 13 -30.87 -4.15 -6.11
C GLY C 13 -29.49 -4.72 -6.33
N LYS C 14 -29.16 -4.86 -7.60
CA LYS C 14 -27.86 -5.36 -8.00
C LYS C 14 -27.34 -4.49 -9.11
N ILE C 15 -26.09 -4.06 -8.98
CA ILE C 15 -25.45 -3.19 -9.95
C ILE C 15 -24.39 -3.99 -10.69
N LYS C 16 -24.58 -4.13 -12.00
CA LYS C 16 -23.64 -4.84 -12.85
C LYS C 16 -22.67 -3.83 -13.44
N ALA C 17 -21.39 -4.00 -13.15
CA ALA C 17 -20.36 -3.19 -13.78
C ALA C 17 -20.05 -3.84 -15.11
N VAL C 18 -20.59 -3.29 -16.20
CA VAL C 18 -20.43 -3.91 -17.51
C VAL C 18 -18.99 -3.87 -17.98
N THR C 19 -18.22 -2.84 -17.60
CA THR C 19 -16.80 -2.82 -17.93
C THR C 19 -15.90 -2.67 -16.70
N GLY C 20 -16.43 -2.95 -15.51
CA GLY C 20 -15.62 -2.92 -14.31
C GLY C 20 -15.60 -1.56 -13.64
N LEU C 21 -14.97 -1.52 -12.48
CA LEU C 21 -14.90 -0.32 -11.67
C LEU C 21 -13.47 -0.08 -11.22
N HIS C 22 -13.17 1.16 -10.89
CA HIS C 22 -11.85 1.52 -10.37
C HIS C 22 -12.01 2.52 -9.21
N ILE C 23 -12.80 2.16 -8.21
CA ILE C 23 -12.84 3.01 -7.03
C ILE C 23 -11.54 2.79 -6.26
N GLY C 24 -10.58 3.70 -6.45
CA GLY C 24 -9.23 3.45 -6.01
C GLY C 24 -9.00 3.67 -4.54
N SER C 25 -7.75 3.53 -4.14
CA SER C 25 -7.31 3.81 -2.77
C SER C 25 -5.81 4.13 -2.72
N ASN C 37 0.83 0.73 -7.40
CA ASN C 37 -0.31 0.48 -8.26
C ASN C 37 -1.61 0.86 -7.55
N PRO C 38 -2.48 1.60 -8.26
CA PRO C 38 -3.80 1.90 -7.69
C PRO C 38 -4.62 0.63 -7.55
N VAL C 39 -5.17 0.43 -6.37
CA VAL C 39 -5.92 -0.77 -6.06
C VAL C 39 -7.30 -0.38 -5.56
N ILE C 40 -8.23 -1.32 -5.65
CA ILE C 40 -9.63 -1.06 -5.31
C ILE C 40 -9.72 -1.15 -3.79
N LYS C 41 -10.83 -0.67 -3.23
CA LYS C 41 -11.06 -0.79 -1.79
C LYS C 41 -11.30 -2.26 -1.43
N ASP C 42 -10.46 -2.80 -0.56
CA ASP C 42 -10.53 -4.21 -0.16
C ASP C 42 -10.51 -4.32 1.36
N PRO C 43 -11.66 -4.48 2.00
CA PRO C 43 -11.72 -4.30 3.46
C PRO C 43 -11.04 -5.35 4.33
N HIS C 44 -11.55 -6.58 4.34
CA HIS C 44 -11.09 -7.58 5.30
C HIS C 44 -10.96 -8.98 4.73
N THR C 45 -11.59 -9.28 3.59
CA THR C 45 -11.55 -10.63 3.02
C THR C 45 -10.83 -10.67 1.69
N GLY C 46 -10.36 -9.54 1.18
CA GLY C 46 -9.76 -9.48 -0.12
C GLY C 46 -10.72 -9.16 -1.24
N LEU C 47 -12.03 -9.18 -0.98
CA LEU C 47 -13.01 -8.81 -1.97
C LEU C 47 -12.93 -7.32 -2.25
N PRO C 48 -13.39 -6.88 -3.41
CA PRO C 48 -13.64 -5.46 -3.62
C PRO C 48 -15.08 -5.15 -3.26
N TYR C 49 -15.40 -3.86 -3.26
CA TYR C 49 -16.75 -3.38 -2.99
C TYR C 49 -16.86 -1.93 -3.41
N ILE C 50 -18.05 -1.55 -3.86
CA ILE C 50 -18.36 -0.15 -4.05
C ILE C 50 -18.56 0.44 -2.66
N PRO C 51 -17.78 1.44 -2.25
CA PRO C 51 -18.10 2.14 -1.02
C PRO C 51 -19.31 3.02 -1.26
N GLY C 52 -20.25 3.00 -0.31
CA GLY C 52 -21.45 3.80 -0.42
C GLY C 52 -21.19 5.29 -0.45
N SER C 53 -20.02 5.72 0.02
CA SER C 53 -19.59 7.09 -0.13
C SER C 53 -19.46 7.48 -1.60
N SER C 54 -18.83 6.62 -2.40
CA SER C 54 -18.59 6.96 -3.79
C SER C 54 -19.87 6.96 -4.60
N LEU C 55 -20.80 6.06 -4.25
CA LEU C 55 -22.08 6.00 -4.94
C LEU C 55 -22.88 7.25 -4.68
N LYS C 56 -22.97 7.68 -3.41
CA LYS C 56 -23.66 8.91 -3.08
C LYS C 56 -22.96 10.12 -3.66
N GLY C 57 -21.63 10.10 -3.72
CA GLY C 57 -20.89 11.26 -4.20
C GLY C 57 -21.08 11.48 -5.69
N ARG C 58 -20.87 10.45 -6.51
CA ARG C 58 -21.13 10.57 -7.93
C ARG C 58 -22.61 10.83 -8.19
N LEU C 59 -23.47 10.25 -7.35
CA LEU C 59 -24.90 10.44 -7.48
C LEU C 59 -25.32 11.85 -7.10
N ARG C 60 -24.46 12.60 -6.42
CA ARG C 60 -24.73 14.02 -6.23
C ARG C 60 -24.00 14.93 -7.18
N SER C 61 -22.85 14.53 -7.69
CA SER C 61 -22.19 15.37 -8.70
C SER C 61 -23.03 15.45 -9.96
N LEU C 62 -23.56 14.32 -10.41
CA LEU C 62 -24.41 14.32 -11.60
C LEU C 62 -25.67 15.12 -11.37
N PHE C 63 -26.26 15.01 -10.19
CA PHE C 63 -27.49 15.70 -9.91
C PHE C 63 -27.27 17.19 -9.69
N GLU C 64 -26.14 17.56 -9.07
CA GLU C 64 -25.85 18.96 -8.85
C GLU C 64 -25.54 19.68 -10.15
N ILE C 65 -24.86 19.01 -11.08
CA ILE C 65 -24.60 19.66 -12.36
C ILE C 65 -25.87 19.71 -13.19
N LEU C 66 -26.78 18.73 -13.02
CA LEU C 66 -28.10 18.81 -13.63
C LEU C 66 -28.86 20.06 -13.17
N VAL C 67 -28.92 20.30 -11.87
CA VAL C 67 -29.62 21.50 -11.44
C VAL C 67 -28.80 22.76 -11.65
N ASN C 68 -27.48 22.64 -11.87
CA ASN C 68 -26.71 23.79 -12.29
C ASN C 68 -27.15 24.25 -13.66
N SER C 69 -27.39 23.30 -14.56
CA SER C 69 -27.94 23.66 -15.86
C SER C 69 -29.38 24.14 -15.74
N ARG C 70 -30.15 23.54 -14.83
CA ARG C 70 -31.59 23.75 -14.83
C ARG C 70 -32.07 24.66 -13.70
N LEU C 71 -31.22 25.55 -13.17
CA LEU C 71 -31.68 26.32 -12.02
C LEU C 71 -32.56 27.50 -12.42
N GLY C 72 -32.27 28.13 -13.55
CA GLY C 72 -33.01 29.33 -13.91
C GLY C 72 -34.42 29.08 -14.39
N GLU C 73 -34.81 27.83 -14.60
CA GLU C 73 -36.11 27.53 -15.18
C GLU C 73 -37.04 26.77 -14.26
N TRP C 74 -36.53 26.00 -13.30
CA TRP C 74 -37.43 25.45 -12.30
C TRP C 74 -37.99 26.57 -11.44
N ARG C 75 -37.17 27.11 -10.54
CA ARG C 75 -37.24 28.48 -10.00
C ARG C 75 -38.50 28.85 -9.23
N GLU C 76 -39.54 28.02 -9.29
CA GLU C 76 -40.78 28.22 -8.54
C GLU C 76 -41.10 26.99 -7.70
N LYS C 77 -41.10 25.82 -8.32
CA LYS C 77 -40.78 24.61 -7.60
C LYS C 77 -39.35 24.74 -7.12
N TYR C 78 -39.11 24.33 -5.86
CA TYR C 78 -37.86 24.48 -5.11
C TYR C 78 -37.47 25.96 -5.05
N PRO C 79 -38.19 26.76 -4.27
CA PRO C 79 -38.05 28.22 -4.39
C PRO C 79 -36.75 28.75 -3.83
N SER C 80 -36.10 28.02 -2.94
CA SER C 80 -34.82 28.47 -2.41
C SER C 80 -33.70 28.39 -3.44
N LEU C 81 -33.89 27.62 -4.50
CA LEU C 81 -32.95 27.61 -5.61
C LEU C 81 -33.37 28.66 -6.63
N ALA C 82 -33.24 29.92 -6.20
CA ALA C 82 -33.47 31.06 -7.08
C ALA C 82 -32.46 32.17 -6.92
N ASN C 83 -31.67 32.18 -5.85
CA ASN C 83 -30.73 33.25 -5.56
C ASN C 83 -29.32 32.86 -5.99
N TYR C 84 -29.21 32.05 -7.04
CA TYR C 84 -27.92 31.49 -7.37
C TYR C 84 -27.33 32.02 -8.67
N SER C 85 -28.04 31.92 -9.83
CA SER C 85 -27.58 32.42 -11.13
C SER C 85 -26.25 31.81 -11.57
N PRO C 86 -26.29 30.69 -12.31
CA PRO C 86 -25.26 29.64 -12.26
C PRO C 86 -23.82 30.08 -12.47
N GLY C 87 -22.92 29.32 -11.87
CA GLY C 87 -21.50 29.61 -11.88
C GLY C 87 -20.82 28.90 -10.74
N SER C 88 -19.49 28.95 -10.76
CA SER C 88 -18.72 28.53 -9.61
C SER C 88 -18.06 29.75 -8.99
N CYS C 89 -17.87 29.70 -7.67
CA CYS C 89 -17.28 30.81 -6.95
C CYS C 89 -15.77 30.71 -6.86
N ARG C 90 -15.14 30.03 -7.79
CA ARG C 90 -13.69 30.00 -7.89
C ARG C 90 -13.07 31.28 -8.46
N PRO C 91 -13.72 32.04 -9.41
CA PRO C 91 -13.18 33.38 -9.72
C PRO C 91 -13.17 34.35 -8.53
N ASP C 92 -14.31 34.57 -7.90
CA ASP C 92 -14.38 35.43 -6.71
C ASP C 92 -14.24 34.56 -5.47
N ASN C 93 -13.01 34.46 -4.97
CA ASN C 93 -12.63 33.45 -3.98
C ASN C 93 -13.21 33.80 -2.62
N GLN C 94 -14.51 33.53 -2.47
CA GLN C 94 -15.19 33.75 -1.21
C GLN C 94 -16.33 32.76 -1.07
N GLU C 95 -16.68 32.44 0.17
CA GLU C 95 -17.89 31.69 0.44
C GLU C 95 -19.11 32.58 0.24
N ASN C 96 -20.29 31.96 0.25
CA ASN C 96 -21.63 32.56 0.17
C ASN C 96 -21.87 33.43 -1.06
N CYS C 97 -20.96 33.37 -2.02
CA CYS C 97 -21.09 34.14 -3.25
C CYS C 97 -22.20 33.54 -4.08
N GLY C 98 -23.11 34.37 -4.56
CA GLY C 98 -24.26 33.87 -5.26
C GLY C 98 -23.91 33.50 -6.69
N LYS C 99 -23.23 32.38 -6.90
CA LYS C 99 -23.05 31.85 -8.25
C LYS C 99 -23.75 30.50 -8.41
N PHE C 100 -23.28 29.44 -7.76
CA PHE C 100 -24.19 28.41 -7.28
C PHE C 100 -23.70 27.83 -5.98
N PHE C 101 -22.39 27.61 -5.89
CA PHE C 101 -21.86 26.73 -4.86
C PHE C 101 -20.55 27.25 -4.29
N ASN C 102 -20.50 27.39 -2.97
CA ASN C 102 -19.25 27.82 -2.37
C ASN C 102 -18.39 26.71 -1.78
N ARG C 103 -18.61 26.39 -0.50
CA ARG C 103 -17.97 25.33 0.30
C ARG C 103 -16.52 24.97 -0.03
N LYS C 104 -15.61 25.93 0.05
CA LYS C 104 -14.21 25.68 -0.26
C LYS C 104 -13.61 24.76 0.81
N ILE C 105 -13.34 23.50 0.46
CA ILE C 105 -12.91 22.55 1.47
C ILE C 105 -11.40 22.61 1.64
N ASN C 106 -10.66 22.17 0.64
CA ASN C 106 -9.23 22.40 0.56
C ASN C 106 -8.81 22.90 -0.81
N ARG C 107 -9.40 22.35 -1.87
CA ARG C 107 -9.32 22.90 -3.21
C ARG C 107 -10.66 22.94 -3.91
N GLY C 108 -11.65 22.20 -3.44
CA GLY C 108 -12.86 21.99 -4.20
C GLY C 108 -13.97 22.91 -3.81
N TRP C 109 -15.01 22.92 -4.64
CA TRP C 109 -16.16 23.80 -4.45
C TRP C 109 -17.42 22.97 -4.74
N ILE C 110 -18.13 22.59 -3.69
CA ILE C 110 -19.31 21.74 -3.80
C ILE C 110 -20.53 22.57 -3.40
N HIS C 111 -21.71 22.01 -3.63
CA HIS C 111 -22.94 22.70 -3.28
C HIS C 111 -23.46 22.23 -1.93
N VAL C 112 -23.51 23.15 -0.97
CA VAL C 112 -24.19 22.95 0.30
C VAL C 112 -24.87 24.26 0.65
N CYS C 113 -26.16 24.22 0.89
CA CYS C 113 -26.85 25.41 1.35
C CYS C 113 -26.41 25.75 2.77
N PRO C 114 -26.11 26.99 3.07
CA PRO C 114 -25.50 27.30 4.37
C PRO C 114 -26.49 27.53 5.48
N ASP C 115 -27.75 27.14 5.31
CA ASP C 115 -28.73 27.26 6.37
C ASP C 115 -29.78 26.16 6.23
N TYR C 116 -30.40 25.83 7.36
CA TYR C 116 -31.43 24.79 7.35
C TYR C 116 -32.70 25.26 6.66
N GLU C 117 -33.07 26.52 6.85
CA GLU C 117 -34.32 27.04 6.29
C GLU C 117 -34.28 27.09 4.78
N THR C 118 -33.12 27.36 4.20
CA THR C 118 -33.00 27.31 2.75
C THR C 118 -33.00 25.87 2.27
N ALA C 119 -32.26 24.99 2.93
CA ALA C 119 -32.09 23.61 2.50
C ALA C 119 -33.26 22.72 2.86
N LEU C 120 -34.40 23.27 3.23
CA LEU C 120 -35.65 22.54 3.18
C LEU C 120 -36.26 22.59 1.79
N ALA C 121 -35.64 23.33 0.87
CA ALA C 121 -36.22 23.51 -0.44
C ALA C 121 -35.26 23.31 -1.60
N CYS C 122 -33.93 23.32 -1.40
CA CYS C 122 -33.02 23.11 -2.51
C CYS C 122 -33.00 21.65 -2.91
N PRO C 123 -33.33 21.31 -4.16
CA PRO C 123 -33.65 19.92 -4.48
C PRO C 123 -32.45 19.00 -4.46
N VAL C 124 -31.26 19.50 -4.73
CA VAL C 124 -30.07 18.70 -4.49
C VAL C 124 -29.78 18.65 -2.99
N CYS C 125 -29.79 19.82 -2.35
CA CYS C 125 -29.29 19.92 -0.99
C CYS C 125 -30.21 19.26 0.02
N ARG C 126 -31.50 19.22 -0.25
CA ARG C 126 -32.43 18.58 0.68
C ARG C 126 -32.54 17.09 0.45
N LEU C 127 -31.70 16.54 -0.42
CA LEU C 127 -31.67 15.11 -0.62
C LEU C 127 -30.27 14.57 -0.41
N PHE C 128 -29.31 15.41 -0.04
CA PHE C 128 -28.06 14.90 0.50
C PHE C 128 -27.49 15.78 1.62
N GLY C 129 -28.23 16.77 2.10
CA GLY C 129 -27.95 17.37 3.39
C GLY C 129 -27.10 18.63 3.30
N ALA C 130 -26.89 19.24 4.46
CA ALA C 130 -26.17 20.50 4.54
C ALA C 130 -25.49 20.64 5.87
N SER C 131 -24.30 21.24 5.85
CA SER C 131 -23.56 21.56 7.07
C SER C 131 -22.72 22.79 6.82
N GLY C 132 -21.73 23.02 7.68
CA GLY C 132 -21.00 24.27 7.67
C GLY C 132 -21.05 24.93 9.04
N LYS C 133 -21.77 26.05 9.14
CA LYS C 133 -21.96 26.73 10.41
C LYS C 133 -23.46 26.91 10.64
N GLU C 134 -23.95 26.25 11.70
CA GLU C 134 -25.29 26.45 12.26
C GLU C 134 -26.38 26.05 11.25
N SER C 135 -26.09 25.03 10.45
CA SER C 135 -27.05 24.56 9.46
C SER C 135 -27.56 23.17 9.75
N ASN C 136 -26.69 22.17 9.71
CA ASN C 136 -26.93 20.79 10.13
C ASN C 136 -28.16 20.17 9.47
N PHE C 137 -28.10 20.00 8.16
CA PHE C 137 -29.23 19.26 7.58
C PHE C 137 -28.85 17.81 7.38
N PRO C 138 -29.65 16.85 7.83
CA PRO C 138 -29.34 15.45 7.61
C PRO C 138 -29.66 15.05 6.18
N SER C 139 -28.90 14.07 5.67
CA SER C 139 -28.86 13.84 4.23
C SER C 139 -30.11 13.19 3.68
N ARG C 140 -31.03 12.72 4.52
CA ARG C 140 -32.29 12.07 4.16
C ARG C 140 -32.10 10.78 3.38
N ILE C 141 -30.88 10.29 3.23
CA ILE C 141 -30.64 9.11 2.40
C ILE C 141 -29.52 8.32 3.07
N ILE C 142 -29.52 7.02 2.85
CA ILE C 142 -28.49 6.14 3.39
C ILE C 142 -28.07 5.27 2.22
N VAL C 143 -26.88 5.51 1.69
CA VAL C 143 -26.37 4.74 0.59
C VAL C 143 -25.50 3.64 1.18
N ARG C 144 -26.07 2.46 1.34
CA ARG C 144 -25.34 1.31 1.84
C ARG C 144 -24.27 0.89 0.84
N ASP C 145 -23.09 0.56 1.34
CA ASP C 145 -22.05 0.03 0.47
C ASP C 145 -22.48 -1.32 -0.09
N ALA C 146 -22.26 -1.50 -1.39
CA ALA C 146 -22.68 -2.71 -2.08
C ALA C 146 -21.58 -3.76 -1.99
N PHE C 147 -21.97 -5.01 -1.74
CA PHE C 147 -21.04 -5.98 -1.19
C PHE C 147 -21.09 -7.36 -1.84
N LEU C 148 -21.04 -7.42 -3.18
CA LEU C 148 -20.65 -8.63 -3.93
C LEU C 148 -21.56 -9.83 -3.67
N THR C 149 -22.79 -9.74 -4.21
CA THR C 149 -23.85 -10.74 -4.01
C THR C 149 -23.43 -12.19 -4.27
N LYS C 150 -24.18 -13.14 -3.70
CA LYS C 150 -23.68 -14.47 -3.40
C LYS C 150 -23.38 -15.35 -4.61
N GLU C 151 -23.67 -14.89 -5.83
CA GLU C 151 -23.11 -15.56 -7.00
C GLU C 151 -21.60 -15.39 -7.03
N TRP C 152 -21.13 -14.15 -7.01
CA TRP C 152 -19.72 -13.89 -7.21
C TRP C 152 -18.89 -14.11 -5.94
N GLU C 153 -19.53 -14.28 -4.80
CA GLU C 153 -18.80 -14.73 -3.62
C GLU C 153 -18.38 -16.19 -3.77
N GLU C 154 -19.32 -17.04 -4.18
CA GLU C 154 -19.00 -18.45 -4.41
C GLU C 154 -18.17 -18.64 -5.67
N LYS C 155 -18.29 -17.72 -6.62
CA LYS C 155 -17.38 -17.70 -7.76
C LYS C 155 -15.95 -17.42 -7.31
N TRP C 156 -15.80 -16.53 -6.33
CA TRP C 156 -14.49 -16.16 -5.83
C TRP C 156 -13.81 -17.28 -5.05
N ARG C 157 -14.59 -18.20 -4.49
CA ARG C 157 -14.02 -19.20 -3.58
C ARG C 157 -13.15 -20.22 -4.31
N ALA C 158 -13.42 -20.46 -5.59
CA ALA C 158 -12.61 -21.36 -6.40
C ALA C 158 -11.57 -20.62 -7.23
N GLY C 159 -11.20 -19.41 -6.82
CA GLY C 159 -10.29 -18.60 -7.60
C GLY C 159 -11.00 -17.51 -8.37
N GLU C 160 -11.04 -17.65 -9.70
CA GLU C 160 -11.79 -16.87 -10.68
C GLU C 160 -11.34 -15.42 -10.83
N ALA C 161 -10.37 -14.95 -10.02
CA ALA C 161 -9.62 -13.70 -10.23
C ALA C 161 -10.54 -12.47 -10.31
N ILE C 162 -11.12 -12.13 -9.16
CA ILE C 162 -12.15 -11.09 -9.09
C ILE C 162 -11.66 -9.70 -9.49
N THR C 163 -10.36 -9.45 -9.49
CA THR C 163 -9.81 -8.21 -10.01
C THR C 163 -9.12 -8.48 -11.33
N GLU C 164 -8.68 -7.41 -11.99
CA GLU C 164 -8.07 -7.55 -13.31
C GLU C 164 -7.06 -6.43 -13.50
N ALA C 165 -5.78 -6.79 -13.57
CA ALA C 165 -4.73 -5.81 -13.78
C ALA C 165 -4.73 -5.35 -15.23
N LYS C 166 -5.01 -4.06 -15.44
CA LYS C 166 -5.12 -3.49 -16.78
C LYS C 166 -4.11 -2.38 -16.94
N ILE C 167 -3.32 -2.43 -18.02
CA ILE C 167 -2.18 -1.55 -18.22
C ILE C 167 -2.52 -0.57 -19.34
N GLU C 168 -2.32 0.71 -19.08
CA GLU C 168 -2.40 1.74 -20.11
C GLU C 168 -1.03 2.38 -20.29
N VAL C 169 -0.90 3.23 -21.31
CA VAL C 169 0.34 3.92 -21.59
C VAL C 169 0.07 5.37 -21.98
N GLY C 170 1.06 6.22 -21.73
CA GLY C 170 1.13 7.57 -22.27
C GLY C 170 1.94 7.69 -23.54
N ILE C 171 1.38 7.30 -24.69
CA ILE C 171 2.15 7.24 -25.93
C ILE C 171 2.48 8.65 -26.40
N ASP C 172 3.76 8.90 -26.70
CA ASP C 172 4.23 10.17 -27.22
C ASP C 172 4.10 10.20 -28.74
N ARG C 173 4.42 11.34 -29.35
CA ARG C 173 4.33 11.47 -30.79
C ARG C 173 5.58 11.99 -31.47
N VAL C 174 6.67 12.16 -30.75
CA VAL C 174 7.90 12.66 -31.36
C VAL C 174 8.98 11.61 -31.16
N THR C 175 8.82 10.77 -30.15
CA THR C 175 9.60 9.56 -29.99
C THR C 175 8.74 8.31 -30.04
N SER C 176 7.42 8.46 -29.90
CA SER C 176 6.44 7.36 -29.80
C SER C 176 6.80 6.37 -28.69
N GLN C 177 7.35 6.88 -27.59
CA GLN C 177 7.66 6.05 -26.44
C GLN C 177 6.40 5.80 -25.63
N ALA C 178 6.53 4.99 -24.59
CA ALA C 178 5.39 4.63 -23.76
C ALA C 178 5.87 4.34 -22.34
N ASN C 179 4.92 4.09 -21.46
CA ASN C 179 5.17 3.98 -20.03
C ASN C 179 4.06 3.25 -19.31
N PRO C 180 4.39 2.29 -18.43
CA PRO C 180 3.34 1.50 -17.77
C PRO C 180 2.60 2.31 -16.71
N ARG C 181 1.28 2.34 -16.83
CA ARG C 181 0.41 2.95 -15.82
C ARG C 181 -0.67 1.92 -15.51
N THR C 182 -0.38 1.00 -14.60
CA THR C 182 -1.30 -0.10 -14.33
C THR C 182 -2.50 0.39 -13.52
N ASN C 183 -3.58 -0.34 -13.61
CA ASN C 183 -4.79 0.19 -13.01
C ASN C 183 -5.48 -0.76 -12.07
N GLU C 184 -5.53 -2.06 -12.37
CA GLU C 184 -6.08 -3.11 -11.52
C GLU C 184 -7.55 -2.84 -11.18
N ARG C 185 -8.38 -2.92 -12.20
CA ARG C 185 -9.80 -2.66 -12.02
C ARG C 185 -10.56 -3.95 -11.72
N VAL C 186 -11.82 -3.78 -11.31
CA VAL C 186 -12.70 -4.91 -11.03
C VAL C 186 -13.10 -5.56 -12.35
N VAL C 187 -13.34 -6.87 -12.31
CA VAL C 187 -13.65 -7.67 -13.49
C VAL C 187 -14.99 -7.26 -14.09
N ALA C 188 -14.99 -7.03 -15.41
CA ALA C 188 -16.16 -6.59 -16.16
C ALA C 188 -17.30 -7.60 -16.09
N GLY C 189 -18.36 -7.23 -15.40
CA GLY C 189 -19.48 -8.11 -15.17
C GLY C 189 -19.36 -8.68 -13.77
N ALA C 190 -20.04 -8.05 -12.81
CA ALA C 190 -20.06 -8.50 -11.42
C ALA C 190 -21.22 -7.76 -10.75
N GLU C 191 -22.23 -8.50 -10.31
CA GLU C 191 -23.30 -7.85 -9.56
C GLU C 191 -22.83 -7.65 -8.12
N PHE C 192 -23.28 -6.55 -7.50
CA PHE C 192 -22.66 -6.09 -6.26
C PHE C 192 -23.59 -6.00 -5.05
N GLU C 193 -24.89 -6.34 -5.18
CA GLU C 193 -25.90 -6.26 -4.12
C GLU C 193 -26.05 -4.82 -3.61
N PHE C 194 -26.55 -3.98 -4.51
CA PHE C 194 -26.73 -2.55 -4.31
C PHE C 194 -27.96 -2.24 -3.47
N GLU C 195 -27.83 -1.31 -2.52
CA GLU C 195 -28.98 -0.92 -1.70
C GLU C 195 -29.02 0.59 -1.50
N ILE C 196 -30.23 1.10 -1.27
CA ILE C 196 -30.50 2.50 -0.98
C ILE C 196 -31.58 2.56 0.08
N ILE C 197 -31.32 3.28 1.17
CA ILE C 197 -32.32 3.53 2.20
C ILE C 197 -32.56 5.03 2.26
N TYR C 198 -33.84 5.41 2.34
CA TYR C 198 -34.22 6.82 2.20
C TYR C 198 -35.26 7.17 3.25
N ASN C 199 -35.02 8.27 3.98
CA ASN C 199 -36.00 8.77 4.93
C ASN C 199 -37.07 9.58 4.20
N VAL C 200 -38.31 9.42 4.61
CA VAL C 200 -39.45 9.97 3.87
C VAL C 200 -40.11 11.00 4.78
N GLU C 201 -39.31 11.79 5.48
CA GLU C 201 -39.84 12.98 6.13
C GLU C 201 -40.41 13.94 5.09
N ASN C 202 -41.39 14.73 5.51
CA ASN C 202 -42.05 15.76 4.69
C ASN C 202 -42.68 15.16 3.43
N THR C 203 -43.80 14.46 3.69
CA THR C 203 -44.50 13.64 2.69
C THR C 203 -44.86 14.37 1.41
N THR C 204 -45.04 15.70 1.46
CA THR C 204 -45.31 16.46 0.25
C THR C 204 -44.09 16.60 -0.65
N HIS C 205 -42.88 16.45 -0.10
CA HIS C 205 -41.65 16.52 -0.88
C HIS C 205 -41.35 15.20 -1.58
N TRP C 206 -41.92 14.10 -1.09
CA TRP C 206 -41.39 12.75 -1.33
C TRP C 206 -41.44 12.33 -2.80
N ARG C 207 -42.54 12.62 -3.51
CA ARG C 207 -42.70 12.14 -4.89
C ARG C 207 -41.61 12.69 -5.80
N ASP C 208 -41.45 14.01 -5.78
CA ASP C 208 -40.39 14.66 -6.53
C ASP C 208 -39.02 14.27 -6.03
N ASP C 209 -38.90 13.93 -4.74
CA ASP C 209 -37.62 13.55 -4.18
C ASP C 209 -37.13 12.21 -4.72
N ILE C 210 -37.96 11.18 -4.65
CA ILE C 210 -37.50 9.90 -5.16
C ILE C 210 -37.50 9.88 -6.68
N LYS C 211 -38.29 10.75 -7.32
CA LYS C 211 -38.13 10.94 -8.76
C LYS C 211 -36.77 11.57 -9.07
N ASN C 212 -36.29 12.44 -8.19
CA ASN C 212 -35.00 13.08 -8.39
C ASN C 212 -33.86 12.11 -8.13
N LEU C 213 -34.02 11.24 -7.14
CA LEU C 213 -33.01 10.20 -6.89
C LEU C 213 -32.95 9.23 -8.06
N LEU C 214 -34.10 8.86 -8.61
CA LEU C 214 -34.11 8.01 -9.79
C LEU C 214 -33.57 8.74 -11.00
N THR C 215 -33.74 10.06 -11.06
CA THR C 215 -33.13 10.85 -12.12
C THR C 215 -31.62 10.81 -12.03
N ALA C 216 -31.10 10.96 -10.81
CA ALA C 216 -29.65 10.92 -10.61
C ALA C 216 -29.09 9.53 -10.88
N MET C 217 -29.85 8.49 -10.55
CA MET C 217 -29.42 7.14 -10.89
C MET C 217 -29.50 6.89 -12.38
N ALA C 218 -30.46 7.51 -13.06
CA ALA C 218 -30.55 7.44 -14.51
C ALA C 218 -29.49 8.29 -15.20
N LEU C 219 -28.85 9.23 -14.48
CA LEU C 219 -27.66 9.85 -15.04
C LEU C 219 -26.51 8.88 -15.04
N LEU C 220 -26.47 7.96 -14.09
CA LEU C 220 -25.63 6.79 -14.26
C LEU C 220 -26.31 5.85 -15.25
N GLU C 221 -25.57 4.80 -15.64
CA GLU C 221 -25.69 3.97 -16.84
C GLU C 221 -25.39 4.76 -18.12
N ASP C 222 -25.05 6.05 -18.01
CA ASP C 222 -24.67 6.86 -19.15
C ASP C 222 -23.50 7.77 -18.81
N SER C 223 -22.88 7.58 -17.66
CA SER C 223 -21.68 8.31 -17.28
C SER C 223 -20.89 7.40 -16.36
N TYR C 224 -19.71 7.87 -15.98
CA TYR C 224 -18.73 7.04 -15.30
C TYR C 224 -18.97 7.04 -13.80
N LEU C 225 -19.14 5.86 -13.22
CA LEU C 225 -18.76 5.69 -11.82
C LEU C 225 -17.29 5.39 -11.72
N GLY C 226 -16.78 5.48 -10.49
CA GLY C 226 -15.61 4.73 -10.11
C GLY C 226 -14.30 5.07 -10.77
N GLY C 227 -13.74 6.23 -10.48
CA GLY C 227 -12.36 6.44 -10.86
C GLY C 227 -12.19 6.84 -12.30
N SER C 228 -11.14 6.32 -12.94
CA SER C 228 -10.67 6.81 -14.23
C SER C 228 -11.66 6.41 -15.32
N GLY C 229 -12.79 7.11 -15.35
CA GLY C 229 -13.82 6.86 -16.31
C GLY C 229 -13.52 7.54 -17.63
N SER C 230 -14.57 7.69 -18.43
CA SER C 230 -14.58 8.34 -19.75
C SER C 230 -13.68 7.66 -20.77
N ARG C 231 -13.07 6.54 -20.43
CA ARG C 231 -12.23 5.75 -21.33
C ARG C 231 -12.50 4.27 -21.10
N GLY C 232 -13.69 3.94 -20.61
CA GLY C 232 -14.01 2.63 -20.09
C GLY C 232 -14.35 2.79 -18.62
N TYR C 233 -14.17 1.72 -17.84
CA TYR C 233 -14.09 1.72 -16.39
C TYR C 233 -15.36 2.14 -15.66
N GLY C 234 -16.43 2.47 -16.35
CA GLY C 234 -17.64 2.83 -15.65
C GLY C 234 -18.74 1.88 -16.07
N LYS C 235 -19.77 2.43 -16.71
CA LYS C 235 -20.83 1.69 -17.42
C LYS C 235 -21.49 0.68 -16.50
N VAL C 236 -22.16 1.19 -15.48
CA VAL C 236 -22.79 0.37 -14.50
C VAL C 236 -24.28 0.27 -14.85
N LYS C 237 -24.95 -0.69 -14.22
CA LYS C 237 -26.35 -0.91 -14.53
C LYS C 237 -27.07 -1.32 -13.26
N PHE C 238 -28.10 -0.56 -12.88
CA PHE C 238 -28.93 -0.87 -11.73
C PHE C 238 -30.09 -1.75 -12.19
N ILE C 239 -30.24 -2.93 -11.57
CA ILE C 239 -31.29 -3.86 -11.95
C ILE C 239 -32.22 -4.01 -10.75
N PHE C 240 -32.51 -2.89 -10.08
CA PHE C 240 -33.05 -2.92 -8.72
C PHE C 240 -34.39 -3.66 -8.62
N ASP C 241 -34.45 -4.59 -7.67
CA ASP C 241 -35.58 -5.50 -7.57
C ASP C 241 -36.73 -4.89 -6.77
N SER C 242 -36.51 -4.65 -5.49
CA SER C 242 -37.63 -4.52 -4.56
C SER C 242 -37.66 -3.12 -3.94
N PHE C 243 -38.51 -2.26 -4.50
CA PHE C 243 -38.98 -1.10 -3.77
C PHE C 243 -39.77 -1.56 -2.56
N GLU C 244 -39.37 -1.14 -1.37
CA GLU C 244 -40.11 -1.48 -0.17
C GLU C 244 -40.59 -0.22 0.53
N PHE C 245 -41.20 -0.42 1.69
CA PHE C 245 -41.68 0.67 2.52
C PHE C 245 -41.74 0.19 3.96
N ARG C 246 -41.49 1.09 4.89
CA ARG C 246 -41.42 0.77 6.30
C ARG C 246 -42.12 1.88 7.08
N PRO C 247 -43.45 2.01 6.94
CA PRO C 247 -44.12 3.30 7.23
C PRO C 247 -44.06 3.80 8.67
N LEU C 248 -44.79 3.15 9.56
CA LEU C 248 -44.56 3.31 10.98
C LEU C 248 -44.90 2.03 11.71
N ASP C 249 -45.33 0.99 11.01
CA ASP C 249 -45.76 -0.24 11.63
C ASP C 249 -44.77 -1.37 11.45
N TYR C 250 -43.78 -1.21 10.56
CA TYR C 250 -42.72 -2.20 10.43
C TYR C 250 -41.82 -2.23 11.65
N TYR C 251 -41.79 -1.16 12.43
CA TYR C 251 -40.90 -1.09 13.57
C TYR C 251 -41.58 -1.43 14.89
N ARG C 252 -42.81 -0.95 15.11
CA ARG C 252 -43.59 -1.32 16.29
C ARG C 252 -44.07 -2.77 16.24
N THR C 253 -44.00 -3.39 15.08
CA THR C 253 -44.48 -4.73 14.75
C THR C 253 -43.56 -5.24 13.65
N GLY C 254 -44.07 -6.00 12.70
CA GLY C 254 -43.24 -6.37 11.57
C GLY C 254 -43.45 -7.77 11.07
N LYS C 255 -44.54 -8.40 11.53
CA LYS C 255 -44.94 -9.69 10.98
C LYS C 255 -45.32 -9.57 9.51
N ASP C 256 -46.04 -8.51 9.16
CA ASP C 256 -46.63 -8.35 7.82
C ASP C 256 -46.62 -6.86 7.47
N GLU C 257 -47.45 -6.50 6.49
CA GLU C 257 -47.87 -5.12 6.21
C GLU C 257 -46.72 -4.20 5.79
N ASP C 258 -46.11 -4.55 4.66
CA ASP C 258 -45.19 -3.64 3.99
C ASP C 258 -45.25 -3.89 2.50
N ILE C 259 -44.98 -2.84 1.73
CA ILE C 259 -45.12 -2.88 0.27
C ILE C 259 -43.92 -3.61 -0.33
N VAL C 260 -44.18 -4.51 -1.27
CA VAL C 260 -43.14 -5.14 -2.07
C VAL C 260 -43.53 -5.00 -3.53
N SER C 261 -42.69 -4.32 -4.31
CA SER C 261 -43.00 -3.96 -5.68
C SER C 261 -42.48 -5.01 -6.67
N ILE C 262 -42.67 -4.73 -7.95
CA ILE C 262 -42.26 -5.64 -9.01
C ILE C 262 -40.75 -5.58 -9.19
N ASP C 263 -40.15 -6.72 -9.57
CA ASP C 263 -38.72 -6.92 -9.37
C ASP C 263 -37.92 -7.15 -10.64
N ALA C 264 -38.40 -8.02 -11.54
CA ALA C 264 -37.55 -8.78 -12.45
C ALA C 264 -36.69 -7.98 -13.43
N ARG C 265 -37.31 -7.29 -14.37
CA ARG C 265 -36.60 -6.64 -15.47
C ARG C 265 -36.92 -5.15 -15.52
N GLU C 266 -36.81 -4.51 -14.37
CA GLU C 266 -37.18 -3.10 -14.26
C GLU C 266 -36.01 -2.26 -14.73
N LYS C 267 -36.05 -1.84 -15.99
CA LYS C 267 -35.03 -0.95 -16.52
C LYS C 267 -35.24 0.45 -15.96
N SER C 268 -34.17 1.04 -15.43
CA SER C 268 -34.28 2.31 -14.69
C SER C 268 -34.66 3.47 -15.59
N VAL C 269 -34.34 3.40 -16.89
CA VAL C 269 -34.78 4.44 -17.81
C VAL C 269 -36.26 4.26 -18.17
N SER C 270 -36.84 3.10 -17.85
CA SER C 270 -38.27 2.87 -17.97
C SER C 270 -38.98 2.84 -16.63
N ASP C 271 -38.28 2.50 -15.54
CA ASP C 271 -38.87 2.50 -14.22
C ASP C 271 -39.20 3.90 -13.73
N ILE C 272 -38.57 4.92 -14.32
CA ILE C 272 -38.57 6.28 -13.76
C ILE C 272 -39.98 6.88 -13.74
N LEU C 273 -40.74 6.72 -14.82
CA LEU C 273 -42.17 7.05 -14.72
C LEU C 273 -43.11 6.08 -15.41
N SER C 274 -42.64 5.20 -16.31
CA SER C 274 -43.58 4.41 -17.10
C SER C 274 -44.21 3.27 -16.31
N GLY C 275 -43.72 2.99 -15.12
CA GLY C 275 -44.37 2.07 -14.21
C GLY C 275 -44.35 2.62 -12.80
N PHE C 276 -43.79 3.82 -12.65
CA PHE C 276 -43.59 4.39 -11.33
C PHE C 276 -44.90 4.84 -10.71
N ASP C 277 -45.78 5.48 -11.49
CA ASP C 277 -47.07 5.86 -10.93
C ASP C 277 -47.99 4.65 -10.75
N SER C 278 -47.72 3.55 -11.45
CA SER C 278 -48.34 2.28 -11.11
C SER C 278 -47.71 1.65 -9.89
N LEU C 279 -46.56 2.17 -9.45
CA LEU C 279 -45.88 1.73 -8.24
C LEU C 279 -46.06 2.74 -7.11
N PHE C 280 -46.29 4.01 -7.47
CA PHE C 280 -46.50 5.06 -6.49
C PHE C 280 -47.84 4.90 -5.79
N SER C 281 -48.88 4.50 -6.53
CA SER C 281 -50.25 4.52 -6.02
C SER C 281 -50.52 3.45 -4.98
N GLU C 282 -49.74 2.37 -4.96
CA GLU C 282 -49.83 1.42 -3.86
C GLU C 282 -49.29 2.03 -2.59
N VAL C 283 -48.20 2.79 -2.68
CA VAL C 283 -47.66 3.48 -1.52
C VAL C 283 -48.53 4.66 -1.12
N GLU C 284 -49.28 5.22 -2.07
CA GLU C 284 -50.38 6.13 -1.73
C GLU C 284 -51.48 5.43 -0.92
N GLY C 285 -51.57 4.10 -1.01
CA GLY C 285 -52.56 3.38 -0.23
C GLY C 285 -52.30 3.44 1.27
N LYS C 286 -51.04 3.47 1.68
CA LYS C 286 -50.74 3.70 3.08
C LYS C 286 -50.72 5.20 3.40
N LEU C 287 -49.74 5.91 2.83
CA LEU C 287 -49.63 7.38 2.77
C LEU C 287 -49.43 8.06 4.13
N GLU C 288 -49.54 7.32 5.23
CA GLU C 288 -49.51 7.92 6.56
C GLU C 288 -48.37 7.35 7.39
N MET D 1 -16.78 29.92 -15.11
CA MET D 1 -16.44 28.52 -14.79
C MET D 1 -17.70 27.72 -14.51
N ASP D 2 -18.06 26.85 -15.44
CA ASP D 2 -19.24 26.02 -15.33
C ASP D 2 -19.09 24.78 -16.18
N ARG D 3 -19.46 23.62 -15.64
CA ARG D 3 -19.63 22.47 -16.51
C ARG D 3 -20.95 22.58 -17.27
N ARG D 4 -22.07 22.52 -16.55
CA ARG D 4 -23.40 22.90 -17.02
C ARG D 4 -23.83 22.08 -18.24
N PHE D 5 -24.03 20.78 -18.03
CA PHE D 5 -24.33 19.93 -19.17
C PHE D 5 -25.83 19.84 -19.39
N TYR D 6 -26.19 19.68 -20.66
CA TYR D 6 -27.51 19.21 -21.06
C TYR D 6 -27.33 18.64 -22.45
N GLY D 7 -27.59 17.35 -22.62
CA GLY D 7 -26.99 16.72 -23.77
C GLY D 7 -26.81 15.22 -23.71
N LYS D 8 -25.56 14.78 -23.82
CA LYS D 8 -25.15 13.38 -24.02
C LYS D 8 -25.73 12.83 -25.33
N ILE D 9 -25.24 13.39 -26.44
CA ILE D 9 -25.39 12.72 -27.72
C ILE D 9 -24.58 11.44 -27.68
N VAL D 10 -25.15 10.36 -28.20
CA VAL D 10 -24.49 9.07 -28.18
C VAL D 10 -24.42 8.53 -29.59
N ILE D 11 -23.37 7.77 -29.87
CA ILE D 11 -23.24 7.02 -31.11
C ILE D 11 -22.98 5.57 -30.70
N LYS D 12 -23.68 4.64 -31.36
CA LYS D 12 -23.61 3.23 -30.97
C LYS D 12 -22.66 2.43 -31.86
N GLY D 13 -21.56 3.03 -32.28
CA GLY D 13 -20.33 2.32 -32.62
C GLY D 13 -20.31 1.34 -33.77
N LYS D 14 -20.20 0.04 -33.45
CA LYS D 14 -20.08 -1.06 -34.42
C LYS D 14 -18.84 -0.87 -35.31
N ILE D 15 -17.69 -1.13 -34.70
CA ILE D 15 -16.41 -1.13 -35.44
C ILE D 15 -16.12 -2.56 -35.85
N LYS D 16 -16.64 -2.94 -37.02
CA LYS D 16 -16.23 -4.17 -37.65
C LYS D 16 -14.85 -3.98 -38.26
N ALA D 17 -13.81 -4.31 -37.51
CA ALA D 17 -12.46 -4.19 -38.02
C ALA D 17 -12.21 -5.23 -39.11
N VAL D 18 -11.60 -4.80 -40.20
CA VAL D 18 -11.17 -5.72 -41.25
C VAL D 18 -9.66 -5.64 -41.32
N THR D 19 -9.04 -6.76 -41.74
CA THR D 19 -7.59 -6.98 -41.79
C THR D 19 -6.94 -6.79 -40.42
N GLY D 20 -7.37 -7.63 -39.48
CA GLY D 20 -6.66 -7.84 -38.24
C GLY D 20 -6.83 -6.73 -37.23
N LEU D 21 -6.48 -7.06 -35.98
CA LEU D 21 -6.48 -6.11 -34.87
C LEU D 21 -5.65 -6.74 -33.76
N HIS D 22 -4.59 -6.06 -33.32
CA HIS D 22 -3.72 -6.59 -32.27
C HIS D 22 -3.57 -5.53 -31.18
N ILE D 23 -4.41 -5.61 -30.18
CA ILE D 23 -4.26 -4.81 -28.97
C ILE D 23 -3.59 -5.69 -27.93
N GLY D 24 -2.66 -5.13 -27.15
CA GLY D 24 -1.74 -5.92 -26.35
C GLY D 24 -1.95 -5.77 -24.85
N SER D 25 -1.57 -6.81 -24.12
CA SER D 25 -1.64 -6.81 -22.65
C SER D 25 -0.68 -7.88 -22.13
N GLN D 26 -0.84 -8.25 -20.86
CA GLN D 26 -0.03 -9.29 -20.26
C GLN D 26 -0.86 -10.54 -19.94
N PRO D 38 -0.37 -10.84 -27.30
CA PRO D 38 -1.58 -11.45 -26.76
C PRO D 38 -2.69 -10.44 -26.57
N VAL D 39 -3.92 -10.79 -26.97
CA VAL D 39 -5.08 -9.94 -26.79
C VAL D 39 -5.47 -9.84 -25.32
N ILE D 40 -6.39 -8.94 -25.02
CA ILE D 40 -6.37 -8.23 -23.75
C ILE D 40 -7.50 -8.62 -22.81
N LYS D 41 -8.18 -9.75 -23.03
CA LYS D 41 -9.30 -10.05 -22.14
C LYS D 41 -8.76 -10.54 -20.80
N ASP D 42 -8.72 -9.63 -19.84
CA ASP D 42 -8.51 -9.93 -18.44
C ASP D 42 -9.75 -10.49 -17.75
N PRO D 43 -11.03 -10.01 -18.01
CA PRO D 43 -12.17 -10.63 -17.34
C PRO D 43 -12.49 -12.05 -17.74
N HIS D 44 -13.59 -12.55 -17.19
CA HIS D 44 -13.82 -13.99 -17.13
C HIS D 44 -14.21 -14.56 -18.49
N THR D 45 -15.07 -13.88 -19.24
CA THR D 45 -15.42 -14.39 -20.56
C THR D 45 -14.29 -14.02 -21.50
N GLY D 46 -13.33 -14.94 -21.63
CA GLY D 46 -12.16 -14.76 -22.49
C GLY D 46 -12.54 -14.54 -23.93
N LEU D 47 -12.01 -13.48 -24.52
CA LEU D 47 -12.63 -12.90 -25.69
C LEU D 47 -11.64 -11.93 -26.30
N PRO D 48 -11.94 -11.30 -27.40
CA PRO D 48 -11.31 -10.00 -27.67
C PRO D 48 -12.23 -8.87 -27.26
N TYR D 49 -11.67 -7.71 -26.93
CA TYR D 49 -12.45 -6.49 -26.77
C TYR D 49 -11.49 -5.31 -26.91
N ILE D 50 -12.04 -4.16 -27.24
CA ILE D 50 -11.28 -2.92 -27.37
C ILE D 50 -11.55 -2.07 -26.14
N PRO D 51 -10.54 -1.74 -25.36
CA PRO D 51 -10.80 -1.32 -23.98
C PRO D 51 -11.05 0.15 -23.81
N GLY D 52 -11.77 0.81 -24.71
CA GLY D 52 -12.08 2.21 -24.50
C GLY D 52 -10.89 3.15 -24.63
N SER D 53 -9.95 3.04 -23.68
CA SER D 53 -8.81 3.93 -23.61
C SER D 53 -7.87 3.78 -24.79
N SER D 54 -7.79 2.58 -25.37
CA SER D 54 -7.03 2.43 -26.59
C SER D 54 -7.76 3.04 -27.78
N LEU D 55 -9.06 3.23 -27.68
CA LEU D 55 -9.75 3.96 -28.72
C LEU D 55 -9.70 5.45 -28.45
N LYS D 56 -9.83 5.85 -27.18
CA LYS D 56 -9.81 7.27 -26.84
C LYS D 56 -8.45 7.88 -27.10
N GLY D 57 -7.38 7.20 -26.70
CA GLY D 57 -6.04 7.74 -26.91
C GLY D 57 -5.66 7.78 -28.38
N ARG D 58 -6.08 6.77 -29.15
CA ARG D 58 -5.81 6.80 -30.58
C ARG D 58 -6.68 7.82 -31.29
N LEU D 59 -7.82 8.17 -30.71
CA LEU D 59 -8.58 9.31 -31.23
C LEU D 59 -7.85 10.61 -30.92
N ARG D 60 -7.38 10.76 -29.68
CA ARG D 60 -6.88 12.04 -29.21
C ARG D 60 -5.54 12.38 -29.83
N SER D 61 -4.64 11.40 -29.93
CA SER D 61 -3.31 11.68 -30.49
C SER D 61 -3.40 12.01 -31.97
N LEU D 62 -4.32 11.35 -32.68
CA LEU D 62 -4.50 11.64 -34.09
C LEU D 62 -5.17 12.99 -34.31
N PHE D 63 -6.14 13.33 -33.45
CA PHE D 63 -6.78 14.63 -33.56
C PHE D 63 -5.82 15.77 -33.24
N GLU D 64 -4.96 15.59 -32.25
CA GLU D 64 -4.01 16.65 -31.96
C GLU D 64 -2.88 16.69 -32.97
N ILE D 65 -2.58 15.59 -33.67
CA ILE D 65 -1.69 15.70 -34.82
C ILE D 65 -2.34 16.49 -35.95
N LEU D 66 -3.66 16.35 -36.14
CA LEU D 66 -4.35 17.20 -37.11
C LEU D 66 -4.30 18.67 -36.69
N VAL D 67 -4.54 18.95 -35.41
CA VAL D 67 -4.57 20.33 -34.93
C VAL D 67 -3.18 20.95 -34.97
N ASN D 68 -2.13 20.14 -34.82
CA ASN D 68 -0.76 20.62 -34.92
C ASN D 68 -0.44 21.19 -36.30
N SER D 69 -0.94 20.58 -37.36
CA SER D 69 -0.72 21.12 -38.70
C SER D 69 -1.77 22.13 -39.11
N ARG D 70 -2.98 22.07 -38.56
CA ARG D 70 -4.04 22.96 -38.99
C ARG D 70 -4.30 24.11 -38.03
N LEU D 71 -3.36 24.41 -37.13
CA LEU D 71 -3.55 25.54 -36.23
C LEU D 71 -3.31 26.87 -36.94
N GLY D 72 -2.64 26.84 -38.08
CA GLY D 72 -2.31 28.06 -38.79
C GLY D 72 -3.50 28.78 -39.40
N GLU D 73 -4.65 28.14 -39.49
CA GLU D 73 -5.79 28.78 -40.12
C GLU D 73 -7.02 28.88 -39.23
N TRP D 74 -7.18 28.03 -38.21
CA TRP D 74 -8.22 28.29 -37.24
C TRP D 74 -7.86 29.53 -36.43
N ARG D 75 -6.93 29.40 -35.49
CA ARG D 75 -6.06 30.44 -34.94
C ARG D 75 -6.73 31.64 -34.28
N GLU D 76 -8.02 31.85 -34.53
CA GLU D 76 -8.87 32.83 -33.86
C GLU D 76 -10.11 32.17 -33.29
N LYS D 77 -10.81 31.39 -34.12
CA LYS D 77 -11.67 30.34 -33.59
C LYS D 77 -10.81 29.40 -32.77
N TYR D 78 -11.33 29.00 -31.59
CA TYR D 78 -10.58 28.40 -30.50
C TYR D 78 -9.40 29.29 -30.16
N PRO D 79 -9.64 30.43 -29.49
CA PRO D 79 -8.59 31.46 -29.37
C PRO D 79 -7.45 31.07 -28.47
N SER D 80 -7.67 30.20 -27.49
CA SER D 80 -6.59 29.79 -26.60
C SER D 80 -5.59 28.85 -27.26
N LEU D 81 -5.88 28.38 -28.48
CA LEU D 81 -4.90 27.65 -29.25
C LEU D 81 -3.72 28.54 -29.65
N ALA D 82 -3.96 29.84 -29.80
CA ALA D 82 -2.96 30.81 -30.26
C ALA D 82 -1.82 31.05 -29.24
N ASN D 83 -1.74 30.39 -28.10
CA ASN D 83 -0.60 30.52 -27.21
C ASN D 83 0.52 29.54 -27.54
N TYR D 84 0.43 28.84 -28.67
CA TYR D 84 1.35 27.74 -28.93
C TYR D 84 1.99 27.88 -30.31
N SER D 85 3.05 27.11 -30.49
CA SER D 85 3.81 26.93 -31.70
C SER D 85 3.60 25.53 -32.24
N PRO D 86 3.70 25.32 -33.56
CA PRO D 86 3.54 23.98 -34.11
C PRO D 86 4.74 23.06 -33.95
N GLY D 87 5.71 23.44 -33.12
CA GLY D 87 6.91 22.65 -32.92
C GLY D 87 6.71 21.51 -31.93
N SER D 88 7.81 21.15 -31.28
CA SER D 88 7.84 20.07 -30.31
C SER D 88 8.75 20.44 -29.14
N CYS D 89 8.34 20.03 -27.95
CA CYS D 89 9.10 20.28 -26.72
C CYS D 89 10.15 19.21 -26.46
N ARG D 90 10.55 18.48 -27.51
CA ARG D 90 11.61 17.48 -27.35
C ARG D 90 12.97 18.08 -27.00
N PRO D 91 13.54 19.12 -27.75
CA PRO D 91 14.87 19.60 -27.36
C PRO D 91 14.88 20.32 -26.02
N ASP D 92 14.04 21.34 -25.87
CA ASP D 92 13.93 22.05 -24.61
C ASP D 92 13.08 21.24 -23.64
N ASN D 93 13.73 20.60 -22.66
CA ASN D 93 13.07 19.67 -21.77
C ASN D 93 12.49 20.37 -20.54
N GLN D 94 11.69 21.39 -20.80
CA GLN D 94 10.91 22.05 -19.76
C GLN D 94 9.44 21.69 -19.95
N GLU D 95 8.72 21.60 -18.84
CA GLU D 95 7.35 21.11 -18.82
C GLU D 95 6.35 22.06 -19.46
N ASN D 96 6.76 23.30 -19.73
CA ASN D 96 5.99 24.21 -20.56
C ASN D 96 6.97 25.10 -21.29
N CYS D 97 6.74 25.28 -22.59
CA CYS D 97 7.73 25.96 -23.42
C CYS D 97 7.10 27.01 -24.32
N GLY D 98 5.80 26.87 -24.57
CA GLY D 98 5.12 27.71 -25.53
C GLY D 98 4.84 27.04 -26.86
N LYS D 99 5.07 25.73 -26.96
CA LYS D 99 4.75 24.96 -28.17
C LYS D 99 3.58 24.04 -27.87
N PHE D 100 2.93 23.56 -28.92
CA PHE D 100 1.71 22.76 -28.81
C PHE D 100 2.04 21.28 -28.53
N PHE D 101 2.82 21.09 -27.46
CA PHE D 101 3.25 19.83 -26.86
C PHE D 101 3.89 20.18 -25.53
N ASN D 102 3.43 19.54 -24.46
CA ASN D 102 3.93 19.79 -23.11
C ASN D 102 3.72 18.52 -22.31
N ARG D 103 3.69 18.64 -20.98
CA ARG D 103 3.15 17.63 -20.06
C ARG D 103 3.91 16.31 -20.16
N LYS D 104 5.13 16.35 -19.63
CA LYS D 104 5.94 15.15 -19.45
C LYS D 104 5.19 14.12 -18.61
N ILE D 105 4.80 13.00 -19.22
CA ILE D 105 4.05 11.98 -18.49
C ILE D 105 5.01 11.16 -17.65
N ASN D 106 5.85 10.40 -18.30
CA ASN D 106 7.06 9.91 -17.66
C ASN D 106 8.29 10.18 -18.49
N ARG D 107 8.21 9.96 -19.81
CA ARG D 107 9.23 10.39 -20.75
C ARG D 107 8.66 10.98 -22.03
N GLY D 108 7.37 10.81 -22.30
CA GLY D 108 6.75 11.35 -23.49
C GLY D 108 6.10 12.69 -23.24
N TRP D 109 5.37 13.18 -24.25
CA TRP D 109 4.75 14.49 -24.19
C TRP D 109 3.37 14.45 -24.83
N ILE D 110 2.37 15.00 -24.13
CA ILE D 110 1.01 15.11 -24.66
C ILE D 110 0.52 16.54 -24.49
N HIS D 111 -0.53 16.89 -25.24
CA HIS D 111 -1.08 18.23 -25.13
C HIS D 111 -2.02 18.30 -23.94
N VAL D 112 -1.69 19.16 -22.98
CA VAL D 112 -2.52 19.42 -21.81
C VAL D 112 -2.45 20.91 -21.53
N CYS D 113 -3.57 21.59 -21.62
CA CYS D 113 -3.60 22.99 -21.18
C CYS D 113 -3.63 23.02 -19.66
N PRO D 114 -2.65 23.63 -19.01
CA PRO D 114 -2.58 23.58 -17.54
C PRO D 114 -3.48 24.58 -16.83
N ASP D 115 -4.39 25.22 -17.53
CA ASP D 115 -5.35 26.14 -16.95
C ASP D 115 -6.76 25.60 -17.23
N TYR D 116 -7.75 26.27 -16.69
CA TYR D 116 -9.14 25.97 -17.05
C TYR D 116 -9.56 26.77 -18.27
N GLU D 117 -9.39 28.09 -18.22
CA GLU D 117 -9.93 28.95 -19.26
C GLU D 117 -9.14 28.84 -20.56
N THR D 118 -7.88 28.39 -20.48
CA THR D 118 -7.17 28.06 -21.72
C THR D 118 -7.53 26.68 -22.22
N ALA D 119 -7.99 25.80 -21.34
CA ALA D 119 -8.50 24.51 -21.78
C ALA D 119 -9.95 24.58 -22.20
N LEU D 120 -10.69 25.61 -21.78
CA LEU D 120 -12.09 25.72 -22.17
C LEU D 120 -12.25 26.08 -23.64
N ALA D 121 -11.23 26.69 -24.25
CA ALA D 121 -11.30 27.07 -25.64
C ALA D 121 -10.50 26.18 -26.56
N CYS D 122 -9.52 25.43 -26.05
CA CYS D 122 -8.58 24.64 -26.87
C CYS D 122 -9.29 23.53 -27.62
N PRO D 123 -9.13 23.42 -28.95
CA PRO D 123 -10.02 22.55 -29.73
C PRO D 123 -9.77 21.06 -29.54
N VAL D 124 -8.66 20.67 -28.94
CA VAL D 124 -8.45 19.30 -28.51
C VAL D 124 -8.83 19.12 -27.05
N CYS D 125 -8.36 20.04 -26.20
CA CYS D 125 -8.47 19.87 -24.76
C CYS D 125 -9.88 20.12 -24.25
N ARG D 126 -10.74 20.76 -25.06
CA ARG D 126 -12.14 20.87 -24.68
C ARG D 126 -12.92 19.61 -24.96
N LEU D 127 -12.25 18.59 -25.49
CA LEU D 127 -12.90 17.36 -25.88
C LEU D 127 -12.13 16.13 -25.42
N PHE D 128 -10.95 16.31 -24.81
CA PHE D 128 -10.25 15.18 -24.23
C PHE D 128 -9.59 15.48 -22.90
N GLY D 129 -9.94 16.60 -22.25
CA GLY D 129 -9.63 16.79 -20.84
C GLY D 129 -8.24 17.25 -20.48
N ALA D 130 -8.16 18.18 -19.54
CA ALA D 130 -6.89 18.72 -19.07
C ALA D 130 -6.44 18.01 -17.81
N SER D 131 -5.28 18.45 -17.30
CA SER D 131 -4.74 17.92 -16.06
C SER D 131 -3.85 18.98 -15.44
N GLY D 132 -3.05 18.58 -14.46
CA GLY D 132 -2.01 19.42 -13.93
C GLY D 132 -2.34 20.20 -12.68
N LYS D 133 -1.66 21.33 -12.49
CA LYS D 133 -1.84 22.16 -11.32
C LYS D 133 -3.20 22.85 -11.40
N GLU D 134 -4.09 22.52 -10.48
CA GLU D 134 -5.31 23.26 -10.13
C GLU D 134 -6.39 23.27 -11.21
N SER D 135 -6.19 22.64 -12.36
CA SER D 135 -7.06 22.91 -13.50
C SER D 135 -7.91 21.72 -13.94
N ASN D 136 -7.31 20.69 -14.55
CA ASN D 136 -7.90 19.37 -14.79
C ASN D 136 -9.31 19.33 -15.38
N PHE D 137 -9.47 19.76 -16.63
CA PHE D 137 -10.79 19.85 -17.25
C PHE D 137 -11.40 18.46 -17.45
N PRO D 138 -12.71 18.29 -17.20
CA PRO D 138 -13.36 17.01 -17.49
C PRO D 138 -13.52 16.81 -18.99
N SER D 139 -13.32 15.57 -19.43
CA SER D 139 -13.02 15.32 -20.83
C SER D 139 -14.19 15.51 -21.77
N ARG D 140 -15.42 15.56 -21.24
CA ARG D 140 -16.67 15.82 -21.98
C ARG D 140 -17.05 14.72 -22.97
N ILE D 141 -16.18 13.74 -23.17
CA ILE D 141 -16.44 12.60 -24.03
C ILE D 141 -16.31 11.37 -23.15
N ILE D 142 -17.11 10.35 -23.44
CA ILE D 142 -17.13 9.13 -22.65
C ILE D 142 -17.00 7.99 -23.62
N VAL D 143 -15.90 7.26 -23.52
CA VAL D 143 -15.49 6.28 -24.51
C VAL D 143 -15.68 4.91 -23.86
N ARG D 144 -16.76 4.23 -24.19
CA ARG D 144 -17.06 2.94 -23.58
C ARG D 144 -16.08 1.88 -24.06
N ASP D 145 -15.86 0.88 -23.22
CA ASP D 145 -15.05 -0.26 -23.61
C ASP D 145 -15.83 -1.10 -24.61
N ALA D 146 -15.26 -1.28 -25.79
CA ALA D 146 -15.95 -1.96 -26.89
C ALA D 146 -15.83 -3.46 -26.70
N PHE D 147 -16.92 -4.09 -26.27
CA PHE D 147 -16.97 -5.53 -26.11
C PHE D 147 -17.47 -6.19 -27.38
N LEU D 148 -17.02 -7.43 -27.61
CA LEU D 148 -17.43 -8.20 -28.77
C LEU D 148 -18.93 -8.45 -28.76
N THR D 149 -19.56 -8.32 -29.93
CA THR D 149 -21.01 -8.31 -30.02
C THR D 149 -21.58 -9.70 -29.75
N LYS D 150 -22.91 -9.74 -29.58
CA LYS D 150 -23.57 -10.99 -29.27
C LYS D 150 -23.55 -11.95 -30.46
N GLU D 151 -23.47 -11.42 -31.67
CA GLU D 151 -23.40 -12.25 -32.86
C GLU D 151 -22.12 -13.06 -32.88
N TRP D 152 -20.98 -12.40 -32.67
CA TRP D 152 -19.74 -13.15 -32.62
C TRP D 152 -19.59 -13.97 -31.36
N GLU D 153 -20.31 -13.63 -30.29
CA GLU D 153 -20.34 -14.51 -29.12
C GLU D 153 -21.03 -15.82 -29.45
N GLU D 154 -22.19 -15.74 -30.12
CA GLU D 154 -22.87 -16.95 -30.55
C GLU D 154 -22.08 -17.70 -31.61
N LYS D 155 -21.33 -16.99 -32.43
CA LYS D 155 -20.50 -17.63 -33.45
C LYS D 155 -19.13 -18.02 -32.92
N TRP D 156 -18.85 -17.77 -31.65
CA TRP D 156 -17.70 -18.34 -30.97
C TRP D 156 -18.04 -19.54 -30.10
N ARG D 157 -19.26 -19.55 -29.53
CA ARG D 157 -19.74 -20.72 -28.81
C ARG D 157 -19.83 -21.94 -29.70
N ALA D 158 -20.12 -21.76 -30.99
CA ALA D 158 -20.28 -22.85 -31.94
C ALA D 158 -19.00 -23.18 -32.68
N GLY D 159 -17.85 -23.03 -32.03
CA GLY D 159 -16.59 -23.20 -32.73
C GLY D 159 -16.31 -21.97 -33.58
N GLU D 160 -15.63 -22.20 -34.71
CA GLU D 160 -15.28 -21.18 -35.72
C GLU D 160 -14.52 -20.03 -35.06
N ALA D 161 -13.33 -20.37 -34.58
CA ALA D 161 -12.67 -19.64 -33.51
C ALA D 161 -12.31 -18.22 -33.89
N ILE D 162 -12.41 -17.34 -32.91
CA ILE D 162 -11.96 -15.97 -33.02
C ILE D 162 -10.57 -15.89 -32.39
N THR D 163 -9.86 -14.80 -32.68
CA THR D 163 -8.47 -14.54 -32.26
C THR D 163 -7.51 -15.65 -32.70
N GLU D 164 -7.39 -15.81 -34.01
CA GLU D 164 -6.40 -16.72 -34.54
C GLU D 164 -5.01 -16.10 -34.44
N ALA D 165 -4.00 -16.94 -34.26
CA ALA D 165 -2.65 -16.45 -34.11
C ALA D 165 -2.06 -16.07 -35.47
N LYS D 166 -0.87 -15.47 -35.43
CA LYS D 166 -0.14 -15.09 -36.62
C LYS D 166 1.32 -14.90 -36.25
N ILE D 167 2.22 -15.47 -37.03
CA ILE D 167 3.64 -15.40 -36.75
C ILE D 167 4.29 -14.42 -37.72
N GLU D 168 5.07 -13.50 -37.19
CA GLU D 168 5.98 -12.70 -37.99
C GLU D 168 7.40 -13.20 -37.79
N VAL D 169 8.33 -12.63 -38.56
CA VAL D 169 9.75 -12.87 -38.37
C VAL D 169 10.50 -11.55 -38.49
N GLY D 170 11.68 -11.52 -37.89
CA GLY D 170 12.61 -10.42 -38.10
C GLY D 170 13.65 -10.73 -39.15
N ILE D 171 13.21 -10.95 -40.40
CA ILE D 171 14.15 -11.31 -41.45
C ILE D 171 14.80 -10.06 -42.00
N ASP D 172 15.93 -9.67 -41.40
CA ASP D 172 16.64 -8.46 -41.80
C ASP D 172 17.44 -8.75 -43.06
N ARG D 173 18.39 -7.87 -43.38
CA ARG D 173 19.18 -7.98 -44.60
C ARG D 173 20.51 -8.64 -44.32
N VAL D 174 20.49 -9.63 -43.44
CA VAL D 174 21.62 -10.48 -43.10
C VAL D 174 21.23 -11.89 -43.46
N THR D 175 22.07 -12.86 -43.12
CA THR D 175 21.69 -14.26 -43.21
C THR D 175 20.47 -14.52 -42.34
N SER D 176 19.34 -14.83 -42.96
CA SER D 176 18.04 -14.79 -42.30
C SER D 176 17.88 -15.99 -41.38
N GLN D 177 18.39 -15.84 -40.16
CA GLN D 177 18.14 -16.75 -39.04
C GLN D 177 17.04 -16.18 -38.15
N ALA D 178 16.02 -15.60 -38.81
CA ALA D 178 15.05 -14.69 -38.22
C ALA D 178 14.31 -15.30 -37.04
N ASN D 179 14.53 -14.72 -35.87
CA ASN D 179 13.78 -15.07 -34.68
C ASN D 179 12.32 -14.67 -34.82
N PRO D 180 11.38 -15.61 -34.74
CA PRO D 180 9.97 -15.28 -34.94
C PRO D 180 9.33 -14.75 -33.66
N ARG D 181 8.08 -14.30 -33.81
CA ARG D 181 7.33 -13.74 -32.69
C ARG D 181 5.85 -13.82 -33.04
N THR D 182 5.11 -14.65 -32.33
CA THR D 182 3.67 -14.75 -32.56
C THR D 182 2.97 -13.49 -32.06
N ASN D 183 1.79 -13.25 -32.58
CA ASN D 183 1.13 -12.01 -32.26
C ASN D 183 -0.28 -12.18 -31.72
N GLU D 184 -1.03 -13.15 -32.24
CA GLU D 184 -2.40 -13.48 -31.84
C GLU D 184 -3.33 -12.26 -31.99
N ARG D 185 -3.52 -11.86 -33.23
CA ARG D 185 -4.47 -10.79 -33.52
C ARG D 185 -5.89 -11.32 -33.55
N VAL D 186 -6.84 -10.40 -33.60
CA VAL D 186 -8.24 -10.77 -33.76
C VAL D 186 -8.52 -11.01 -35.24
N VAL D 187 -9.46 -11.92 -35.52
CA VAL D 187 -9.78 -12.30 -36.89
C VAL D 187 -10.41 -11.12 -37.62
N ALA D 188 -10.05 -10.97 -38.89
CA ALA D 188 -10.63 -9.93 -39.75
C ALA D 188 -12.13 -10.11 -39.88
N GLY D 189 -12.86 -9.12 -39.40
CA GLY D 189 -14.30 -9.18 -39.31
C GLY D 189 -14.67 -9.50 -37.88
N ALA D 190 -14.97 -8.47 -37.10
CA ALA D 190 -15.25 -8.63 -35.67
C ALA D 190 -16.06 -7.42 -35.23
N GLU D 191 -17.36 -7.59 -35.10
CA GLU D 191 -18.22 -6.50 -34.67
C GLU D 191 -18.02 -6.24 -33.19
N PHE D 192 -17.47 -5.08 -32.84
CA PHE D 192 -17.05 -4.80 -31.48
C PHE D 192 -18.02 -3.93 -30.70
N GLU D 193 -19.26 -3.78 -31.19
CA GLU D 193 -20.44 -3.30 -30.44
C GLU D 193 -20.19 -2.00 -29.67
N PHE D 194 -19.43 -1.11 -30.28
CA PHE D 194 -18.85 0.06 -29.64
C PHE D 194 -19.94 1.05 -29.23
N GLU D 195 -19.63 1.89 -28.25
CA GLU D 195 -20.51 2.97 -27.84
C GLU D 195 -19.65 4.15 -27.42
N ILE D 196 -20.13 5.35 -27.69
CA ILE D 196 -19.36 6.57 -27.47
C ILE D 196 -20.31 7.71 -27.11
N ILE D 197 -20.03 8.36 -26.00
CA ILE D 197 -20.91 9.39 -25.43
C ILE D 197 -20.13 10.70 -25.36
N TYR D 198 -20.74 11.78 -25.79
CA TYR D 198 -20.15 13.11 -25.68
C TYR D 198 -21.08 14.01 -24.89
N ASN D 199 -20.58 14.55 -23.78
CA ASN D 199 -21.36 15.48 -22.97
C ASN D 199 -21.50 16.81 -23.69
N VAL D 200 -22.71 17.32 -23.78
CA VAL D 200 -22.99 18.56 -24.52
C VAL D 200 -23.26 19.67 -23.52
N GLU D 201 -22.50 20.75 -23.63
CA GLU D 201 -22.59 21.89 -22.72
C GLU D 201 -22.65 23.17 -23.54
N ASN D 202 -23.71 23.96 -23.32
CA ASN D 202 -23.80 25.36 -23.75
C ASN D 202 -23.71 25.49 -25.27
N THR D 203 -24.84 25.16 -25.91
CA THR D 203 -25.05 24.75 -27.30
C THR D 203 -24.14 25.34 -28.36
N THR D 204 -23.80 26.63 -28.24
CA THR D 204 -22.88 27.27 -29.18
C THR D 204 -21.49 26.64 -29.15
N HIS D 205 -21.14 26.01 -28.05
CA HIS D 205 -19.91 25.26 -27.85
C HIS D 205 -20.02 23.81 -28.35
N TRP D 206 -21.10 23.48 -29.08
CA TRP D 206 -21.49 22.10 -29.34
C TRP D 206 -21.32 21.66 -30.79
N ARG D 207 -21.91 22.37 -31.75
CA ARG D 207 -21.93 21.92 -33.14
C ARG D 207 -20.54 21.88 -33.76
N ASP D 208 -19.62 22.69 -33.25
CA ASP D 208 -18.23 22.64 -33.66
C ASP D 208 -17.41 21.71 -32.78
N ASP D 209 -18.05 20.69 -32.21
CA ASP D 209 -17.38 19.71 -31.36
C ASP D 209 -17.49 18.30 -31.91
N ILE D 210 -18.71 17.78 -32.11
CA ILE D 210 -18.85 16.44 -32.67
C ILE D 210 -18.47 16.43 -34.14
N LYS D 211 -18.78 17.52 -34.85
CA LYS D 211 -18.21 17.76 -36.18
C LYS D 211 -16.70 17.88 -36.09
N ASN D 212 -16.21 18.40 -34.97
CA ASN D 212 -14.78 18.42 -34.72
C ASN D 212 -14.29 17.03 -34.30
N LEU D 213 -15.18 16.20 -33.76
CA LEU D 213 -14.79 14.88 -33.27
C LEU D 213 -14.71 13.86 -34.40
N LEU D 214 -15.77 13.80 -35.22
CA LEU D 214 -15.92 12.73 -36.20
C LEU D 214 -14.80 12.74 -37.23
N THR D 215 -14.31 13.93 -37.57
CA THR D 215 -13.14 14.08 -38.45
C THR D 215 -11.95 13.29 -37.93
N ALA D 216 -11.72 13.35 -36.61
CA ALA D 216 -10.69 12.54 -35.98
C ALA D 216 -10.95 11.05 -36.20
N MET D 217 -12.20 10.62 -35.96
CA MET D 217 -12.57 9.25 -36.25
C MET D 217 -12.46 8.95 -37.73
N ALA D 218 -12.75 9.96 -38.57
CA ALA D 218 -12.55 9.80 -40.01
C ALA D 218 -11.09 9.60 -40.33
N LEU D 219 -10.21 10.34 -39.64
CA LEU D 219 -8.78 10.08 -39.78
C LEU D 219 -8.42 8.71 -39.23
N LEU D 220 -9.11 8.29 -38.16
CA LEU D 220 -8.88 6.96 -37.67
C LEU D 220 -9.51 5.93 -38.58
N GLU D 221 -10.49 6.35 -39.39
CA GLU D 221 -10.95 5.46 -40.44
C GLU D 221 -9.90 5.32 -41.53
N ASP D 222 -9.06 6.33 -41.71
CA ASP D 222 -7.99 6.21 -42.68
C ASP D 222 -6.74 5.60 -42.09
N SER D 223 -6.45 5.90 -40.83
CA SER D 223 -5.32 5.32 -40.13
C SER D 223 -5.76 4.05 -39.41
N TYR D 224 -4.99 3.60 -38.45
CA TYR D 224 -5.23 2.37 -37.72
C TYR D 224 -5.52 2.65 -36.25
N LEU D 225 -5.86 1.59 -35.54
CA LEU D 225 -5.74 1.56 -34.08
C LEU D 225 -5.19 0.21 -33.70
N GLY D 226 -4.77 0.09 -32.44
CA GLY D 226 -4.43 -1.22 -31.93
C GLY D 226 -3.15 -1.83 -32.46
N GLY D 227 -2.01 -1.33 -32.03
CA GLY D 227 -0.80 -2.11 -32.20
C GLY D 227 -0.07 -1.86 -33.48
N SER D 228 0.50 -2.91 -34.07
CA SER D 228 1.43 -2.80 -35.18
C SER D 228 0.71 -2.40 -36.46
N GLY D 229 0.18 -1.18 -36.49
CA GLY D 229 -0.63 -0.75 -37.59
C GLY D 229 0.13 -0.35 -38.83
N SER D 230 1.45 -0.24 -38.74
CA SER D 230 2.24 0.04 -39.92
C SER D 230 2.32 -1.14 -40.86
N ARG D 231 1.97 -2.33 -40.40
CA ARG D 231 1.99 -3.53 -41.23
C ARG D 231 0.62 -4.20 -41.25
N GLY D 232 -0.45 -3.40 -41.28
CA GLY D 232 -1.80 -3.89 -41.34
C GLY D 232 -2.60 -3.44 -40.12
N TYR D 233 -3.44 -4.35 -39.61
CA TYR D 233 -3.92 -4.31 -38.23
C TYR D 233 -4.81 -3.10 -37.94
N GLY D 234 -5.46 -2.54 -38.95
CA GLY D 234 -6.30 -1.38 -38.72
C GLY D 234 -7.66 -1.52 -39.36
N LYS D 235 -8.06 -0.51 -40.15
CA LYS D 235 -9.20 -0.56 -41.06
C LYS D 235 -10.51 -0.87 -40.31
N VAL D 236 -10.90 0.09 -39.50
CA VAL D 236 -11.85 -0.18 -38.43
C VAL D 236 -13.30 -0.05 -38.88
N LYS D 237 -13.61 0.90 -39.76
CA LYS D 237 -14.92 1.03 -40.43
C LYS D 237 -16.08 1.21 -39.45
N PHE D 238 -16.13 2.41 -38.87
CA PHE D 238 -17.11 2.78 -37.84
C PHE D 238 -18.51 2.84 -38.45
N ILE D 239 -19.14 1.68 -38.63
CA ILE D 239 -20.48 1.74 -39.22
C ILE D 239 -21.46 2.05 -38.10
N PHE D 240 -21.89 3.31 -38.03
CA PHE D 240 -22.66 3.83 -36.90
C PHE D 240 -24.03 3.18 -36.81
N ASP D 241 -24.64 3.30 -35.63
CA ASP D 241 -25.92 2.63 -35.41
C ASP D 241 -26.99 3.57 -34.88
N SER D 242 -26.63 4.54 -34.04
CA SER D 242 -27.66 5.34 -33.38
C SER D 242 -27.65 6.81 -33.78
N PHE D 243 -26.53 7.53 -33.56
CA PHE D 243 -26.46 9.00 -33.70
C PHE D 243 -27.57 9.72 -32.94
N GLU D 244 -27.95 9.21 -31.79
CA GLU D 244 -29.12 9.77 -31.11
C GLU D 244 -28.69 10.56 -29.88
N PHE D 245 -29.67 11.25 -29.29
CA PHE D 245 -29.39 12.32 -28.34
C PHE D 245 -30.41 12.24 -27.21
N ARG D 246 -29.92 12.37 -25.97
CA ARG D 246 -30.69 12.01 -24.78
C ARG D 246 -30.81 13.21 -23.84
N PRO D 247 -31.73 14.14 -24.13
CA PRO D 247 -31.77 15.42 -23.39
C PRO D 247 -32.18 15.28 -21.93
N LEU D 248 -31.94 16.35 -21.18
CA LEU D 248 -32.37 16.42 -19.79
C LEU D 248 -33.87 16.48 -19.64
N ASP D 249 -34.61 16.71 -20.71
CA ASP D 249 -36.06 16.69 -20.66
C ASP D 249 -36.63 15.30 -20.43
N TYR D 250 -35.83 14.22 -20.51
CA TYR D 250 -36.34 12.95 -20.06
C TYR D 250 -35.42 12.15 -19.16
N TYR D 251 -34.19 12.59 -18.92
CA TYR D 251 -33.47 12.03 -17.78
C TYR D 251 -34.19 12.38 -16.48
N ARG D 252 -34.83 13.55 -16.44
CA ARG D 252 -35.68 13.91 -15.31
C ARG D 252 -37.05 13.27 -15.41
N THR D 253 -37.57 13.05 -16.63
CA THR D 253 -38.93 12.51 -16.82
C THR D 253 -38.94 11.54 -18.01
N GLY D 254 -38.69 10.26 -17.76
CA GLY D 254 -38.50 9.35 -18.86
C GLY D 254 -39.75 8.78 -19.48
N LYS D 255 -40.20 9.40 -20.58
CA LYS D 255 -41.46 9.07 -21.23
C LYS D 255 -41.29 8.17 -22.45
N ASP D 256 -40.13 7.51 -22.57
CA ASP D 256 -39.72 6.73 -23.75
C ASP D 256 -39.79 7.57 -25.02
N GLU D 257 -39.01 8.66 -25.02
CA GLU D 257 -38.88 9.52 -26.18
C GLU D 257 -37.43 9.95 -26.29
N ASP D 258 -37.02 10.25 -27.52
CA ASP D 258 -35.61 10.51 -27.82
C ASP D 258 -35.57 11.13 -29.20
N ILE D 259 -34.44 11.77 -29.52
CA ILE D 259 -34.27 12.43 -30.81
C ILE D 259 -33.23 11.64 -31.60
N VAL D 260 -33.69 10.90 -32.60
CA VAL D 260 -32.92 9.86 -33.27
C VAL D 260 -32.55 10.34 -34.67
N SER D 261 -31.28 10.18 -35.04
CA SER D 261 -30.83 10.46 -36.39
C SER D 261 -30.84 9.18 -37.23
N ILE D 262 -30.16 9.22 -38.38
CA ILE D 262 -30.19 8.12 -39.34
C ILE D 262 -28.75 7.63 -39.53
N ASP D 263 -28.61 6.31 -39.69
CA ASP D 263 -27.33 5.60 -39.72
C ASP D 263 -27.19 4.78 -41.00
N ALA D 264 -27.43 5.41 -42.15
CA ALA D 264 -27.63 4.73 -43.42
C ALA D 264 -26.42 3.90 -43.86
N ARG D 265 -25.32 4.55 -44.24
CA ARG D 265 -24.03 3.86 -44.35
C ARG D 265 -22.97 4.49 -43.47
N GLU D 266 -22.62 5.76 -43.74
CA GLU D 266 -21.55 6.54 -43.14
C GLU D 266 -21.71 7.98 -43.59
N LYS D 267 -20.74 8.82 -43.27
CA LYS D 267 -20.66 10.17 -43.82
C LYS D 267 -19.33 10.33 -44.54
N SER D 268 -19.37 10.81 -45.77
CA SER D 268 -18.13 11.05 -46.50
C SER D 268 -17.41 12.24 -45.88
N VAL D 269 -18.00 13.42 -45.99
CA VAL D 269 -17.66 14.51 -45.09
C VAL D 269 -18.95 15.24 -44.67
N SER D 270 -19.54 14.78 -43.56
CA SER D 270 -20.65 15.42 -42.84
C SER D 270 -21.85 15.71 -43.74
N ASP D 271 -22.42 14.65 -44.32
CA ASP D 271 -23.57 14.83 -45.19
C ASP D 271 -24.83 15.15 -44.38
N ILE D 272 -24.90 14.70 -43.14
CA ILE D 272 -26.06 14.91 -42.29
C ILE D 272 -25.70 16.01 -41.29
N LEU D 273 -24.83 16.93 -41.72
CA LEU D 273 -24.64 18.19 -41.01
C LEU D 273 -25.94 18.98 -40.91
N SER D 274 -26.79 18.89 -41.94
CA SER D 274 -28.11 19.52 -41.86
C SER D 274 -29.02 18.77 -40.90
N GLY D 275 -28.92 17.44 -40.85
CA GLY D 275 -29.75 16.65 -39.96
C GLY D 275 -29.26 16.55 -38.54
N PHE D 276 -28.06 17.09 -38.27
CA PHE D 276 -27.62 17.35 -36.90
C PHE D 276 -28.66 18.17 -36.15
N ASP D 277 -29.16 19.23 -36.78
CA ASP D 277 -30.10 20.18 -36.19
C ASP D 277 -31.53 19.90 -36.62
N SER D 278 -31.91 18.63 -36.73
CA SER D 278 -33.24 18.29 -37.21
C SER D 278 -34.32 18.69 -36.22
N LEU D 279 -34.25 18.18 -34.99
CA LEU D 279 -35.19 18.53 -33.94
C LEU D 279 -34.46 19.16 -32.77
N PHE D 280 -33.41 19.92 -33.06
CA PHE D 280 -32.42 20.28 -32.06
C PHE D 280 -32.52 21.76 -31.71
N SER D 281 -32.67 22.04 -30.42
CA SER D 281 -32.38 23.34 -29.86
C SER D 281 -31.29 23.29 -28.81
N GLU D 282 -31.02 22.13 -28.23
CA GLU D 282 -29.99 21.97 -27.23
C GLU D 282 -29.04 20.85 -27.64
N PRO E 2 -28.26 -14.34 37.02
CA PRO E 2 -28.99 -13.33 36.26
C PRO E 2 -29.18 -13.70 34.80
N LYS E 3 -30.43 -13.91 34.39
CA LYS E 3 -30.75 -14.33 33.03
C LYS E 3 -31.00 -13.12 32.13
N PHE E 4 -29.99 -12.26 32.00
CA PHE E 4 -30.17 -11.08 31.17
C PHE E 4 -30.04 -11.45 29.70
N ILE E 5 -30.93 -10.90 28.89
CA ILE E 5 -31.00 -11.28 27.49
C ILE E 5 -29.98 -10.47 26.72
N ALA E 6 -29.70 -10.87 25.49
CA ALA E 6 -28.77 -10.14 24.67
C ALA E 6 -29.43 -9.76 23.36
N VAL E 7 -28.88 -8.74 22.72
CA VAL E 7 -29.30 -8.29 21.42
C VAL E 7 -28.08 -8.30 20.51
N LYS E 8 -28.09 -9.18 19.51
CA LYS E 8 -27.00 -9.31 18.59
C LYS E 8 -27.32 -8.50 17.34
N LEU E 9 -26.42 -7.63 16.94
CA LEU E 9 -26.61 -6.72 15.83
C LEU E 9 -25.73 -7.23 14.70
N ILE E 10 -26.33 -7.95 13.76
CA ILE E 10 -25.59 -8.40 12.59
C ILE E 10 -25.37 -7.19 11.71
N PRO E 11 -24.13 -6.79 11.47
CA PRO E 11 -23.88 -5.67 10.56
C PRO E 11 -23.96 -6.16 9.12
N LYS E 12 -23.94 -5.20 8.21
CA LYS E 12 -23.70 -5.50 6.81
C LYS E 12 -22.44 -4.83 6.30
N GLY E 13 -21.78 -4.03 7.14
CA GLY E 13 -20.57 -3.35 6.75
C GLY E 13 -19.93 -2.58 7.88
N PRO E 14 -19.25 -1.49 7.55
CA PRO E 14 -18.45 -0.78 8.57
C PRO E 14 -19.30 -0.02 9.56
N PHE E 15 -18.77 0.13 10.77
CA PHE E 15 -19.28 1.08 11.75
C PHE E 15 -18.28 2.23 11.92
N ARG E 16 -18.79 3.34 12.46
CA ARG E 16 -17.91 4.45 12.80
C ARG E 16 -17.07 4.11 14.03
N ASP E 17 -17.73 3.71 15.11
CA ASP E 17 -17.04 3.20 16.29
C ASP E 17 -17.95 2.21 16.98
N ILE E 18 -17.37 1.42 17.87
CA ILE E 18 -18.16 0.58 18.76
C ILE E 18 -18.95 1.49 19.70
N PRO E 19 -20.25 1.27 19.87
CA PRO E 19 -21.13 2.35 20.32
C PRO E 19 -21.06 2.74 21.79
N ARG E 20 -20.04 2.31 22.53
CA ARG E 20 -19.54 2.97 23.74
C ARG E 20 -20.54 3.04 24.89
N ALA E 21 -21.63 2.26 24.84
CA ALA E 21 -22.58 2.02 25.92
C ALA E 21 -23.39 3.24 26.34
N ASP E 22 -23.23 4.38 25.70
CA ASP E 22 -24.05 5.54 26.02
C ASP E 22 -24.59 6.13 24.73
N THR E 23 -23.86 5.95 23.64
CA THR E 23 -24.32 6.42 22.35
C THR E 23 -25.51 5.60 21.85
N LEU E 24 -25.67 4.38 22.35
CA LEU E 24 -26.91 3.66 22.07
C LEU E 24 -28.08 4.31 22.77
N PHE E 25 -27.90 4.68 24.04
CA PHE E 25 -28.98 5.36 24.76
C PHE E 25 -29.27 6.73 24.20
N GLY E 26 -28.31 7.34 23.52
CA GLY E 26 -28.65 8.46 22.65
C GLY E 26 -29.45 8.02 21.45
N ALA E 27 -29.02 6.94 20.80
CA ALA E 27 -29.69 6.47 19.60
C ALA E 27 -31.06 5.87 19.90
N ILE E 28 -31.20 5.22 21.06
CA ILE E 28 -32.51 4.79 21.53
C ILE E 28 -33.40 5.99 21.75
N GLY E 29 -32.82 7.08 22.25
CA GLY E 29 -33.60 8.30 22.47
C GLY E 29 -34.12 8.90 21.18
N ASN E 30 -33.28 8.95 20.14
CA ASN E 30 -33.75 9.46 18.86
C ASN E 30 -34.72 8.50 18.20
N ALA E 31 -34.59 7.20 18.49
CA ALA E 31 -35.51 6.22 17.93
C ALA E 31 -36.91 6.39 18.52
N ILE E 32 -37.01 6.44 19.84
CA ILE E 32 -38.30 6.67 20.50
C ILE E 32 -38.71 8.14 20.39
N SER E 33 -37.84 9.02 19.93
CA SER E 33 -38.30 10.33 19.50
C SER E 33 -38.94 10.27 18.13
N ALA E 34 -38.48 9.36 17.27
CA ALA E 34 -39.07 9.24 15.94
C ALA E 34 -40.41 8.54 16.00
N ILE E 35 -40.46 7.37 16.62
CA ILE E 35 -41.71 6.63 16.82
C ILE E 35 -42.36 7.22 18.06
N HIS E 36 -43.60 6.83 18.35
CA HIS E 36 -44.30 7.06 19.62
C HIS E 36 -44.48 8.54 19.99
N GLY E 37 -44.36 9.46 19.03
CA GLY E 37 -44.56 10.87 19.33
C GLY E 37 -43.39 11.47 20.08
N GLN E 38 -43.71 12.50 20.87
CA GLN E 38 -42.70 13.34 21.51
C GLN E 38 -42.64 13.16 23.02
N SER E 39 -43.62 12.52 23.64
CA SER E 39 -43.64 12.44 25.10
C SER E 39 -43.54 11.02 25.62
N ALA E 40 -43.55 10.01 24.76
CA ALA E 40 -43.20 8.65 25.15
C ALA E 40 -41.70 8.41 25.11
N VAL E 41 -40.92 9.46 24.82
CA VAL E 41 -39.47 9.47 24.77
C VAL E 41 -38.96 9.37 26.20
N GLU E 42 -37.65 9.20 26.39
CA GLU E 42 -36.95 8.81 27.61
C GLU E 42 -37.32 9.56 28.89
N GLU E 43 -38.01 10.69 28.78
CA GLU E 43 -38.73 11.25 29.93
C GLU E 43 -39.73 10.25 30.47
N LEU E 44 -40.47 9.59 29.58
CA LEU E 44 -41.39 8.55 30.02
C LEU E 44 -40.65 7.26 30.37
N VAL E 45 -39.42 7.10 29.90
CA VAL E 45 -38.69 5.86 30.06
C VAL E 45 -37.67 6.07 31.18
N ASP E 46 -37.85 7.17 31.93
CA ASP E 46 -36.98 7.51 33.05
C ASP E 46 -37.01 6.43 34.13
N ALA E 47 -38.19 6.17 34.69
CA ALA E 47 -38.32 5.15 35.72
C ALA E 47 -38.22 3.74 35.17
N PHE E 48 -38.12 3.57 33.87
CA PHE E 48 -38.01 2.25 33.26
C PHE E 48 -36.57 1.86 32.95
N VAL E 49 -35.73 2.83 32.59
CA VAL E 49 -34.29 2.60 32.61
C VAL E 49 -33.73 2.84 34.01
N GLY E 50 -34.53 3.37 34.92
CA GLY E 50 -34.13 3.45 36.31
C GLY E 50 -34.22 2.15 37.09
N GLY E 51 -34.45 1.04 36.38
CA GLY E 51 -34.37 -0.28 36.97
C GLY E 51 -33.84 -1.32 36.00
N ALA E 52 -33.37 -0.87 34.84
CA ALA E 52 -32.95 -1.76 33.76
C ALA E 52 -31.89 -1.06 32.94
N ARG E 53 -30.89 -1.81 32.48
CA ARG E 53 -29.68 -1.21 31.95
C ARG E 53 -29.35 -1.73 30.56
N ILE E 54 -28.44 -1.05 29.87
CA ILE E 54 -28.12 -1.33 28.47
C ILE E 54 -26.72 -1.90 28.31
N SER E 55 -25.69 -1.12 28.65
CA SER E 55 -24.33 -1.63 28.97
C SER E 55 -23.67 -2.39 27.82
N SER E 56 -23.26 -1.65 26.79
CA SER E 56 -22.76 -2.29 25.58
C SER E 56 -21.44 -3.02 25.80
N ALA E 57 -21.10 -3.83 24.81
CA ALA E 57 -19.96 -4.72 24.83
C ALA E 57 -19.59 -5.04 23.39
N PHE E 58 -18.81 -6.09 23.22
CA PHE E 58 -18.03 -6.31 22.00
C PHE E 58 -18.85 -6.95 20.90
N PRO E 59 -18.26 -7.07 19.72
CA PRO E 59 -18.60 -8.17 18.79
C PRO E 59 -18.34 -9.58 19.28
N TYR E 60 -18.70 -10.55 18.44
CA TYR E 60 -18.56 -11.95 18.84
C TYR E 60 -17.62 -12.79 18.00
N SER E 61 -17.55 -12.59 16.68
CA SER E 61 -16.72 -13.38 15.75
C SER E 61 -17.06 -14.88 15.82
N GLY E 62 -18.27 -15.21 15.42
CA GLY E 62 -18.74 -16.58 15.47
C GLY E 62 -20.03 -16.68 16.25
N ASP E 63 -19.96 -17.25 17.45
CA ASP E 63 -20.98 -17.06 18.44
C ASP E 63 -20.40 -16.79 19.82
N THR E 64 -19.08 -16.73 19.92
CA THR E 64 -18.39 -16.52 21.19
C THR E 64 -18.59 -15.08 21.64
N TYR E 65 -19.57 -14.85 22.49
CA TYR E 65 -19.96 -13.50 22.89
C TYR E 65 -18.87 -12.91 23.78
N TYR E 66 -18.01 -12.07 23.21
CA TYR E 66 -16.90 -11.50 23.95
C TYR E 66 -17.38 -10.55 25.03
N LEU E 67 -16.60 -10.45 26.10
CA LEU E 67 -16.95 -9.65 27.26
C LEU E 67 -15.67 -8.95 27.71
N PRO E 68 -15.75 -7.67 28.20
CA PRO E 68 -14.57 -6.80 28.16
C PRO E 68 -13.41 -7.22 29.05
N LYS E 69 -13.56 -7.04 30.35
CA LYS E 69 -12.56 -7.45 31.33
C LYS E 69 -13.17 -7.26 32.70
N PRO E 70 -13.07 -8.22 33.56
CA PRO E 70 -13.23 -7.92 34.98
C PRO E 70 -11.96 -7.21 35.40
N LEU E 71 -12.04 -5.92 35.69
CA LEU E 71 -10.84 -5.13 35.90
C LEU E 71 -10.19 -5.44 37.26
N SER E 72 -10.84 -6.23 38.10
CA SER E 72 -10.32 -6.68 39.37
C SER E 72 -9.50 -7.96 39.21
N VAL E 73 -8.61 -7.98 38.23
CA VAL E 73 -7.65 -9.06 38.13
C VAL E 73 -6.32 -8.41 37.80
N GLU E 74 -6.40 -7.13 37.41
CA GLU E 74 -5.19 -6.32 37.25
C GLU E 74 -4.36 -6.12 38.53
N PRO E 75 -4.92 -5.94 39.76
CA PRO E 75 -4.04 -5.83 40.93
C PRO E 75 -3.24 -7.08 41.23
N ALA E 76 -3.92 -8.22 41.33
CA ALA E 76 -3.25 -9.42 41.80
C ALA E 76 -3.20 -10.48 40.72
N LEU E 77 -2.82 -10.07 39.51
CA LEU E 77 -2.63 -11.01 38.40
C LEU E 77 -1.56 -12.04 38.71
N GLU E 78 -0.52 -11.64 39.43
CA GLU E 78 0.49 -12.60 39.86
C GLU E 78 -0.02 -13.53 40.95
N GLY E 79 -1.07 -13.13 41.68
CA GLY E 79 -1.75 -14.06 42.55
C GLY E 79 -2.61 -15.07 41.82
N ILE E 80 -2.94 -14.79 40.57
CA ILE E 80 -3.75 -15.73 39.79
C ILE E 80 -2.88 -16.82 39.20
N LEU E 81 -1.78 -16.44 38.55
CA LEU E 81 -1.08 -17.30 37.60
C LEU E 81 0.11 -18.01 38.22
N THR E 82 -0.01 -18.42 39.48
CA THR E 82 1.06 -19.15 40.14
C THR E 82 1.28 -20.54 39.55
N GLY E 83 0.28 -21.11 38.89
CA GLY E 83 0.41 -22.44 38.33
C GLY E 83 1.34 -22.52 37.14
N LEU E 84 1.56 -21.42 36.44
CA LEU E 84 2.46 -21.41 35.31
C LEU E 84 3.91 -21.53 35.76
N ASP E 85 4.80 -21.71 34.79
CA ASP E 85 6.22 -21.72 35.07
C ASP E 85 6.71 -20.29 35.32
N GLU E 86 7.97 -20.16 35.70
CA GLU E 86 8.51 -18.89 36.14
C GLU E 86 8.81 -17.92 34.99
N GLU E 87 8.39 -18.25 33.77
CA GLU E 87 8.25 -17.29 32.69
C GLU E 87 6.80 -16.87 32.51
N GLU E 88 6.06 -16.72 33.60
CA GLU E 88 4.70 -16.19 33.50
C GLU E 88 4.68 -14.68 33.47
N ARG E 89 5.77 -14.03 33.65
CA ARG E 89 5.49 -12.66 33.60
C ARG E 89 4.75 -12.37 32.33
N TYR E 90 5.45 -12.61 31.24
CA TYR E 90 5.04 -11.97 30.01
C TYR E 90 3.65 -12.36 29.54
N THR E 91 3.07 -13.46 30.05
CA THR E 91 1.65 -13.70 29.78
C THR E 91 0.79 -12.70 30.54
N THR E 92 1.29 -12.19 31.66
CA THR E 92 0.61 -11.09 32.35
C THR E 92 0.57 -9.85 31.48
N ALA E 93 1.62 -9.61 30.70
CA ALA E 93 1.60 -8.47 29.78
C ALA E 93 0.62 -8.72 28.64
N LYS E 94 0.34 -9.98 28.31
CA LYS E 94 -0.77 -10.25 27.40
C LYS E 94 -2.10 -10.03 28.10
N ARG E 95 -2.15 -10.22 29.41
CA ARG E 95 -3.38 -10.06 30.17
C ARG E 95 -3.45 -8.73 30.92
N LEU E 96 -2.51 -7.81 30.68
CA LEU E 96 -2.63 -6.44 31.15
C LEU E 96 -2.72 -5.46 29.98
N ARG E 97 -1.72 -5.46 29.09
CA ARG E 97 -1.60 -4.38 28.11
C ARG E 97 -2.50 -4.62 26.90
N LYS E 98 -2.47 -5.84 26.36
CA LYS E 98 -3.45 -6.22 25.34
C LYS E 98 -4.70 -6.83 25.96
N ALA E 99 -4.93 -6.60 27.25
CA ALA E 99 -6.14 -7.07 27.88
C ALA E 99 -7.32 -6.24 27.39
N LYS E 100 -8.00 -6.73 26.37
CA LYS E 100 -9.09 -5.97 25.78
C LYS E 100 -10.43 -6.65 25.98
N TYR E 101 -10.58 -7.88 25.49
CA TYR E 101 -11.87 -8.56 25.49
C TYR E 101 -11.60 -10.06 25.71
N LEU E 102 -12.57 -10.76 26.29
CA LEU E 102 -12.40 -12.16 26.65
C LEU E 102 -13.64 -12.97 26.29
N ASP E 103 -13.44 -14.28 26.07
CA ASP E 103 -14.53 -15.23 25.86
C ASP E 103 -15.35 -15.37 27.13
N LEU E 104 -16.56 -15.94 27.04
CA LEU E 104 -17.37 -16.10 28.25
C LEU E 104 -16.78 -17.14 29.18
N LYS E 105 -16.30 -18.25 28.61
CA LYS E 105 -15.69 -19.30 29.42
C LYS E 105 -14.42 -18.79 30.10
N ASN E 106 -13.71 -17.88 29.44
CA ASN E 106 -12.65 -17.11 30.08
C ASN E 106 -13.15 -15.79 30.63
N PHE E 107 -14.41 -15.73 31.06
CA PHE E 107 -14.93 -14.58 31.80
C PHE E 107 -15.69 -14.97 33.04
N GLU E 108 -16.32 -16.15 33.06
CA GLU E 108 -16.87 -16.64 34.31
C GLU E 108 -15.77 -17.04 35.27
N LEU E 109 -14.57 -17.31 34.76
CA LEU E 109 -13.41 -17.58 35.60
C LEU E 109 -12.27 -16.59 35.37
N ALA E 110 -12.51 -15.50 34.63
CA ALA E 110 -11.54 -14.41 34.65
C ALA E 110 -11.71 -13.55 35.89
N LEU E 111 -12.94 -13.44 36.36
CA LEU E 111 -13.22 -13.07 37.73
C LEU E 111 -13.10 -14.34 38.59
N ARG E 112 -13.58 -14.27 39.83
CA ARG E 112 -13.61 -15.37 40.81
C ARG E 112 -12.23 -16.00 41.08
N LEU E 113 -11.15 -15.31 40.68
CA LEU E 113 -9.76 -15.64 40.99
C LEU E 113 -9.38 -17.03 40.44
N ARG E 114 -9.38 -17.13 39.11
CA ARG E 114 -9.00 -18.35 38.42
C ARG E 114 -8.19 -18.01 37.17
N PRO E 115 -7.31 -18.92 36.73
CA PRO E 115 -6.43 -18.60 35.58
C PRO E 115 -7.11 -18.64 34.22
N PHE E 116 -7.66 -17.51 33.81
CA PHE E 116 -8.28 -17.34 32.49
C PHE E 116 -7.23 -17.41 31.37
N THR E 117 -7.71 -17.40 30.14
CA THR E 117 -6.86 -17.35 28.96
C THR E 117 -7.37 -16.28 28.01
N ILE E 118 -6.46 -15.48 27.48
CA ILE E 118 -6.81 -14.38 26.56
C ILE E 118 -7.19 -14.95 25.20
N PRO E 119 -8.12 -14.35 24.48
CA PRO E 119 -8.34 -14.73 23.08
C PRO E 119 -7.52 -13.84 22.14
N GLU E 120 -7.50 -14.24 20.87
CA GLU E 120 -6.80 -13.50 19.84
C GLU E 120 -7.60 -13.29 18.58
N GLU E 121 -8.70 -14.00 18.38
CA GLU E 121 -9.56 -13.81 17.20
C GLU E 121 -10.48 -12.60 17.41
N ILE E 122 -9.88 -11.43 17.37
CA ILE E 122 -10.59 -10.17 17.60
C ILE E 122 -11.08 -9.65 16.25
N PRO E 123 -12.37 -9.43 16.08
CA PRO E 123 -12.92 -8.88 14.82
C PRO E 123 -12.82 -7.36 14.76
N TYR E 124 -11.59 -6.89 14.66
CA TYR E 124 -11.31 -5.49 14.38
C TYR E 124 -10.57 -5.38 13.07
N ALA E 125 -10.98 -4.43 12.27
CA ALA E 125 -10.11 -3.86 11.25
C ALA E 125 -10.30 -2.36 11.39
N ARG E 126 -9.57 -1.76 12.33
CA ARG E 126 -9.53 -0.31 12.42
C ARG E 126 -8.65 0.16 11.27
N VAL E 127 -9.28 0.33 10.12
CA VAL E 127 -8.58 0.63 8.89
C VAL E 127 -8.63 2.12 8.65
N ASP E 128 -7.84 2.58 7.69
CA ASP E 128 -7.53 3.99 7.52
C ASP E 128 -8.04 4.48 6.18
N VAL E 129 -9.32 4.22 5.90
CA VAL E 129 -9.98 4.45 4.61
C VAL E 129 -9.82 5.88 4.13
N PRO E 130 -8.97 6.15 3.15
CA PRO E 130 -8.72 7.52 2.74
C PRO E 130 -9.79 8.00 1.78
N ARG E 131 -10.88 8.50 2.32
CA ARG E 131 -12.04 8.87 1.53
C ARG E 131 -11.88 10.19 0.77
N VAL E 132 -13.02 10.75 0.44
CA VAL E 132 -13.35 11.63 -0.68
C VAL E 132 -12.40 12.74 -1.09
N VAL E 133 -12.17 12.85 -2.41
CA VAL E 133 -11.49 13.99 -3.03
C VAL E 133 -12.16 14.46 -4.33
N LEU E 134 -13.08 15.44 -4.27
CA LEU E 134 -13.68 15.87 -5.54
C LEU E 134 -14.32 17.24 -5.47
N ASP E 135 -14.05 18.06 -6.51
CA ASP E 135 -14.73 19.32 -6.83
C ASP E 135 -15.73 19.11 -7.96
N ARG E 136 -16.88 19.79 -7.87
CA ARG E 136 -17.98 19.60 -8.82
C ARG E 136 -17.62 19.90 -10.26
N VAL E 137 -16.64 20.77 -10.48
CA VAL E 137 -16.25 21.15 -11.83
C VAL E 137 -14.88 20.58 -12.19
N THR E 138 -13.96 20.51 -11.24
CA THR E 138 -12.54 20.30 -11.54
C THR E 138 -11.95 19.32 -10.54
N GLN E 139 -10.62 19.30 -10.49
CA GLN E 139 -9.83 18.52 -9.55
C GLN E 139 -10.06 18.95 -8.10
N ASP E 140 -9.81 18.02 -7.18
CA ASP E 140 -9.65 18.33 -5.76
C ASP E 140 -8.70 17.32 -5.14
N SER E 141 -7.81 17.78 -4.26
CA SER E 141 -6.67 16.98 -3.79
C SER E 141 -6.87 16.42 -2.39
N SER E 142 -7.08 17.30 -1.39
CA SER E 142 -7.89 17.13 -0.18
C SER E 142 -8.07 15.72 0.39
N ILE E 143 -7.00 14.94 0.54
CA ILE E 143 -7.18 13.60 1.10
C ILE E 143 -7.47 13.76 2.59
N TYR E 144 -8.75 13.77 2.95
CA TYR E 144 -9.16 13.80 4.34
C TYR E 144 -9.56 12.38 4.73
N PHE E 145 -9.06 11.92 5.88
CA PHE E 145 -9.03 10.48 6.10
C PHE E 145 -10.36 9.95 6.61
N TRP E 146 -10.72 10.34 7.83
CA TRP E 146 -11.95 9.91 8.51
C TRP E 146 -12.09 8.39 8.52
N GLU E 147 -11.20 7.78 9.30
CA GLU E 147 -11.14 6.34 9.41
C GLU E 147 -12.38 5.77 10.12
N GLU E 148 -12.63 4.49 9.88
CA GLU E 148 -13.76 3.80 10.47
C GLU E 148 -13.33 2.38 10.84
N ILE E 149 -14.23 1.67 11.51
CA ILE E 149 -14.00 0.31 11.92
C ILE E 149 -14.56 -0.61 10.84
N ARG E 150 -14.06 -1.83 10.80
CA ARG E 150 -14.41 -2.76 9.73
C ARG E 150 -14.34 -4.16 10.33
N PHE E 151 -15.28 -5.01 9.94
CA PHE E 151 -15.53 -6.22 10.69
C PHE E 151 -15.00 -7.45 9.97
N ARG E 152 -15.27 -8.61 10.55
CA ARG E 152 -14.88 -9.89 10.02
C ARG E 152 -16.01 -10.43 9.13
N GLU E 153 -15.93 -11.70 8.75
CA GLU E 153 -16.91 -12.24 7.82
C GLU E 153 -18.21 -12.61 8.52
N LYS E 154 -18.15 -13.12 9.75
CA LYS E 154 -19.33 -13.62 10.43
C LYS E 154 -19.58 -12.93 11.76
N SER E 155 -18.89 -11.83 12.04
CA SER E 155 -18.89 -11.23 13.36
C SER E 155 -20.06 -10.28 13.53
N GLY E 156 -20.01 -9.48 14.60
CA GLY E 156 -21.01 -8.45 14.85
C GLY E 156 -21.06 -8.01 16.29
N VAL E 157 -21.49 -6.77 16.54
CA VAL E 157 -21.61 -6.27 17.90
C VAL E 157 -22.80 -6.94 18.57
N TYR E 158 -22.76 -7.07 19.89
CA TYR E 158 -23.98 -7.30 20.64
C TYR E 158 -23.96 -6.40 21.85
N PHE E 159 -25.08 -6.33 22.54
CA PHE E 159 -25.09 -5.76 23.87
C PHE E 159 -26.13 -6.46 24.71
N LEU E 160 -26.23 -6.07 25.98
CA LEU E 160 -27.02 -6.82 26.93
C LEU E 160 -28.28 -6.06 27.31
N TYR E 161 -29.11 -6.74 28.09
CA TYR E 161 -30.33 -6.13 28.61
C TYR E 161 -30.71 -6.91 29.85
N SER E 162 -30.55 -6.28 31.02
CA SER E 162 -31.02 -6.83 32.27
C SER E 162 -32.24 -6.00 32.66
N GLY E 163 -33.40 -6.43 32.20
CA GLY E 163 -34.63 -5.75 32.53
C GLY E 163 -35.82 -6.64 32.28
N PRO E 164 -37.00 -6.17 32.64
CA PRO E 164 -38.22 -6.92 32.33
C PRO E 164 -38.52 -6.85 30.85
N ARG E 165 -38.90 -7.99 30.28
CA ARG E 165 -39.08 -8.11 28.84
C ARG E 165 -40.26 -7.30 28.31
N GLU E 166 -41.16 -6.86 29.19
CA GLU E 166 -42.22 -5.95 28.77
C GLU E 166 -41.65 -4.60 28.37
N VAL E 167 -40.72 -4.07 29.17
CA VAL E 167 -40.12 -2.78 28.86
C VAL E 167 -39.16 -2.91 27.69
N PHE E 168 -38.57 -4.09 27.51
CA PHE E 168 -37.66 -4.32 26.39
C PHE E 168 -38.41 -4.29 25.06
N ASP E 169 -39.51 -5.02 24.98
CA ASP E 169 -40.29 -5.12 23.74
C ASP E 169 -41.17 -3.91 23.51
N GLY E 170 -41.19 -2.95 24.44
CA GLY E 170 -42.01 -1.77 24.26
C GLY E 170 -41.24 -0.57 23.74
N TYR E 171 -39.97 -0.45 24.11
CA TYR E 171 -39.15 0.65 23.65
C TYR E 171 -37.93 0.21 22.86
N ILE E 172 -37.09 -0.66 23.44
CA ILE E 172 -35.78 -0.90 22.85
C ILE E 172 -35.88 -1.89 21.70
N ALA E 173 -36.63 -2.96 21.87
CA ALA E 173 -36.75 -3.96 20.81
C ALA E 173 -37.44 -3.48 19.54
N PRO E 174 -38.43 -2.58 19.55
CA PRO E 174 -38.78 -1.91 18.28
C PRO E 174 -37.68 -1.01 17.77
N ALA E 175 -36.92 -0.38 18.66
CA ALA E 175 -35.89 0.55 18.24
C ALA E 175 -34.68 -0.13 17.64
N MET E 176 -34.42 -1.38 18.01
CA MET E 176 -33.23 -2.03 17.48
C MET E 176 -33.39 -2.51 16.05
N ARG E 177 -34.58 -2.42 15.48
CA ARG E 177 -34.74 -2.61 14.05
C ARG E 177 -35.00 -1.30 13.33
N PHE E 178 -35.16 -0.20 14.07
CA PHE E 178 -35.31 1.10 13.44
C PHE E 178 -34.00 1.59 12.86
N LEU E 179 -32.87 1.20 13.46
CA LEU E 179 -31.58 1.75 13.06
C LEU E 179 -31.16 1.26 11.68
N GLY E 180 -31.61 0.08 11.28
CA GLY E 180 -31.31 -0.43 9.96
C GLY E 180 -32.21 0.13 8.89
N TRP E 190 -21.55 8.18 3.07
CA TRP E 190 -22.21 7.71 4.29
C TRP E 190 -22.92 6.41 4.10
N GLY E 191 -22.41 5.36 4.73
CA GLY E 191 -23.15 4.12 4.74
C GLY E 191 -23.18 3.42 6.07
N ALA E 192 -22.44 3.92 7.06
CA ALA E 192 -22.04 3.10 8.21
C ALA E 192 -23.12 2.93 9.27
N GLY E 193 -24.30 2.50 8.88
CA GLY E 193 -25.36 2.19 9.82
C GLY E 193 -25.92 0.83 9.49
N LEU E 194 -25.04 -0.09 9.12
CA LEU E 194 -25.47 -1.35 8.54
C LEU E 194 -25.85 -2.30 9.67
N PHE E 195 -27.06 -2.86 9.62
CA PHE E 195 -27.71 -3.22 10.86
C PHE E 195 -28.78 -4.27 10.62
N GLU E 196 -28.62 -5.45 11.20
CA GLU E 196 -29.67 -6.47 11.23
C GLU E 196 -29.73 -7.02 12.64
N VAL E 197 -30.93 -7.08 13.22
CA VAL E 197 -31.12 -7.35 14.63
C VAL E 197 -31.59 -8.78 14.83
N GLU E 198 -31.01 -9.46 15.82
CA GLU E 198 -31.36 -10.83 16.16
C GLU E 198 -31.27 -11.00 17.66
N PHE E 199 -32.41 -11.14 18.33
CA PHE E 199 -32.46 -11.26 19.77
C PHE E 199 -31.91 -12.61 20.21
N HIS E 200 -31.65 -12.71 21.51
CA HIS E 200 -31.04 -13.90 22.10
C HIS E 200 -31.20 -13.82 23.61
N GLU E 201 -30.83 -14.91 24.28
CA GLU E 201 -30.66 -14.95 25.72
C GLU E 201 -29.24 -15.36 26.04
N MET E 202 -28.83 -15.14 27.27
CA MET E 202 -27.48 -15.47 27.69
C MET E 202 -27.47 -15.70 29.18
N LYS E 203 -26.41 -16.36 29.66
CA LYS E 203 -26.26 -16.70 31.06
C LYS E 203 -24.84 -16.40 31.50
N ILE E 204 -24.69 -15.87 32.72
CA ILE E 204 -23.39 -15.59 33.30
C ILE E 204 -23.40 -16.07 34.75
N ASP E 205 -22.32 -16.76 35.16
CA ASP E 205 -22.28 -17.44 36.45
C ASP E 205 -22.33 -16.47 37.62
N ALA E 206 -21.48 -15.42 37.60
CA ALA E 206 -21.61 -14.20 38.40
C ALA E 206 -21.75 -14.39 39.91
N PRO E 207 -20.66 -14.63 40.63
CA PRO E 207 -20.73 -14.89 42.08
C PRO E 207 -21.20 -13.73 42.96
N GLY E 208 -21.07 -13.90 44.28
CA GLY E 208 -21.50 -12.95 45.30
C GLY E 208 -21.15 -11.49 45.08
N SER E 209 -22.08 -10.60 45.43
CA SER E 209 -22.15 -9.25 44.89
C SER E 209 -21.59 -8.20 45.83
N GLU E 210 -20.47 -8.49 46.50
CA GLU E 210 -19.79 -7.46 47.28
C GLU E 210 -19.31 -6.32 46.38
N TYR E 211 -18.38 -6.62 45.47
CA TYR E 211 -17.85 -5.63 44.55
C TYR E 211 -17.69 -6.27 43.18
N SER E 212 -18.25 -5.66 42.14
CA SER E 212 -18.31 -6.34 40.85
C SER E 212 -18.40 -5.33 39.71
N VAL E 213 -18.49 -5.86 38.48
CA VAL E 213 -18.28 -5.09 37.28
C VAL E 213 -19.54 -4.27 36.95
N THR E 214 -19.36 -3.18 36.20
CA THR E 214 -20.45 -2.34 35.73
C THR E 214 -20.96 -2.70 34.34
N LEU E 215 -20.10 -3.25 33.46
CA LEU E 215 -20.37 -3.64 32.08
C LEU E 215 -20.76 -2.50 31.15
N SER E 216 -20.72 -1.26 31.60
CA SER E 216 -21.11 -0.15 30.73
C SER E 216 -20.00 0.87 30.69
N ASN E 217 -20.26 2.02 30.07
CA ASN E 217 -19.55 3.23 30.43
C ASN E 217 -20.34 3.82 31.60
N ALA E 218 -19.64 4.43 32.53
CA ALA E 218 -20.23 4.69 33.83
C ALA E 218 -19.98 6.10 34.29
N LEU E 219 -21.04 6.72 34.80
CA LEU E 219 -20.96 7.97 35.53
C LEU E 219 -21.28 7.67 36.99
N PRO E 220 -20.29 7.53 37.84
CA PRO E 220 -20.54 7.05 39.20
C PRO E 220 -20.97 8.16 40.14
N THR E 221 -21.45 7.74 41.32
CA THR E 221 -21.76 8.67 42.40
C THR E 221 -20.56 8.67 43.34
N LYS E 222 -19.50 9.36 42.89
CA LYS E 222 -18.36 9.78 43.71
C LYS E 222 -17.59 8.61 44.33
N THR E 223 -17.74 7.39 43.80
CA THR E 223 -17.24 6.20 44.48
C THR E 223 -16.19 5.53 43.61
N PRO E 224 -14.93 5.84 43.83
CA PRO E 224 -13.87 5.31 42.97
C PRO E 224 -13.28 3.98 43.44
N VAL E 225 -13.40 2.88 42.68
CA VAL E 225 -12.62 1.66 42.96
C VAL E 225 -12.05 1.07 41.67
N LEU E 226 -10.77 1.32 41.39
CA LEU E 226 -9.97 0.62 40.37
C LEU E 226 -10.58 0.68 38.97
N TRP E 227 -10.42 1.82 38.30
CA TRP E 227 -11.30 2.18 37.20
C TRP E 227 -10.54 2.97 36.14
N ARG E 228 -10.69 2.56 34.89
CA ARG E 228 -10.17 3.36 33.79
C ARG E 228 -11.06 4.56 33.55
N LEU E 229 -10.45 5.72 33.39
CA LEU E 229 -11.22 6.94 33.19
C LEU E 229 -11.47 7.12 31.70
N LEU E 230 -12.58 7.75 31.36
CA LEU E 230 -12.89 8.07 29.97
C LEU E 230 -13.39 9.49 29.83
N ARG E 231 -13.41 9.95 28.58
CA ARG E 231 -13.79 11.31 28.24
C ARG E 231 -14.60 11.23 26.96
N LYS E 232 -15.91 11.49 27.02
CA LYS E 232 -16.79 11.22 25.90
C LYS E 232 -17.45 12.50 25.44
N GLY E 233 -17.23 12.86 24.19
CA GLY E 233 -17.76 14.11 23.68
C GLY E 233 -19.17 13.91 23.17
N GLY E 234 -19.41 14.21 21.90
CA GLY E 234 -20.73 13.99 21.36
C GLY E 234 -21.49 15.26 21.08
N TRP E 235 -21.79 15.51 19.82
CA TRP E 235 -22.47 16.76 19.49
C TRP E 235 -23.94 16.71 19.84
N SER E 236 -24.65 15.66 19.38
CA SER E 236 -25.99 15.32 19.85
C SER E 236 -27.00 16.45 19.58
N PHE E 237 -27.34 16.58 18.30
CA PHE E 237 -28.16 17.66 17.72
C PHE E 237 -27.48 19.01 17.89
N GLY E 238 -26.36 19.15 17.19
CA GLY E 238 -25.77 20.45 17.00
C GLY E 238 -24.70 20.83 17.99
N ARG E 239 -25.10 21.59 19.02
CA ARG E 239 -24.15 22.21 19.94
C ARG E 239 -23.38 21.16 20.74
N ARG E 240 -22.07 21.32 20.78
CA ARG E 240 -21.14 20.30 21.29
C ARG E 240 -21.37 20.02 22.76
N LYS E 241 -21.66 18.76 23.07
CA LYS E 241 -21.83 18.31 24.44
C LYS E 241 -20.50 18.42 25.18
N PRO E 242 -20.54 18.66 26.51
CA PRO E 242 -19.30 18.69 27.28
C PRO E 242 -18.61 17.34 27.43
N ARG E 243 -17.51 17.30 28.16
CA ARG E 243 -16.60 16.16 28.13
C ARG E 243 -17.07 14.99 28.99
N MET E 244 -17.64 15.26 30.17
CA MET E 244 -18.47 14.33 30.94
C MET E 244 -17.73 13.05 31.31
N THR E 245 -16.75 13.22 32.22
CA THR E 245 -15.78 12.17 32.55
C THR E 245 -16.44 10.88 33.02
N PHE E 246 -16.02 9.78 32.42
CA PHE E 246 -16.70 8.50 32.51
C PHE E 246 -15.74 7.42 32.99
N ILE E 247 -16.31 6.37 33.59
CA ILE E 247 -15.57 5.13 33.76
C ILE E 247 -15.69 4.34 32.47
N ALA E 248 -14.63 3.62 32.10
CA ALA E 248 -14.60 2.92 30.82
C ALA E 248 -15.43 1.64 30.90
N GLU E 249 -15.31 0.83 29.86
CA GLU E 249 -16.04 -0.44 29.75
C GLU E 249 -15.53 -1.40 30.80
N GLY E 250 -16.36 -1.72 31.77
CA GLY E 250 -16.01 -2.78 32.68
C GLY E 250 -15.01 -2.46 33.77
N SER E 251 -15.38 -1.62 34.72
CA SER E 251 -14.68 -1.54 35.98
C SER E 251 -15.65 -1.79 37.12
N ILE E 252 -15.18 -1.60 38.35
CA ILE E 252 -15.81 -2.18 39.54
C ILE E 252 -16.17 -1.04 40.48
N VAL E 253 -17.41 -0.59 40.41
CA VAL E 253 -17.98 0.33 41.39
C VAL E 253 -19.25 -0.34 41.91
N LYS E 254 -19.13 -1.07 43.02
CA LYS E 254 -20.30 -1.68 43.62
C LYS E 254 -20.34 -1.38 45.11
N ASN E 255 -20.11 -0.13 45.47
CA ASN E 255 -20.55 0.35 46.78
C ASN E 255 -21.89 1.07 46.60
N ASP E 256 -22.90 0.26 46.20
CA ASP E 256 -24.28 0.65 45.93
C ASP E 256 -24.37 1.74 44.87
N PRO E 257 -24.12 1.41 43.59
CA PRO E 257 -24.22 2.40 42.52
C PRO E 257 -25.66 2.75 42.17
N GLY E 258 -25.82 3.43 41.03
CA GLY E 258 -27.07 4.08 40.73
C GLY E 258 -26.80 5.52 40.35
N GLY E 259 -25.61 5.76 39.82
CA GLY E 259 -25.21 7.05 39.28
C GLY E 259 -26.14 7.50 38.19
N MET E 260 -26.93 8.52 38.50
CA MET E 260 -28.06 8.91 37.67
C MET E 260 -27.59 9.52 36.35
N GLU E 261 -28.50 9.51 35.39
CA GLU E 261 -28.25 10.13 34.11
C GLU E 261 -28.19 11.64 34.27
N ARG E 262 -27.29 12.27 33.52
CA ARG E 262 -26.99 13.69 33.73
C ARG E 262 -27.73 14.56 32.71
N LEU E 263 -28.53 15.49 33.22
CA LEU E 263 -29.17 16.49 32.38
C LEU E 263 -28.14 17.46 31.81
N GLU E 264 -28.34 17.87 30.57
CA GLU E 264 -27.44 18.79 29.88
C GLU E 264 -28.20 20.06 29.48
N LEU E 265 -27.54 20.90 28.70
CA LEU E 265 -28.15 22.13 28.21
C LEU E 265 -27.72 22.38 26.77
N GLY E 266 -28.55 23.12 26.05
CA GLY E 266 -28.22 23.52 24.70
C GLY E 266 -29.38 23.51 23.73
N LEU E 267 -30.31 22.57 23.90
CA LEU E 267 -31.44 22.40 23.01
C LEU E 267 -32.71 22.91 23.67
N SER E 268 -33.84 22.72 22.98
CA SER E 268 -35.14 23.03 23.57
C SER E 268 -35.47 22.02 24.66
N HIS E 269 -35.63 20.75 24.29
CA HIS E 269 -35.75 19.69 25.26
C HIS E 269 -34.34 19.20 25.62
N GLU E 270 -34.16 18.83 26.88
CA GLU E 270 -32.81 18.52 27.35
C GLU E 270 -32.37 17.17 26.82
N VAL E 271 -31.10 17.09 26.45
CA VAL E 271 -30.43 15.82 26.26
C VAL E 271 -29.87 15.41 27.61
N TYR E 272 -30.04 14.16 27.98
CA TYR E 272 -29.49 13.72 29.24
C TYR E 272 -28.79 12.39 29.04
N VAL E 273 -27.56 12.35 29.49
CA VAL E 273 -26.59 11.34 29.09
C VAL E 273 -26.66 10.18 30.06
N TYR E 274 -26.54 8.98 29.52
CA TYR E 274 -26.53 7.70 30.22
C TYR E 274 -25.27 7.57 31.09
N GLY E 275 -25.16 6.44 31.78
CA GLY E 275 -24.02 6.17 32.64
C GLY E 275 -24.38 5.33 33.84
N LEU E 276 -25.67 5.11 34.04
CA LEU E 276 -26.14 4.23 35.09
C LEU E 276 -25.88 2.78 34.70
N THR E 277 -25.37 1.99 35.66
CA THR E 277 -24.74 0.71 35.42
C THR E 277 -25.55 -0.44 36.01
N PHE E 278 -25.12 -1.66 35.69
CA PHE E 278 -25.73 -2.85 36.29
C PHE E 278 -24.65 -3.83 36.70
N PRO E 279 -24.85 -4.54 37.82
CA PRO E 279 -23.78 -5.35 38.39
C PRO E 279 -23.49 -6.65 37.67
N LEU E 280 -22.65 -7.42 38.34
CA LEU E 280 -22.22 -8.74 37.93
C LEU E 280 -21.72 -9.40 39.21
N GLY E 281 -20.87 -10.42 39.09
CA GLY E 281 -20.23 -10.96 40.27
C GLY E 281 -18.71 -11.05 40.21
N VAL E 282 -18.03 -10.39 41.13
CA VAL E 282 -16.58 -10.49 41.30
C VAL E 282 -16.30 -10.63 42.79
N GLU E 283 -15.32 -11.44 43.14
CA GLU E 283 -14.64 -11.28 44.42
C GLU E 283 -13.20 -10.83 44.13
N LEU E 284 -12.92 -9.57 44.43
CA LEU E 284 -11.60 -8.99 44.18
C LEU E 284 -10.67 -9.31 45.35
N PRO E 285 -9.34 -9.41 45.11
CA PRO E 285 -8.42 -9.84 46.17
C PRO E 285 -8.31 -8.91 47.36
N GLU E 286 -7.87 -7.67 47.14
CA GLU E 286 -7.73 -6.67 48.19
C GLU E 286 -7.88 -5.28 47.58
N GLY E 287 -7.79 -4.27 48.44
CA GLY E 287 -7.91 -2.89 48.00
C GLY E 287 -9.13 -2.21 48.62
N THR F 2 -4.82 5.36 -50.78
CA THR F 2 -4.00 5.01 -51.93
C THR F 2 -4.24 3.56 -52.33
N GLU F 3 -5.27 3.37 -53.16
CA GLU F 3 -5.66 2.04 -53.62
C GLU F 3 -4.76 1.61 -54.78
N ARG F 4 -4.00 0.54 -54.58
CA ARG F 4 -3.14 0.01 -55.64
C ARG F 4 -3.56 -1.41 -55.97
N THR F 5 -3.14 -1.89 -57.14
CA THR F 5 -3.52 -3.19 -57.63
C THR F 5 -2.29 -4.05 -57.83
N LEU F 6 -2.29 -5.24 -57.25
CA LEU F 6 -1.15 -6.15 -57.24
C LEU F 6 -1.46 -7.30 -58.18
N LYS F 7 -0.77 -7.33 -59.32
CA LYS F 7 -0.86 -8.43 -60.27
C LYS F 7 0.26 -9.42 -60.00
N VAL F 8 -0.04 -10.70 -60.13
CA VAL F 8 0.89 -11.77 -59.78
C VAL F 8 1.50 -12.34 -61.04
N LEU F 9 2.82 -12.24 -61.15
CA LEU F 9 3.54 -12.66 -62.36
C LEU F 9 4.05 -14.09 -62.28
N SER F 10 4.61 -14.47 -61.16
CA SER F 10 5.24 -15.78 -61.02
C SER F 10 4.40 -16.64 -60.09
N PRO F 11 4.75 -17.90 -59.87
CA PRO F 11 4.28 -18.59 -58.66
C PRO F 11 4.68 -17.83 -57.41
N LEU F 12 3.76 -17.77 -56.45
CA LEU F 12 3.93 -17.03 -55.21
C LEU F 12 3.56 -17.92 -54.03
N HIS F 13 4.47 -18.05 -53.07
CA HIS F 13 4.21 -18.87 -51.89
C HIS F 13 4.52 -18.08 -50.63
N ILE F 14 3.53 -17.93 -49.77
CA ILE F 14 3.68 -17.34 -48.44
C ILE F 14 3.04 -18.33 -47.48
N GLY F 15 3.85 -18.94 -46.61
CA GLY F 15 3.30 -20.00 -45.80
C GLY F 15 3.83 -20.13 -44.38
N THR F 16 2.93 -20.36 -43.42
CA THR F 16 3.27 -20.33 -42.00
C THR F 16 4.26 -21.43 -41.62
N GLY F 17 3.83 -22.68 -41.73
CA GLY F 17 4.63 -23.79 -41.24
C GLY F 17 3.73 -24.82 -40.60
N ASN F 18 2.48 -24.43 -40.37
CA ASN F 18 1.42 -25.37 -39.98
C ASN F 18 0.96 -26.08 -41.24
N GLU F 19 1.74 -27.07 -41.65
CA GLU F 19 1.62 -27.66 -42.97
C GLU F 19 0.38 -28.55 -43.05
N LEU F 20 0.03 -28.90 -44.28
CA LEU F 20 -0.99 -29.89 -44.54
C LEU F 20 -0.33 -31.26 -44.45
N THR F 21 -1.02 -32.15 -44.00
CA THR F 21 -0.61 -33.49 -43.65
C THR F 21 -1.29 -34.49 -44.57
N PRO F 22 -0.65 -35.64 -44.86
CA PRO F 22 -1.34 -36.72 -45.58
C PRO F 22 -2.63 -37.23 -44.95
N VAL F 23 -2.94 -36.88 -43.70
CA VAL F 23 -4.29 -37.12 -43.18
C VAL F 23 -5.30 -36.13 -43.71
N ASP F 24 -4.86 -35.07 -44.41
CA ASP F 24 -5.77 -34.10 -45.01
C ASP F 24 -5.91 -34.27 -46.52
N ILE F 25 -4.95 -34.89 -47.17
CA ILE F 25 -4.87 -34.95 -48.62
C ILE F 25 -5.56 -36.22 -49.11
N TYR F 26 -6.22 -36.12 -50.26
CA TYR F 26 -6.67 -37.29 -51.00
C TYR F 26 -6.46 -37.01 -52.48
N PRO F 27 -5.31 -37.42 -53.03
CA PRO F 27 -5.02 -37.13 -54.44
C PRO F 27 -5.91 -37.95 -55.36
N ARG F 28 -6.74 -37.27 -56.13
CA ARG F 28 -7.69 -37.94 -57.01
C ARG F 28 -7.82 -37.14 -58.29
N GLU F 29 -7.51 -37.78 -59.43
CA GLU F 29 -7.59 -37.21 -60.77
C GLU F 29 -6.75 -35.93 -60.90
N ASN F 30 -5.57 -35.96 -60.26
CA ASN F 30 -4.63 -34.84 -60.19
C ASN F 30 -5.26 -33.58 -59.61
N ILE F 31 -6.22 -33.73 -58.71
CA ILE F 31 -6.87 -32.62 -58.02
C ILE F 31 -6.99 -33.00 -56.55
N ILE F 32 -6.40 -32.20 -55.68
CA ILE F 32 -6.36 -32.51 -54.25
C ILE F 32 -7.56 -31.85 -53.58
N HIS F 33 -8.33 -32.67 -52.85
CA HIS F 33 -9.40 -32.18 -52.00
C HIS F 33 -8.89 -32.16 -50.57
N VAL F 34 -8.59 -30.97 -50.05
CA VAL F 34 -8.02 -30.87 -48.71
C VAL F 34 -9.13 -31.04 -47.68
N LEU F 35 -9.01 -32.07 -46.86
CA LEU F 35 -10.11 -32.49 -46.01
C LEU F 35 -10.24 -31.59 -44.78
N ASP F 36 -11.29 -31.86 -44.00
CA ASP F 36 -11.52 -31.25 -42.70
C ASP F 36 -11.67 -32.42 -41.72
N THR F 37 -10.54 -32.79 -41.09
CA THR F 37 -10.52 -34.00 -40.27
C THR F 37 -11.31 -33.87 -38.99
N GLU F 38 -11.57 -32.64 -38.52
CA GLU F 38 -12.37 -32.48 -37.32
C GLU F 38 -13.81 -32.92 -37.56
N ARG F 39 -14.42 -32.44 -38.64
CA ARG F 39 -15.76 -32.86 -39.00
C ARG F 39 -15.80 -34.33 -39.42
N LEU F 40 -14.72 -34.83 -40.01
CA LEU F 40 -14.67 -36.23 -40.41
C LEU F 40 -14.63 -37.15 -39.20
N VAL F 41 -13.82 -36.82 -38.21
CA VAL F 41 -13.78 -37.60 -36.97
C VAL F 41 -15.09 -37.47 -36.21
N ASN F 42 -15.71 -36.28 -36.23
CA ASN F 42 -16.98 -36.09 -35.54
C ASN F 42 -18.12 -36.83 -36.21
N ASP F 43 -18.03 -37.07 -37.53
CA ASP F 43 -19.05 -37.83 -38.23
C ASP F 43 -18.55 -39.21 -38.67
N LEU F 44 -17.51 -39.72 -38.02
CA LEU F 44 -17.07 -41.10 -38.24
C LEU F 44 -17.18 -41.98 -37.01
N MET F 45 -17.29 -41.41 -35.81
CA MET F 45 -17.63 -42.20 -34.64
C MET F 45 -19.09 -42.61 -34.68
N ASN F 46 -19.98 -41.63 -34.81
CA ASN F 46 -21.41 -41.89 -34.86
C ASN F 46 -21.77 -42.51 -36.21
N LEU F 47 -22.52 -43.61 -36.16
CA LEU F 47 -22.82 -44.48 -37.31
C LEU F 47 -21.54 -44.96 -37.98
N GLY F 48 -20.54 -45.28 -37.16
CA GLY F 48 -19.26 -45.76 -37.64
C GLY F 48 -18.61 -46.66 -36.62
N VAL F 49 -17.31 -46.49 -36.38
CA VAL F 49 -16.60 -47.27 -35.39
C VAL F 49 -15.38 -46.46 -34.95
N GLU F 50 -14.93 -46.71 -33.72
CA GLU F 50 -13.66 -46.20 -33.22
C GLU F 50 -12.85 -47.24 -32.45
N LEU F 51 -13.48 -48.30 -31.92
CA LEU F 51 -12.83 -49.40 -31.18
C LEU F 51 -12.00 -48.90 -29.99
N ASN F 52 -12.38 -47.72 -29.47
CA ASN F 52 -11.68 -46.85 -28.51
C ASN F 52 -10.35 -46.30 -29.04
N GLU F 53 -9.96 -46.65 -30.27
CA GLU F 53 -8.65 -46.26 -30.78
C GLU F 53 -8.59 -45.78 -32.22
N ILE F 54 -9.55 -46.14 -33.10
CA ILE F 54 -9.30 -46.15 -34.55
C ILE F 54 -9.13 -44.74 -35.10
N LEU F 55 -9.99 -43.82 -34.72
CA LEU F 55 -9.82 -42.45 -35.19
C LEU F 55 -8.66 -41.74 -34.51
N ALA F 56 -8.22 -42.23 -33.34
CA ALA F 56 -7.03 -41.73 -32.68
C ALA F 56 -5.82 -42.62 -32.92
N LEU F 57 -5.89 -43.47 -33.95
CA LEU F 57 -4.80 -44.36 -34.29
C LEU F 57 -3.85 -43.77 -35.32
N LEU F 58 -3.68 -42.45 -35.30
CA LEU F 58 -2.88 -41.76 -36.32
C LEU F 58 -1.41 -41.69 -35.98
N LYS F 59 -0.90 -42.61 -35.16
CA LYS F 59 0.52 -42.86 -35.08
C LYS F 59 0.98 -43.87 -36.12
N ASN F 60 0.06 -44.30 -37.00
CA ASN F 60 0.40 -45.09 -38.17
C ASN F 60 1.24 -44.24 -39.13
N PRO F 61 2.03 -44.88 -40.01
CA PRO F 61 2.92 -44.11 -40.89
C PRO F 61 2.14 -43.31 -41.90
N PRO F 62 2.66 -42.15 -42.34
CA PRO F 62 1.89 -41.25 -43.19
C PRO F 62 1.72 -41.72 -44.63
N GLY F 63 1.13 -40.86 -45.46
CA GLY F 63 0.78 -41.24 -46.81
C GLY F 63 -0.45 -42.12 -46.82
N ASP F 64 -0.63 -42.81 -47.96
CA ASP F 64 -1.66 -43.82 -48.17
C ASP F 64 -3.06 -43.26 -47.96
N ALA F 65 -3.42 -42.29 -48.79
CA ALA F 65 -4.75 -41.69 -48.74
C ALA F 65 -5.81 -42.56 -49.38
N TYR F 66 -5.40 -43.48 -50.28
CA TYR F 66 -6.33 -44.29 -51.05
C TYR F 66 -7.18 -45.19 -50.16
N ILE F 67 -6.53 -45.99 -49.31
CA ILE F 67 -7.25 -46.77 -48.32
C ILE F 67 -7.93 -45.85 -47.31
N TRP F 68 -7.25 -44.75 -46.96
CA TRP F 68 -7.66 -43.84 -45.90
C TRP F 68 -9.03 -43.22 -46.15
N LYS F 69 -9.40 -43.00 -47.42
CA LYS F 69 -10.80 -42.76 -47.73
C LYS F 69 -11.51 -44.04 -48.16
N GLY F 70 -11.06 -44.67 -49.25
CA GLY F 70 -11.81 -45.69 -49.97
C GLY F 70 -12.18 -46.94 -49.19
N TYR F 71 -11.65 -47.14 -47.98
CA TYR F 71 -12.25 -48.14 -47.10
C TYR F 71 -12.99 -47.53 -45.93
N ILE F 72 -12.54 -46.39 -45.42
CA ILE F 72 -13.30 -45.74 -44.37
C ILE F 72 -14.54 -45.07 -44.95
N GLU F 73 -14.42 -44.52 -46.17
CA GLU F 73 -15.58 -44.26 -47.01
C GLU F 73 -15.78 -45.52 -47.86
N GLU F 74 -16.48 -46.47 -47.27
CA GLU F 74 -16.82 -47.73 -47.94
C GLU F 74 -18.16 -47.60 -48.65
N PHE F 75 -18.19 -46.63 -49.56
CA PHE F 75 -19.42 -46.00 -50.09
C PHE F 75 -20.35 -45.61 -48.93
N HIS F 76 -19.75 -44.99 -47.92
CA HIS F 76 -20.41 -44.63 -46.67
C HIS F 76 -20.36 -43.13 -46.40
N LEU F 77 -19.23 -42.49 -46.67
CA LEU F 77 -19.11 -41.05 -46.55
C LEU F 77 -19.27 -40.40 -47.92
N ASP F 78 -19.20 -39.09 -47.93
CA ASP F 78 -19.18 -38.32 -49.17
C ASP F 78 -17.75 -38.30 -49.73
N PRO F 79 -17.60 -38.11 -51.04
CA PRO F 79 -16.25 -37.95 -51.60
C PRO F 79 -15.54 -36.70 -51.09
N SER F 80 -16.13 -35.53 -51.31
CA SER F 80 -15.43 -34.31 -50.89
C SER F 80 -16.39 -33.25 -50.36
N ASP F 81 -17.50 -33.65 -49.76
CA ASP F 81 -18.28 -32.68 -48.99
C ASP F 81 -17.54 -32.25 -47.74
N TYR F 82 -16.71 -33.14 -47.19
CA TYR F 82 -15.85 -32.82 -46.06
C TYR F 82 -14.63 -32.00 -46.46
N SER F 83 -14.35 -31.86 -47.74
CA SER F 83 -13.25 -31.03 -48.18
C SER F 83 -13.60 -29.56 -47.97
N ILE F 84 -12.68 -28.81 -47.37
CA ILE F 84 -12.87 -27.36 -47.27
C ILE F 84 -12.69 -26.71 -48.63
N TYR F 85 -11.66 -27.14 -49.36
CA TYR F 85 -11.35 -26.56 -50.66
C TYR F 85 -10.59 -27.59 -51.48
N THR F 86 -10.38 -27.25 -52.75
CA THR F 86 -9.65 -28.07 -53.69
C THR F 86 -8.50 -27.26 -54.27
N LEU F 87 -7.51 -27.97 -54.78
CA LEU F 87 -6.36 -27.34 -55.41
C LEU F 87 -6.17 -27.88 -56.82
N LYS F 88 -5.05 -27.54 -57.45
CA LYS F 88 -4.69 -28.06 -58.76
C LYS F 88 -3.25 -28.54 -58.71
N ILE F 89 -3.04 -29.82 -59.00
CA ILE F 89 -1.71 -30.41 -58.89
C ILE F 89 -0.86 -29.98 -60.08
N HIS F 90 0.28 -29.37 -59.81
CA HIS F 90 1.30 -29.10 -60.81
C HIS F 90 2.50 -29.97 -60.44
N GLY F 91 2.72 -31.04 -61.20
CA GLY F 91 3.86 -31.91 -60.97
C GLY F 91 3.55 -33.39 -61.17
N SER F 97 2.93 -38.54 -52.80
CA SER F 97 1.75 -38.41 -51.95
C SER F 97 2.16 -38.01 -50.54
N MET F 98 2.82 -36.87 -50.41
CA MET F 98 3.40 -36.46 -49.14
C MET F 98 2.94 -35.06 -48.75
N GLN F 99 3.59 -34.48 -47.73
CA GLN F 99 3.10 -33.30 -47.03
C GLN F 99 3.09 -32.05 -47.91
N ILE F 100 2.29 -31.08 -47.50
CA ILE F 100 2.02 -29.87 -48.28
C ILE F 100 2.16 -28.66 -47.37
N LYS F 101 3.00 -27.71 -47.76
CA LYS F 101 3.10 -26.46 -47.02
C LYS F 101 1.86 -25.62 -47.25
N GLU F 102 1.20 -25.21 -46.17
CA GLU F 102 -0.04 -24.47 -46.28
C GLU F 102 0.21 -22.99 -46.48
N PHE F 103 -0.56 -22.38 -47.38
CA PHE F 103 -0.55 -20.93 -47.50
C PHE F 103 -1.19 -20.30 -46.28
N ILE F 104 -0.70 -19.12 -45.92
CA ILE F 104 -1.23 -18.40 -44.75
C ILE F 104 -2.65 -17.92 -45.06
N LYS F 105 -3.60 -18.38 -44.26
CA LYS F 105 -5.00 -18.22 -44.60
C LYS F 105 -5.68 -17.30 -43.59
N LEU F 106 -6.97 -17.06 -43.83
CA LEU F 106 -7.77 -16.19 -42.98
C LEU F 106 -9.21 -16.63 -43.16
N ASN F 107 -9.72 -17.41 -42.19
CA ASN F 107 -11.00 -18.11 -42.28
C ASN F 107 -11.08 -19.00 -43.52
N GLY F 108 -9.94 -19.60 -43.88
CA GLY F 108 -9.89 -20.42 -45.07
C GLY F 108 -9.82 -19.63 -46.37
N ARG F 109 -9.06 -18.53 -46.38
CA ARG F 109 -8.91 -17.72 -47.58
C ARG F 109 -7.49 -17.19 -47.63
N PRO F 110 -6.80 -17.32 -48.76
CA PRO F 110 -5.43 -16.80 -48.85
C PRO F 110 -5.43 -15.29 -49.00
N TYR F 111 -4.43 -14.65 -48.42
CA TYR F 111 -4.26 -13.21 -48.54
C TYR F 111 -2.80 -12.86 -48.33
N ILE F 112 -2.35 -11.81 -49.00
CA ILE F 112 -0.97 -11.36 -48.85
C ILE F 112 -0.88 -10.55 -47.56
N PRO F 113 -0.04 -10.97 -46.61
CA PRO F 113 0.12 -10.17 -45.40
C PRO F 113 0.98 -8.95 -45.65
N GLY F 114 0.56 -7.81 -45.09
CA GLY F 114 1.23 -6.56 -45.37
C GLY F 114 2.61 -6.45 -44.77
N SER F 115 2.90 -7.25 -43.75
CA SER F 115 4.25 -7.26 -43.19
C SER F 115 5.26 -7.79 -44.20
N SER F 116 4.86 -8.76 -45.02
CA SER F 116 5.76 -9.25 -46.05
C SER F 116 6.00 -8.22 -47.13
N LEU F 117 4.96 -7.47 -47.50
CA LEU F 117 5.11 -6.39 -48.47
C LEU F 117 5.98 -5.27 -47.92
N LYS F 118 5.83 -4.95 -46.64
CA LYS F 118 6.66 -3.92 -46.02
C LYS F 118 8.10 -4.36 -45.93
N GLY F 119 8.36 -5.64 -45.67
CA GLY F 119 9.73 -6.12 -45.63
C GLY F 119 10.39 -6.11 -47.00
N ALA F 120 9.65 -6.52 -48.03
CA ALA F 120 10.19 -6.50 -49.38
C ALA F 120 10.31 -5.08 -49.94
N ILE F 121 9.63 -4.10 -49.34
CA ILE F 121 9.89 -2.71 -49.72
C ILE F 121 11.07 -2.16 -48.93
N ARG F 122 11.16 -2.48 -47.65
CA ARG F 122 12.21 -1.91 -46.80
C ARG F 122 13.58 -2.46 -47.16
N THR F 123 13.65 -3.67 -47.72
CA THR F 123 14.93 -4.15 -48.25
C THR F 123 15.39 -3.30 -49.43
N ALA F 124 14.47 -2.92 -50.31
CA ALA F 124 14.80 -2.04 -51.42
C ALA F 124 15.19 -0.65 -50.94
N VAL F 125 14.54 -0.19 -49.87
CA VAL F 125 14.87 1.10 -49.28
C VAL F 125 16.27 1.07 -48.68
N LEU F 126 16.63 -0.04 -48.04
CA LEU F 126 18.00 -0.21 -47.55
C LEU F 126 18.99 -0.26 -48.71
N TYR F 127 18.59 -0.85 -49.83
CA TYR F 127 19.46 -0.96 -51.00
C TYR F 127 19.79 0.42 -51.58
N LYS F 128 18.76 1.23 -51.84
CA LYS F 128 19.02 2.58 -52.35
C LYS F 128 19.67 3.47 -51.32
N ALA F 129 19.41 3.24 -50.02
CA ALA F 129 20.05 4.04 -48.98
C ALA F 129 21.53 3.76 -48.88
N LEU F 130 21.95 2.50 -49.01
CA LEU F 130 23.38 2.22 -49.06
C LEU F 130 23.98 2.63 -50.40
N LYS F 131 23.18 2.62 -51.47
CA LYS F 131 23.74 2.90 -52.79
C LYS F 131 24.03 4.38 -52.98
N GLU F 132 22.99 5.21 -52.92
CA GLU F 132 23.13 6.60 -53.33
C GLU F 132 23.66 7.51 -52.23
N CYS F 133 23.97 6.95 -51.04
CA CYS F 133 24.49 7.78 -49.97
C CYS F 133 25.59 7.10 -49.16
N GLY F 134 26.03 5.90 -49.56
CA GLY F 134 27.02 5.17 -48.79
C GLY F 134 28.46 5.52 -49.07
N ASP F 135 28.92 6.69 -48.62
CA ASP F 135 30.32 7.06 -48.69
C ASP F 135 30.71 7.71 -47.37
N ALA F 136 32.03 7.84 -47.16
CA ALA F 136 32.54 8.30 -45.87
C ALA F 136 32.31 9.78 -45.62
N ARG F 137 32.02 10.55 -46.66
CA ARG F 137 31.64 11.94 -46.51
C ARG F 137 30.13 12.12 -46.39
N ALA F 138 29.40 11.03 -46.11
CA ALA F 138 28.01 11.09 -45.69
C ALA F 138 27.70 10.20 -44.49
N VAL F 139 28.51 9.19 -44.22
CA VAL F 139 28.27 8.27 -43.11
C VAL F 139 28.91 8.76 -41.83
N MET F 140 30.19 9.11 -41.91
CA MET F 140 30.97 9.51 -40.73
C MET F 140 30.42 10.79 -40.11
N ARG F 141 29.81 11.67 -40.90
CA ARG F 141 29.20 12.89 -40.41
C ARG F 141 28.02 12.63 -39.48
N VAL F 142 27.41 11.45 -39.56
CA VAL F 142 26.30 11.08 -38.70
C VAL F 142 26.75 10.15 -37.59
N VAL F 143 27.67 9.24 -37.89
CA VAL F 143 28.17 8.29 -36.89
C VAL F 143 29.00 9.04 -35.84
N SER F 144 29.68 10.11 -36.22
CA SER F 144 30.37 10.95 -35.23
C SER F 144 29.41 11.69 -34.32
N LYS F 145 28.19 11.94 -34.78
CA LYS F 145 27.20 12.60 -33.93
C LYS F 145 26.64 11.66 -32.87
N VAL F 146 26.72 10.35 -33.09
CA VAL F 146 26.27 9.36 -32.12
C VAL F 146 27.46 8.45 -31.83
N ASN F 147 28.27 8.84 -30.83
CA ASN F 147 29.36 8.05 -30.25
C ASN F 147 30.36 7.59 -31.32
N GLY F 148 31.07 8.56 -31.87
CA GLY F 148 31.88 8.32 -33.05
C GLY F 148 33.20 7.59 -32.89
N ASP F 149 33.31 6.70 -31.91
CA ASP F 149 34.45 5.78 -31.89
C ASP F 149 34.33 4.76 -33.01
N VAL F 150 33.11 4.43 -33.41
CA VAL F 150 32.88 3.67 -34.62
C VAL F 150 33.24 4.51 -35.84
N ALA F 151 33.03 5.83 -35.78
CA ALA F 151 33.22 6.69 -36.93
C ALA F 151 34.68 6.85 -37.31
N ARG F 152 35.60 6.79 -36.34
CA ARG F 152 37.01 6.83 -36.69
C ARG F 152 37.51 5.52 -37.27
N ASP F 153 36.81 4.41 -37.00
CA ASP F 153 37.08 3.17 -37.71
C ASP F 153 36.46 3.20 -39.10
N ILE F 154 35.35 3.92 -39.25
CA ILE F 154 34.73 4.12 -40.56
C ILE F 154 35.63 4.96 -41.45
N GLY F 155 36.25 6.00 -40.89
CA GLY F 155 37.06 6.97 -41.60
C GLY F 155 38.30 6.41 -42.28
N ARG F 156 38.73 5.21 -41.91
CA ARG F 156 39.80 4.54 -42.64
C ARG F 156 39.34 4.05 -44.01
N SER F 157 38.03 3.91 -44.21
CA SER F 157 37.47 3.50 -45.49
C SER F 157 36.64 4.64 -46.09
N GLU F 158 36.53 4.64 -47.42
CA GLU F 158 35.77 5.67 -48.12
C GLU F 158 34.27 5.39 -48.16
N ASP F 159 33.82 4.28 -47.58
CA ASP F 159 32.43 3.88 -47.66
C ASP F 159 32.13 2.88 -46.55
N VAL F 160 30.86 2.85 -46.11
CA VAL F 160 30.47 2.02 -44.98
C VAL F 160 30.22 0.58 -45.38
N LEU F 161 30.21 0.29 -46.69
CA LEU F 161 30.13 -1.08 -47.17
C LEU F 161 31.34 -1.88 -46.72
N ASP F 162 32.54 -1.32 -46.90
CA ASP F 162 33.74 -1.96 -46.41
C ASP F 162 33.80 -1.97 -44.89
N TYR F 163 33.15 -1.00 -44.24
CA TYR F 163 33.12 -1.02 -42.77
C TYR F 163 32.29 -2.17 -42.25
N TYR F 164 31.14 -2.44 -42.88
CA TYR F 164 30.35 -3.57 -42.42
C TYR F 164 30.92 -4.90 -42.89
N MET F 165 31.64 -4.91 -44.01
CA MET F 165 32.39 -6.12 -44.37
C MET F 165 33.54 -6.37 -43.40
N SER F 166 34.08 -5.30 -42.78
CA SER F 166 35.06 -5.47 -41.73
C SER F 166 34.41 -6.01 -40.46
N PHE F 167 33.31 -5.37 -40.03
CA PHE F 167 32.65 -5.71 -38.77
C PHE F 167 32.05 -7.12 -38.83
N LEU F 168 31.58 -7.54 -39.99
CA LEU F 168 31.12 -8.91 -40.14
C LEU F 168 32.28 -9.90 -40.08
N SER F 169 33.43 -9.53 -40.65
CA SER F 169 34.63 -10.34 -40.62
C SER F 169 35.48 -10.10 -39.38
N ARG F 170 34.96 -9.33 -38.42
CA ARG F 170 35.62 -9.19 -37.13
C ARG F 170 35.37 -10.45 -36.29
N ALA F 171 35.99 -10.50 -35.12
CA ALA F 171 35.83 -11.65 -34.23
C ALA F 171 34.55 -11.49 -33.40
N ARG F 172 34.41 -12.39 -32.43
CA ARG F 172 33.34 -12.43 -31.39
C ARG F 172 31.92 -12.27 -31.95
N ILE F 173 31.71 -12.65 -33.22
CA ILE F 173 30.46 -12.35 -33.91
C ILE F 173 29.37 -13.31 -33.46
N ASP F 174 28.37 -12.75 -32.79
CA ASP F 174 27.13 -13.42 -32.46
C ASP F 174 26.06 -13.03 -33.48
N ARG F 175 24.81 -13.39 -33.20
CA ARG F 175 23.73 -12.99 -34.10
C ARG F 175 23.06 -11.70 -33.65
N LYS F 176 22.79 -11.56 -32.35
CA LYS F 176 21.93 -10.48 -31.86
C LYS F 176 22.59 -9.10 -31.99
N ARG F 177 23.92 -9.02 -31.86
CA ARG F 177 24.58 -7.74 -32.01
C ARG F 177 24.98 -7.45 -33.46
N ALA F 178 25.31 -8.50 -34.22
CA ALA F 178 25.85 -8.30 -35.57
C ALA F 178 24.78 -8.23 -36.65
N ASP F 179 23.56 -8.72 -36.39
CA ASP F 179 22.51 -8.66 -37.39
C ASP F 179 22.03 -7.23 -37.62
N ASP F 180 21.61 -6.57 -36.55
CA ASP F 180 20.86 -5.33 -36.63
C ASP F 180 21.73 -4.08 -36.72
N LEU F 181 23.06 -4.23 -36.86
CA LEU F 181 23.94 -3.06 -36.78
C LEU F 181 23.88 -2.20 -38.04
N LEU F 182 23.87 -2.81 -39.22
CA LEU F 182 23.75 -2.05 -40.46
C LEU F 182 22.37 -1.42 -40.59
N GLU F 183 21.34 -2.16 -40.15
CA GLU F 183 19.99 -1.63 -40.07
C GLU F 183 19.91 -0.44 -39.12
N ALA F 184 20.69 -0.49 -38.03
CA ALA F 184 20.74 0.64 -37.12
C ALA F 184 21.44 1.85 -37.73
N ILE F 185 22.57 1.61 -38.41
CA ILE F 185 23.33 2.69 -39.02
C ILE F 185 22.52 3.38 -40.10
N VAL F 186 21.73 2.61 -40.85
CA VAL F 186 20.90 3.21 -41.88
C VAL F 186 19.67 3.89 -41.27
N PHE F 187 18.98 3.20 -40.35
CA PHE F 187 17.66 3.60 -39.94
C PHE F 187 17.60 4.28 -38.57
N GLY F 188 18.75 4.59 -37.97
CA GLY F 188 18.74 5.32 -36.72
C GLY F 188 19.22 4.51 -35.54
N MET F 189 19.89 5.16 -34.59
CA MET F 189 20.52 4.45 -33.48
C MET F 189 20.42 5.29 -32.21
N GLU F 190 21.09 4.82 -31.16
CA GLU F 190 21.04 5.39 -29.84
C GLU F 190 22.34 5.05 -29.14
N PRO F 191 22.95 5.95 -28.37
CA PRO F 191 24.17 5.58 -27.65
C PRO F 191 23.91 4.64 -26.48
N ASP F 192 24.28 3.37 -26.65
CA ASP F 192 24.21 2.39 -25.60
C ASP F 192 25.53 1.63 -25.53
N ARG F 193 25.80 1.04 -24.37
CA ARG F 193 27.11 0.48 -24.06
C ARG F 193 27.42 -0.84 -24.76
N ARG F 194 26.48 -1.39 -25.53
CA ARG F 194 26.66 -2.73 -26.09
C ARG F 194 27.68 -2.72 -27.23
N SER F 195 27.36 -2.01 -28.31
CA SER F 195 28.25 -1.92 -29.47
C SER F 195 28.64 -0.47 -29.76
N LYS F 196 28.47 0.41 -28.77
CA LYS F 196 28.64 1.87 -28.74
C LYS F 196 27.53 2.57 -29.53
N ILE F 197 26.71 1.81 -30.26
CA ILE F 197 25.42 2.25 -30.79
C ILE F 197 24.46 1.10 -30.54
N ARG F 198 23.17 1.39 -30.67
CA ARG F 198 22.15 0.36 -30.54
C ARG F 198 20.92 0.80 -31.32
N TYR F 199 20.26 -0.15 -31.96
CA TYR F 199 19.08 0.16 -32.74
C TYR F 199 17.89 0.45 -31.85
N GLU F 200 17.74 1.70 -31.42
CA GLU F 200 16.45 2.11 -30.89
C GLU F 200 15.53 2.25 -32.09
N PRO F 201 14.53 1.38 -32.23
CA PRO F 201 13.78 1.31 -33.49
C PRO F 201 12.78 2.44 -33.67
N LYS F 202 12.54 3.26 -32.66
CA LYS F 202 11.62 4.37 -32.80
C LYS F 202 12.20 5.52 -33.62
N ARG F 203 13.49 5.48 -33.95
CA ARG F 203 14.10 6.47 -34.84
C ARG F 203 13.71 6.28 -36.29
N ASP F 204 13.13 5.16 -36.65
CA ASP F 204 12.99 4.79 -38.05
C ASP F 204 11.82 5.55 -38.68
N PRO F 205 12.04 6.21 -39.83
CA PRO F 205 10.91 6.84 -40.55
C PRO F 205 9.95 5.85 -41.21
N MET F 206 10.19 4.54 -41.12
CA MET F 206 9.26 3.55 -41.67
C MET F 206 7.92 3.54 -40.96
N LYS F 207 7.84 4.10 -39.75
CA LYS F 207 6.57 4.30 -39.07
C LYS F 207 5.69 5.33 -39.77
N ALA F 208 6.25 6.12 -40.68
CA ALA F 208 5.43 6.96 -41.55
C ALA F 208 4.94 6.22 -42.79
N LEU F 209 5.33 4.96 -42.96
CA LEU F 209 4.90 4.15 -44.09
C LEU F 209 3.89 3.12 -43.60
N ILE F 210 2.73 3.07 -44.26
CA ILE F 210 1.65 2.19 -43.84
C ILE F 210 1.42 1.20 -44.97
N VAL F 211 1.49 -0.09 -44.64
CA VAL F 211 1.27 -1.19 -45.56
C VAL F 211 0.14 -2.04 -44.98
N ARG F 212 -1.07 -1.89 -45.51
CA ARG F 212 -2.17 -2.73 -45.06
C ARG F 212 -2.01 -4.15 -45.57
N ASP F 213 -2.70 -5.08 -44.93
CA ASP F 213 -2.83 -6.41 -45.48
C ASP F 213 -3.73 -6.37 -46.71
N SER F 214 -3.51 -7.32 -47.61
CA SER F 214 -4.23 -7.31 -48.88
C SER F 214 -5.66 -7.78 -48.69
N LYS F 215 -6.44 -7.66 -49.75
CA LYS F 215 -7.77 -8.23 -49.78
C LYS F 215 -7.66 -9.75 -49.92
N PRO F 216 -8.69 -10.49 -49.54
CA PRO F 216 -8.64 -11.95 -49.70
C PRO F 216 -8.59 -12.38 -51.16
N VAL F 217 -7.50 -13.07 -51.51
CA VAL F 217 -7.36 -13.63 -52.85
C VAL F 217 -8.32 -14.79 -53.02
N GLY F 218 -8.88 -14.93 -54.21
CA GLY F 218 -9.85 -15.98 -54.47
C GLY F 218 -9.20 -17.36 -54.46
N ARG F 219 -9.90 -18.30 -53.84
CA ARG F 219 -9.38 -19.64 -53.65
C ARG F 219 -9.33 -20.47 -54.93
N LYS F 220 -10.04 -20.05 -55.98
CA LYS F 220 -10.00 -20.79 -57.23
C LYS F 220 -8.76 -20.49 -58.05
N HIS F 221 -7.89 -19.60 -57.59
CA HIS F 221 -6.56 -19.44 -58.16
C HIS F 221 -5.49 -19.90 -57.18
N LEU F 222 -5.87 -20.70 -56.20
CA LEU F 222 -4.97 -21.25 -55.20
C LEU F 222 -4.76 -22.73 -55.50
N ALA F 223 -3.50 -23.16 -55.53
CA ALA F 223 -3.20 -24.53 -55.94
C ALA F 223 -1.97 -24.98 -55.18
N VAL F 224 -1.39 -26.09 -55.65
CA VAL F 224 -0.20 -26.67 -55.04
C VAL F 224 0.83 -26.96 -56.14
N TYR F 225 2.06 -26.47 -55.93
CA TYR F 225 3.09 -26.53 -56.95
C TYR F 225 4.29 -27.32 -56.44
N HIS F 226 4.90 -28.04 -57.37
CA HIS F 226 6.15 -28.76 -57.16
C HIS F 226 7.31 -27.78 -57.01
N VAL F 227 8.34 -28.19 -56.29
CA VAL F 227 9.57 -27.42 -56.15
C VAL F 227 10.75 -28.33 -56.44
N GLU F 228 11.60 -27.92 -57.39
CA GLU F 228 12.94 -28.47 -57.54
C GLU F 228 13.95 -27.52 -56.92
N VAL F 229 14.94 -28.07 -56.23
CA VAL F 229 16.12 -27.34 -55.78
C VAL F 229 17.34 -28.13 -56.21
N ILE F 230 17.86 -27.82 -57.39
CA ILE F 230 18.89 -28.67 -58.03
C ILE F 230 20.24 -28.12 -57.59
N GLY F 231 20.63 -28.48 -56.37
CA GLY F 231 21.96 -28.15 -55.89
C GLY F 231 22.59 -29.27 -55.09
N ASN F 232 21.80 -30.33 -54.83
CA ASN F 232 22.21 -31.45 -53.99
C ASN F 232 21.37 -32.65 -54.38
N PRO F 233 21.92 -33.87 -54.30
CA PRO F 233 21.13 -35.07 -54.58
C PRO F 233 20.43 -35.62 -53.33
N GLN F 234 19.62 -34.78 -52.69
CA GLN F 234 18.80 -35.10 -51.55
C GLN F 234 17.33 -35.20 -51.97
N PRO F 235 16.57 -36.15 -51.39
CA PRO F 235 15.20 -36.38 -51.83
C PRO F 235 14.29 -35.20 -51.50
N ILE F 236 13.77 -34.57 -52.54
CA ILE F 236 13.04 -33.31 -52.40
C ILE F 236 11.62 -33.38 -52.98
N PRO F 237 10.73 -34.22 -52.44
CA PRO F 237 9.35 -34.21 -52.96
C PRO F 237 8.52 -33.17 -52.21
N ILE F 238 8.85 -31.91 -52.41
CA ILE F 238 8.35 -30.81 -51.60
C ILE F 238 7.30 -30.05 -52.40
N TRP F 239 6.16 -29.79 -51.78
CA TRP F 239 5.03 -29.16 -52.45
C TRP F 239 4.56 -27.98 -51.64
N VAL F 240 4.25 -26.88 -52.32
CA VAL F 240 3.85 -25.64 -51.65
C VAL F 240 2.50 -25.18 -52.16
N GLU F 241 1.67 -24.69 -51.25
CA GLU F 241 0.46 -23.99 -51.67
C GLU F 241 0.84 -22.64 -52.24
N ALA F 242 0.08 -22.20 -53.24
CA ALA F 242 0.54 -21.06 -54.03
C ALA F 242 -0.64 -20.40 -54.72
N ILE F 243 -0.37 -19.19 -55.21
CA ILE F 243 -1.35 -18.41 -55.94
C ILE F 243 -1.01 -18.48 -57.42
N GLU F 244 -2.02 -18.71 -58.25
CA GLU F 244 -1.82 -18.79 -59.69
C GLU F 244 -1.42 -17.42 -60.24
N PRO F 245 -0.52 -17.38 -61.21
CA PRO F 245 -0.17 -16.10 -61.83
C PRO F 245 -1.30 -15.57 -62.69
N GLY F 246 -1.98 -14.54 -62.19
CA GLY F 246 -3.16 -14.02 -62.85
C GLY F 246 -4.23 -13.57 -61.86
N ALA F 247 -4.10 -14.01 -60.61
CA ALA F 247 -5.02 -13.62 -59.55
C ALA F 247 -4.70 -12.20 -59.12
N ALA F 248 -5.24 -11.24 -59.84
CA ALA F 248 -4.98 -9.83 -59.56
C ALA F 248 -5.71 -9.42 -58.30
N THR F 249 -4.96 -9.15 -57.24
CA THR F 249 -5.53 -8.72 -55.97
C THR F 249 -5.39 -7.21 -55.84
N ASP F 250 -5.95 -6.68 -54.76
CA ASP F 250 -5.82 -5.27 -54.44
C ASP F 250 -4.96 -5.10 -53.20
N VAL F 251 -4.57 -3.85 -52.93
CA VAL F 251 -3.74 -3.54 -51.78
C VAL F 251 -3.94 -2.06 -51.47
N GLU F 252 -3.69 -1.69 -50.22
CA GLU F 252 -3.76 -0.30 -49.77
C GLU F 252 -2.47 0.01 -49.04
N ILE F 253 -1.72 0.98 -49.54
CA ILE F 253 -0.42 1.31 -48.97
C ILE F 253 -0.12 2.78 -49.22
N HIS F 254 0.19 3.52 -48.16
CA HIS F 254 0.41 4.95 -48.32
C HIS F 254 1.45 5.44 -47.33
N VAL F 255 1.62 6.76 -47.31
CA VAL F 255 2.75 7.42 -46.67
C VAL F 255 2.20 8.50 -45.76
N ASP F 256 2.67 8.54 -44.52
CA ASP F 256 2.25 9.57 -43.58
C ASP F 256 3.24 10.72 -43.63
N THR F 257 2.94 11.74 -44.45
CA THR F 257 3.72 12.96 -44.43
C THR F 257 3.49 13.74 -43.14
N GLU F 258 2.37 13.53 -42.46
CA GLU F 258 2.05 14.19 -41.21
C GLU F 258 2.67 13.51 -40.00
N ALA F 259 3.67 12.67 -40.22
CA ALA F 259 4.53 12.18 -39.16
C ALA F 259 5.95 12.71 -39.28
N LEU F 260 6.51 12.65 -40.50
CA LEU F 260 7.83 13.22 -40.74
C LEU F 260 7.78 14.74 -40.72
N ARG F 261 6.68 15.32 -41.18
CA ARG F 261 6.58 16.77 -41.32
C ARG F 261 6.54 17.47 -39.97
N LEU F 262 6.06 16.79 -38.94
CA LEU F 262 6.03 17.38 -37.60
C LEU F 262 7.33 17.12 -36.85
N ASN F 263 7.75 15.86 -36.78
CA ASN F 263 8.74 15.41 -35.81
C ASN F 263 10.10 15.22 -36.46
N ALA F 264 10.46 16.09 -37.39
CA ALA F 264 11.63 16.02 -38.27
C ALA F 264 12.96 16.20 -37.56
N ASP F 265 13.05 16.28 -36.23
CA ASP F 265 14.33 16.41 -35.56
C ASP F 265 14.83 15.08 -34.99
N TYR F 266 13.97 14.35 -34.29
CA TYR F 266 14.38 13.10 -33.66
C TYR F 266 14.59 11.99 -34.67
N PHE F 267 13.93 12.05 -35.82
CA PHE F 267 14.19 11.09 -36.88
C PHE F 267 15.57 11.34 -37.46
N ASN F 268 16.42 10.33 -37.41
CA ASN F 268 17.79 10.44 -37.91
C ASN F 268 18.09 9.18 -38.70
N GLY F 269 19.36 8.97 -39.01
CA GLY F 269 19.78 7.79 -39.74
C GLY F 269 20.12 8.10 -41.19
N LEU F 270 20.70 7.11 -41.85
CA LEU F 270 21.23 7.33 -43.18
C LEU F 270 20.11 7.42 -44.21
N LEU F 271 18.97 6.81 -43.95
CA LEU F 271 17.81 7.01 -44.83
C LEU F 271 17.26 8.42 -44.67
N TRP F 272 17.16 8.89 -43.43
CA TRP F 272 16.68 10.24 -43.16
C TRP F 272 17.64 11.29 -43.72
N GLU F 273 18.95 11.04 -43.58
CA GLU F 273 19.94 11.94 -44.15
C GLU F 273 19.92 11.89 -45.67
N CYS F 274 19.67 10.70 -46.24
CA CYS F 274 19.68 10.53 -47.68
C CYS F 274 18.39 11.06 -48.31
N LEU F 275 17.34 11.25 -47.50
CA LEU F 275 16.10 11.78 -48.00
C LEU F 275 15.84 13.22 -47.58
N LYS F 276 16.63 13.79 -46.67
CA LYS F 276 16.61 15.23 -46.46
C LYS F 276 17.26 15.96 -47.63
N GLU F 277 18.11 15.26 -48.39
CA GLU F 277 18.80 15.85 -49.52
C GLU F 277 17.84 16.27 -50.62
N ARG F 278 16.75 15.53 -50.82
CA ARG F 278 15.81 15.78 -51.90
C ARG F 278 14.71 16.76 -51.51
N GLY F 279 14.92 17.58 -50.49
CA GLY F 279 13.99 18.63 -50.15
C GLY F 279 13.14 18.35 -48.94
N GLU F 280 11.85 18.70 -49.04
CA GLU F 280 10.89 18.33 -48.01
C GLU F 280 10.73 16.81 -47.97
N PRO F 281 10.97 16.17 -46.82
CA PRO F 281 10.85 14.71 -46.75
C PRO F 281 9.42 14.20 -46.89
N GLY F 282 8.41 15.06 -46.82
CA GLY F 282 7.06 14.61 -47.05
C GLY F 282 6.79 14.29 -48.52
N GLU F 283 7.43 15.04 -49.42
CA GLU F 283 7.14 14.86 -50.84
C GLU F 283 7.90 13.68 -51.43
N VAL F 284 9.20 13.57 -51.13
CA VAL F 284 10.07 12.65 -51.86
C VAL F 284 10.15 11.27 -51.24
N PHE F 285 9.50 11.04 -50.11
CA PHE F 285 9.57 9.73 -49.45
C PHE F 285 8.88 8.65 -50.28
N GLU F 286 7.72 8.98 -50.84
CA GLU F 286 6.99 8.02 -51.67
C GLU F 286 7.73 7.72 -52.96
N ASP F 287 8.25 8.75 -53.62
CA ASP F 287 9.03 8.54 -54.82
C ASP F 287 10.33 7.80 -54.53
N PHE F 288 10.89 7.99 -53.34
CA PHE F 288 12.08 7.26 -52.94
C PHE F 288 11.79 5.78 -52.77
N LEU F 289 10.68 5.43 -52.13
CA LEU F 289 10.40 4.01 -51.92
C LEU F 289 10.02 3.33 -53.23
N TRP F 290 9.26 4.04 -54.09
CA TRP F 290 8.91 3.44 -55.38
C TRP F 290 10.13 3.28 -56.29
N GLU F 291 11.02 4.27 -56.30
CA GLU F 291 12.20 4.14 -57.13
C GLU F 291 13.24 3.21 -56.52
N ALA F 292 13.22 3.04 -55.19
CA ALA F 292 14.05 2.03 -54.57
C ALA F 292 13.59 0.63 -54.96
N VAL F 293 12.28 0.45 -55.07
CA VAL F 293 11.71 -0.79 -55.61
C VAL F 293 12.18 -0.98 -57.05
N ASP F 294 12.08 0.07 -57.86
CA ASP F 294 12.44 -0.04 -59.27
C ASP F 294 13.94 -0.31 -59.48
N GLU F 295 14.78 0.18 -58.57
CA GLU F 295 16.20 -0.11 -58.68
C GLU F 295 16.53 -1.51 -58.18
N PHE F 296 15.97 -1.89 -57.03
CA PHE F 296 16.38 -3.15 -56.39
C PHE F 296 15.84 -4.36 -57.14
N TYR F 297 14.60 -4.28 -57.63
CA TYR F 297 14.05 -5.42 -58.34
C TYR F 297 14.43 -5.44 -59.81
N THR F 298 15.33 -4.54 -60.21
CA THR F 298 16.09 -4.66 -61.45
C THR F 298 17.51 -5.17 -61.19
N ALA F 299 18.11 -4.78 -60.07
CA ALA F 299 19.42 -5.32 -59.71
C ALA F 299 19.35 -6.78 -59.32
N VAL F 300 18.21 -7.23 -58.81
CA VAL F 300 18.02 -8.66 -58.57
C VAL F 300 17.98 -9.42 -59.89
N MET F 301 17.37 -8.83 -60.92
CA MET F 301 17.43 -9.39 -62.26
C MET F 301 18.85 -9.37 -62.81
N LYS F 302 19.61 -8.31 -62.50
CA LYS F 302 21.00 -8.20 -62.95
C LYS F 302 21.87 -9.29 -62.33
N TYR F 303 21.63 -9.63 -61.06
CA TYR F 303 22.19 -10.86 -60.51
C TYR F 303 21.67 -12.07 -61.27
N GLU F 304 20.37 -12.07 -61.57
CA GLU F 304 19.68 -13.26 -62.07
C GLU F 304 19.91 -13.50 -63.56
N THR F 305 20.26 -12.47 -64.33
CA THR F 305 20.47 -12.67 -65.76
C THR F 305 21.84 -13.29 -66.05
N ILE F 306 22.74 -13.32 -65.05
CA ILE F 306 23.96 -14.11 -65.15
C ILE F 306 23.90 -15.36 -64.28
N GLU F 307 22.90 -15.46 -63.39
CA GLU F 307 22.69 -16.63 -62.56
C GLU F 307 21.91 -17.73 -63.30
N VAL F 308 21.77 -17.61 -64.62
CA VAL F 308 20.96 -18.54 -65.41
C VAL F 308 21.61 -19.91 -65.49
N GLN F 309 22.91 -19.95 -65.75
CA GLN F 309 23.64 -21.21 -65.67
C GLN F 309 23.73 -21.71 -64.23
N LYS F 310 23.69 -20.80 -63.26
CA LYS F 310 23.70 -21.20 -61.86
C LYS F 310 22.35 -21.71 -61.39
N PHE F 311 21.29 -21.58 -62.20
CA PHE F 311 20.05 -22.27 -61.89
C PHE F 311 20.21 -23.78 -62.00
N GLY F 312 21.07 -24.24 -62.90
CA GLY F 312 21.25 -25.66 -63.10
C GLY F 312 20.50 -26.13 -64.34
N ARG F 313 19.32 -25.57 -64.56
CA ARG F 313 18.55 -25.85 -65.78
C ARG F 313 18.44 -24.56 -66.58
N TYR F 314 19.21 -24.48 -67.66
CA TYR F 314 19.04 -23.40 -68.62
C TYR F 314 17.76 -23.66 -69.40
N THR F 315 16.64 -23.18 -68.89
CA THR F 315 15.34 -23.43 -69.48
C THR F 315 14.80 -22.17 -70.12
N SER F 316 14.02 -22.37 -71.20
CA SER F 316 13.49 -21.25 -71.96
C SER F 316 12.40 -20.49 -71.21
N GLN F 317 11.80 -21.10 -70.18
CA GLN F 317 10.84 -20.37 -69.35
C GLN F 317 11.51 -19.23 -68.61
N VAL F 318 12.74 -19.46 -68.13
CA VAL F 318 13.46 -18.42 -67.41
C VAL F 318 13.85 -17.28 -68.34
N ARG F 319 14.19 -17.61 -69.60
CA ARG F 319 14.54 -16.59 -70.58
C ARG F 319 13.31 -15.79 -71.00
N SER F 320 12.19 -16.46 -71.24
CA SER F 320 10.96 -15.76 -71.61
C SER F 320 10.35 -15.00 -70.43
N PHE F 321 10.73 -15.35 -69.21
CA PHE F 321 10.31 -14.55 -68.06
C PHE F 321 11.21 -13.32 -67.90
N TYR F 322 12.51 -13.47 -68.15
CA TYR F 322 13.41 -12.32 -68.03
C TYR F 322 13.21 -11.35 -69.17
N ALA F 323 12.72 -11.81 -70.32
CA ALA F 323 12.38 -10.92 -71.41
C ALA F 323 11.20 -10.03 -71.06
N SER F 324 10.30 -10.50 -70.20
CA SER F 324 9.14 -9.74 -69.78
C SER F 324 9.33 -9.03 -68.46
N LEU F 325 10.41 -9.33 -67.73
CA LEU F 325 10.62 -8.77 -66.39
C LEU F 325 10.80 -7.26 -66.39
N GLU F 326 11.30 -6.68 -67.47
CA GLU F 326 11.56 -5.25 -67.52
C GLU F 326 10.68 -4.57 -68.58
N ASP F 327 9.41 -4.94 -68.63
CA ASP F 327 8.46 -4.37 -69.58
C ASP F 327 7.12 -4.12 -68.92
N HIS F 328 7.14 -3.56 -67.71
CA HIS F 328 5.95 -3.44 -66.88
C HIS F 328 5.68 -2.00 -66.50
N SER F 329 4.40 -1.70 -66.29
CA SER F 329 3.91 -0.35 -66.05
C SER F 329 3.69 -0.05 -64.57
N GLY F 330 4.27 -0.87 -63.69
CA GLY F 330 4.12 -0.63 -62.27
C GLY F 330 5.42 -0.80 -61.51
N HIS F 331 5.39 -1.62 -60.46
CA HIS F 331 6.55 -1.86 -59.63
C HIS F 331 6.64 -3.34 -59.34
N VAL F 332 7.69 -3.97 -59.80
CA VAL F 332 7.84 -5.41 -59.64
C VAL F 332 8.48 -5.67 -58.28
N LEU F 333 8.09 -6.76 -57.61
CA LEU F 333 8.63 -7.09 -56.30
C LEU F 333 8.90 -8.59 -56.20
N ARG F 334 9.33 -9.03 -55.01
CA ARG F 334 9.73 -10.42 -54.78
C ARG F 334 9.41 -10.78 -53.33
N LEU F 335 8.45 -11.68 -53.13
CA LEU F 335 8.10 -12.17 -51.80
C LEU F 335 8.70 -13.55 -51.58
N GLY F 336 10.01 -13.59 -51.32
CA GLY F 336 10.69 -14.84 -51.01
C GLY F 336 11.36 -15.53 -52.18
N LYS F 381 23.35 -23.65 -52.79
CA LYS F 381 23.13 -23.08 -54.12
C LYS F 381 21.70 -22.57 -54.28
N THR F 382 21.57 -21.38 -54.86
CA THR F 382 20.28 -20.72 -55.02
C THR F 382 19.48 -21.43 -56.10
N ARG F 383 18.53 -22.27 -55.69
CA ARG F 383 17.87 -23.13 -56.67
C ARG F 383 16.36 -23.27 -56.45
N ARG F 384 15.71 -22.38 -55.72
CA ARG F 384 14.28 -22.53 -55.45
C ARG F 384 13.49 -22.17 -56.70
N LEU F 385 12.84 -23.17 -57.30
CA LEU F 385 12.10 -22.97 -58.54
C LEU F 385 10.79 -23.74 -58.46
N ALA F 386 9.76 -23.18 -59.09
CA ALA F 386 8.45 -23.83 -59.20
C ALA F 386 8.22 -24.15 -60.67
N ASP F 387 8.37 -25.44 -61.03
CA ASP F 387 8.30 -25.94 -62.40
C ASP F 387 9.31 -25.24 -63.31
N GLY F 388 10.44 -24.82 -62.73
CA GLY F 388 11.40 -23.98 -63.41
C GLY F 388 11.14 -22.49 -63.27
N MET F 389 9.89 -22.08 -63.00
CA MET F 389 9.60 -20.67 -62.87
C MET F 389 10.06 -20.17 -61.49
N PRO F 390 10.42 -18.89 -61.39
CA PRO F 390 10.82 -18.34 -60.09
C PRO F 390 9.64 -18.16 -59.16
N MET F 391 9.96 -17.94 -57.88
CA MET F 391 8.99 -17.93 -56.81
C MET F 391 8.78 -16.52 -56.28
N GLY F 392 7.56 -16.01 -56.41
CA GLY F 392 7.14 -14.86 -55.63
C GLY F 392 7.23 -13.51 -56.30
N TRP F 393 7.18 -13.45 -57.62
CA TRP F 393 7.36 -12.18 -58.32
C TRP F 393 6.00 -11.60 -58.72
N VAL F 394 5.72 -10.42 -58.20
CA VAL F 394 4.45 -9.74 -58.43
C VAL F 394 4.74 -8.32 -58.87
N VAL F 395 3.81 -7.74 -59.64
CA VAL F 395 3.94 -6.36 -60.09
C VAL F 395 2.78 -5.58 -59.50
N LEU F 396 3.05 -4.30 -59.21
CA LEU F 396 2.11 -3.47 -58.47
C LEU F 396 1.65 -2.28 -59.29
PG ATP H . 6.99 -5.74 27.67
O1G ATP H . 7.11 -4.41 26.99
O2G ATP H . 7.86 -6.83 27.09
O3G ATP H . 5.57 -6.21 27.92
PB ATP H . 9.11 -5.18 29.37
O1B ATP H . 9.80 -4.96 28.06
O2B ATP H . 9.64 -6.17 30.38
O3B ATP H . 7.55 -5.46 29.13
PA ATP H . 8.24 -2.58 29.51
O1A ATP H . 8.74 -2.28 28.12
O2A ATP H . 6.76 -2.77 29.74
O3A ATP H . 9.01 -3.80 30.16
O5' ATP H . 8.73 -1.43 30.50
C5' ATP H . 7.87 -0.94 31.52
C4' ATP H . 8.74 -0.73 32.75
O4' ATP H . 10.11 -0.67 32.36
C3' ATP H . 8.41 0.58 33.45
O3' ATP H . 7.87 0.29 34.73
C2' ATP H . 9.74 1.27 33.61
O2' ATP H . 9.96 1.57 34.99
C1' ATP H . 10.79 0.27 33.18
N9 ATP H . 11.86 0.98 32.45
C8 ATP H . 11.87 1.24 31.14
N7 ATP H . 12.99 1.91 30.78
C5 ATP H . 13.72 2.08 31.88
C6 ATP H . 15.01 2.71 32.21
N6 ATP H . 15.75 3.29 31.25
N1 ATP H . 15.41 2.69 33.49
C2 ATP H . 14.68 2.12 34.45
N3 ATP H . 13.50 1.53 34.21
C4 ATP H . 12.97 1.48 32.98
#